data_7UQC
#
_entry.id   7UQC
#
_cell.length_a   195.027
_cell.length_b   99.514
_cell.length_c   136.414
_cell.angle_alpha   90.000
_cell.angle_beta   112.811
_cell.angle_gamma   90.000
#
_symmetry.space_group_name_H-M   'C 1 2 1'
#
loop_
_entity.id
_entity.type
_entity.pdbx_description
1 polymer 'Fab MS39p2w174 Light Chain'
2 polymer 'Fab MS39p2w174 Heavy Chain'
3 polymer 'Hepatocyte cell adhesion molecule'
4 non-polymer 'SULFATE ION'
5 non-polymer 'CHLORIDE ION'
6 water water
#
loop_
_entity_poly.entity_id
_entity_poly.type
_entity_poly.pdbx_seq_one_letter_code
_entity_poly.pdbx_strand_id
1 'polypeptide(L)'
;DVVLTQSPLSLPVILGQPASISCRSSQSLVYSDGRTYLNWFQQRPGQSPRRLIYKISKRDSGVPERFSGSGSGTDFTLEI
SRVEAEDVGIYYCMQGSHWPVTFGQGTKVEIKRTVAAPSVFIFPPSDEQLKSGTASVVCLLNNFYPREAKVQWKVDNALQ
SGNSQESVTEQDSKDSTYSLSSTLTLSKADYEKHKVYACEVTHQGLSSPVTKSFNRGEC
;
A,G,I,D
2 'polypeptide(L)'
;QVQLVESGGGLVKPGGSLRLSCVSSGFTFSNYWMSWVRQAPGGGLEWVANINQDGSEKYYVDSVKGRFTSSRDNTKNSLF
LQLNSLRAEDTGIYYCTRDPPYFDNWGQGTLVTVSSASTKGPSVFPLAPSSKSTSGGTAALGCLVKDYFPEPVTVSWNSG
ALTSGVHTFPAVLQSSGLYSLSSVVTVPSSSLGTQTYICNVNHKPSNTKVDKKVEPKSC
;
B,H,J,E
3 'polypeptide(L)' ATGRTH(SEP)(SEP)PPRAPSSPGRSR C,F
#
loop_
_chem_comp.id
_chem_comp.type
_chem_comp.name
_chem_comp.formula
CL non-polymer 'CHLORIDE ION' 'Cl -1'
SO4 non-polymer 'SULFATE ION' 'O4 S -2'
#
# COMPACT_ATOMS: atom_id res chain seq x y z
N ASP A 1 -48.67 -7.76 -19.68
CA ASP A 1 -48.74 -7.23 -18.33
C ASP A 1 -48.34 -5.77 -18.31
N VAL A 2 -48.69 -5.06 -17.24
CA VAL A 2 -48.08 -3.75 -17.01
C VAL A 2 -46.61 -3.95 -16.71
N VAL A 3 -45.76 -3.08 -17.25
CA VAL A 3 -44.35 -3.04 -16.89
C VAL A 3 -44.12 -1.80 -16.05
N LEU A 4 -43.63 -2.00 -14.84
CA LEU A 4 -43.23 -0.92 -13.93
C LEU A 4 -41.71 -0.77 -14.02
N THR A 5 -41.25 0.43 -14.37
CA THR A 5 -39.81 0.67 -14.51
C THR A 5 -39.36 1.57 -13.37
N GLN A 6 -38.38 1.08 -12.61
CA GLN A 6 -37.88 1.81 -11.46
C GLN A 6 -36.57 2.48 -11.85
N SER A 7 -36.33 3.64 -11.27
CA SER A 7 -35.08 4.34 -11.49
C SER A 7 -34.84 5.29 -10.33
N PRO A 8 -33.58 5.48 -9.90
CA PRO A 8 -32.43 4.77 -10.46
C PRO A 8 -32.41 3.33 -9.96
N LEU A 9 -31.68 2.40 -10.59
CA LEU A 9 -31.71 1.04 -10.08
C LEU A 9 -30.86 0.86 -8.84
N SER A 10 -29.88 1.72 -8.65
CA SER A 10 -29.09 1.72 -7.44
C SER A 10 -28.94 3.18 -7.05
N LEU A 11 -29.28 3.49 -5.80
CA LEU A 11 -29.40 4.87 -5.32
C LEU A 11 -28.50 5.06 -4.11
N PRO A 12 -27.26 5.53 -4.32
CA PRO A 12 -26.40 5.89 -3.18
C PRO A 12 -26.80 7.25 -2.62
N VAL A 13 -26.81 7.37 -1.28
CA VAL A 13 -27.34 8.54 -0.59
C VAL A 13 -26.46 8.85 0.61
N ILE A 14 -26.08 10.13 0.80
CA ILE A 14 -25.45 10.50 2.07
C ILE A 14 -26.49 10.38 3.17
N LEU A 15 -26.09 9.83 4.32
CA LEU A 15 -26.97 9.80 5.48
C LEU A 15 -27.53 11.19 5.75
N GLY A 16 -28.82 11.25 6.12
CA GLY A 16 -29.51 12.51 6.36
C GLY A 16 -30.04 13.22 5.13
N GLN A 17 -29.79 12.71 3.92
CA GLN A 17 -30.23 13.45 2.75
C GLN A 17 -31.57 12.95 2.22
N PRO A 18 -32.27 13.78 1.46
CA PRO A 18 -33.39 13.30 0.64
C PRO A 18 -32.97 12.15 -0.30
N ALA A 19 -33.94 11.29 -0.61
CA ALA A 19 -33.77 10.25 -1.63
C ALA A 19 -35.12 9.94 -2.26
N SER A 20 -35.11 9.74 -3.58
CA SER A 20 -36.33 9.66 -4.38
C SER A 20 -36.28 8.47 -5.33
N ILE A 21 -37.29 7.62 -5.31
CA ILE A 21 -37.38 6.47 -6.22
C ILE A 21 -38.53 6.70 -7.20
N SER A 22 -38.25 6.51 -8.49
CA SER A 22 -39.32 6.61 -9.48
C SER A 22 -39.80 5.26 -9.93
N CYS A 23 -41.07 5.25 -10.33
CA CYS A 23 -41.79 4.08 -10.81
C CYS A 23 -42.58 4.61 -12.00
N ARG A 24 -42.15 4.28 -13.22
CA ARG A 24 -42.87 4.65 -14.43
C ARG A 24 -43.59 3.44 -15.00
N SER A 25 -44.91 3.50 -15.02
CA SER A 25 -45.75 2.45 -15.53
C SER A 25 -45.90 2.56 -17.03
N SER A 26 -45.96 1.42 -17.69
CA SER A 26 -46.20 1.40 -19.13
C SER A 26 -47.69 1.59 -19.49
N GLN A 27 -48.51 2.00 -18.51
CA GLN A 27 -49.96 2.03 -18.59
C GLN A 27 -50.48 2.88 -17.43
N SER A 28 -51.63 3.49 -17.64
CA SER A 28 -52.27 4.14 -16.51
C SER A 28 -52.64 3.07 -15.48
N LEU A 29 -52.76 3.48 -14.23
CA LEU A 29 -53.06 2.48 -13.21
C LEU A 29 -54.39 2.72 -12.48
N VAL A 30 -55.46 3.00 -13.20
CA VAL A 30 -56.76 3.23 -12.58
C VAL A 30 -57.67 2.07 -12.97
N TYR A 31 -58.08 1.28 -11.99
CA TYR A 31 -58.96 0.15 -12.27
C TYR A 31 -60.37 0.65 -12.59
N SER A 32 -61.17 -0.25 -13.17
CA SER A 32 -62.53 0.13 -13.57
C SER A 32 -63.35 0.73 -12.43
N ASP A 33 -63.01 0.44 -11.17
CA ASP A 33 -63.74 1.08 -10.08
C ASP A 33 -63.22 2.46 -9.74
N GLY A 34 -62.22 2.96 -10.48
CA GLY A 34 -61.73 4.29 -10.24
C GLY A 34 -60.55 4.41 -9.29
N ARG A 35 -60.05 3.31 -8.73
CA ARG A 35 -59.02 3.37 -7.71
C ARG A 35 -57.66 2.93 -8.27
N THR A 36 -56.59 3.47 -7.68
CA THR A 36 -55.23 3.11 -8.09
C THR A 36 -54.61 2.25 -6.99
N TYR A 37 -54.33 0.98 -7.31
CA TYR A 37 -53.84 0.01 -6.34
C TYR A 37 -52.33 -0.12 -6.52
N LEU A 38 -51.58 0.87 -6.03
CA LEU A 38 -50.13 0.88 -6.17
C LEU A 38 -49.47 0.85 -4.79
N ASN A 39 -48.49 -0.03 -4.63
CA ASN A 39 -47.89 -0.27 -3.32
C ASN A 39 -46.38 -0.08 -3.40
N TRP A 40 -45.78 0.28 -2.28
CA TRP A 40 -44.32 0.23 -2.19
C TRP A 40 -43.92 -0.76 -1.11
N PHE A 41 -42.90 -1.56 -1.42
CA PHE A 41 -42.32 -2.48 -0.45
C PHE A 41 -40.85 -2.20 -0.22
N GLN A 42 -40.44 -2.42 1.01
CA GLN A 42 -39.04 -2.44 1.41
C GLN A 42 -38.67 -3.87 1.78
N GLN A 43 -37.49 -4.32 1.37
CA GLN A 43 -37.02 -5.65 1.71
C GLN A 43 -35.58 -5.60 2.20
N ARG A 44 -35.39 -6.02 3.34
CA ARG A 44 -34.11 -6.13 4.00
C ARG A 44 -33.56 -7.54 3.82
N PRO A 45 -32.23 -7.68 3.80
CA PRO A 45 -31.60 -8.99 3.52
C PRO A 45 -32.17 -10.15 4.34
N GLY A 46 -32.47 -11.24 3.66
CA GLY A 46 -33.03 -12.42 4.29
C GLY A 46 -34.34 -12.19 5.01
N GLN A 47 -35.16 -11.27 4.54
CA GLN A 47 -36.41 -10.93 5.22
C GLN A 47 -37.53 -10.86 4.20
N SER A 48 -38.76 -10.99 4.69
CA SER A 48 -39.86 -10.87 3.75
C SER A 48 -40.19 -9.40 3.51
N PRO A 49 -40.75 -9.07 2.33
CA PRO A 49 -41.10 -7.68 2.03
C PRO A 49 -41.98 -7.07 3.12
N ARG A 50 -41.70 -5.82 3.45
CA ARG A 50 -42.51 -5.02 4.37
C ARG A 50 -43.23 -3.92 3.59
N ARG A 51 -44.55 -3.87 3.73
CA ARG A 51 -45.33 -2.87 2.99
C ARG A 51 -45.11 -1.50 3.61
N LEU A 52 -44.69 -0.55 2.80
CA LEU A 52 -44.52 0.81 3.30
C LEU A 52 -45.71 1.68 2.95
N ILE A 53 -46.08 1.72 1.67
CA ILE A 53 -47.09 2.62 1.14
C ILE A 53 -48.12 1.81 0.34
N TYR A 54 -49.39 2.16 0.48
CA TYR A 54 -50.44 1.56 -0.32
C TYR A 54 -51.37 2.65 -0.84
N LYS A 55 -52.02 2.36 -1.96
CA LYS A 55 -52.86 3.30 -2.70
C LYS A 55 -52.16 4.63 -2.91
N ILE A 56 -50.98 4.54 -3.55
CA ILE A 56 -50.15 5.67 -3.96
C ILE A 56 -49.52 6.42 -2.79
N SER A 57 -50.32 6.77 -1.79
CA SER A 57 -49.85 7.69 -0.78
C SER A 57 -50.22 7.36 0.67
N LYS A 58 -50.87 6.24 0.95
CA LYS A 58 -51.24 5.92 2.32
C LYS A 58 -50.13 5.08 2.97
N ARG A 59 -49.72 5.47 4.17
CA ARG A 59 -48.58 4.89 4.87
C ARG A 59 -49.03 3.81 5.84
N ASP A 60 -48.35 2.64 5.87
CA ASP A 60 -48.97 1.65 6.80
C ASP A 60 -48.66 2.06 8.23
N SER A 61 -49.24 1.32 9.16
CA SER A 61 -49.17 1.69 10.58
C SER A 61 -47.73 1.72 11.09
N GLY A 62 -46.91 0.74 10.71
CA GLY A 62 -45.58 0.72 11.32
C GLY A 62 -44.67 1.84 10.85
N VAL A 63 -45.00 2.50 9.74
CA VAL A 63 -43.95 3.03 8.87
C VAL A 63 -43.61 4.45 9.32
N PRO A 64 -42.33 4.77 9.49
CA PRO A 64 -41.95 6.12 9.90
C PRO A 64 -42.45 7.15 8.89
N GLU A 65 -42.60 8.40 9.34
CA GLU A 65 -43.12 9.44 8.47
C GLU A 65 -42.14 9.95 7.43
N ARG A 66 -40.84 9.64 7.53
CA ARG A 66 -39.90 10.02 6.48
C ARG A 66 -40.20 9.33 5.14
N PHE A 67 -41.07 8.32 5.13
CA PHE A 67 -41.50 7.66 3.90
C PHE A 67 -42.81 8.26 3.41
N SER A 68 -42.88 8.56 2.11
CA SER A 68 -44.11 9.09 1.53
C SER A 68 -44.24 8.68 0.07
N GLY A 69 -45.47 8.43 -0.36
CA GLY A 69 -45.76 8.08 -1.75
C GLY A 69 -46.51 9.19 -2.45
N SER A 70 -46.33 9.31 -3.76
CA SER A 70 -47.06 10.31 -4.50
C SER A 70 -47.07 9.93 -5.98
N GLY A 71 -47.90 10.62 -6.75
CA GLY A 71 -47.89 10.50 -8.19
C GLY A 71 -49.25 10.16 -8.76
N SER A 72 -49.31 10.18 -10.09
CA SER A 72 -50.55 9.86 -10.80
C SER A 72 -50.19 9.47 -12.23
N GLY A 73 -51.20 9.01 -12.96
CA GLY A 73 -51.04 8.73 -14.37
C GLY A 73 -50.09 7.56 -14.53
N THR A 74 -48.88 7.82 -15.02
CA THR A 74 -47.95 6.73 -15.19
C THR A 74 -46.64 6.92 -14.43
N ASP A 75 -46.46 8.03 -13.72
CA ASP A 75 -45.28 8.21 -12.88
C ASP A 75 -45.69 8.23 -11.42
N PHE A 76 -45.00 7.42 -10.62
CA PHE A 76 -45.17 7.40 -9.18
C PHE A 76 -43.80 7.44 -8.52
N THR A 77 -43.79 7.91 -7.27
CA THR A 77 -42.56 8.28 -6.61
C THR A 77 -42.62 7.91 -5.15
N LEU A 78 -41.55 7.27 -4.67
CA LEU A 78 -41.35 7.02 -3.25
C LEU A 78 -40.20 7.95 -2.83
N GLU A 79 -40.30 8.43 -1.63
CA GLU A 79 -39.59 9.61 -1.23
C GLU A 79 -39.28 9.53 0.25
N ILE A 80 -37.99 9.46 0.56
CA ILE A 80 -37.44 9.33 1.92
C ILE A 80 -36.80 10.68 2.19
N SER A 81 -37.50 11.50 2.98
CA SER A 81 -37.09 12.89 3.16
C SER A 81 -35.71 12.94 3.80
N ARG A 82 -35.49 12.04 4.78
CA ARG A 82 -34.29 12.08 5.59
C ARG A 82 -33.77 10.64 5.68
N VAL A 83 -32.73 10.29 4.92
CA VAL A 83 -32.38 8.86 4.90
C VAL A 83 -31.60 8.48 6.16
N GLU A 84 -31.97 7.34 6.75
CA GLU A 84 -31.25 6.75 7.87
C GLU A 84 -30.58 5.43 7.47
N ALA A 85 -29.68 4.95 8.36
CA ALA A 85 -28.89 3.77 8.03
C ALA A 85 -29.77 2.55 7.91
N GLU A 86 -30.89 2.51 8.66
CA GLU A 86 -31.74 1.32 8.66
C GLU A 86 -32.43 1.18 7.32
N ASP A 87 -32.45 2.24 6.54
CA ASP A 87 -33.18 2.30 5.29
C ASP A 87 -32.40 1.71 4.11
N VAL A 88 -31.24 1.10 4.35
CA VAL A 88 -30.58 0.37 3.26
C VAL A 88 -31.38 -0.88 2.99
N GLY A 89 -31.33 -1.34 1.75
CA GLY A 89 -32.16 -2.44 1.32
C GLY A 89 -32.73 -2.17 -0.04
N ILE A 90 -33.66 -3.03 -0.44
CA ILE A 90 -34.26 -3.01 -1.77
C ILE A 90 -35.72 -2.60 -1.65
N TYR A 91 -36.12 -1.65 -2.48
CA TYR A 91 -37.48 -1.14 -2.50
C TYR A 91 -38.17 -1.52 -3.81
N TYR A 92 -39.41 -2.00 -3.72
CA TYR A 92 -40.18 -2.43 -4.88
C TYR A 92 -41.47 -1.64 -4.98
N CYS A 93 -41.81 -1.18 -6.17
CA CYS A 93 -43.19 -0.79 -6.42
C CYS A 93 -43.91 -1.98 -7.05
N MET A 94 -45.25 -1.87 -7.09
CA MET A 94 -46.16 -3.01 -7.20
C MET A 94 -47.50 -2.43 -7.64
N GLN A 95 -48.03 -2.81 -8.80
CA GLN A 95 -49.33 -2.32 -9.24
C GLN A 95 -50.37 -3.44 -9.21
N GLY A 96 -51.58 -3.08 -8.81
CA GLY A 96 -52.64 -4.08 -8.67
C GLY A 96 -53.89 -3.72 -9.42
N SER A 97 -53.82 -2.63 -10.18
CA SER A 97 -54.99 -2.13 -10.92
C SER A 97 -55.31 -2.94 -12.17
N HIS A 98 -54.33 -3.64 -12.74
CA HIS A 98 -54.61 -4.36 -13.96
C HIS A 98 -54.01 -5.75 -13.86
N TRP A 99 -54.82 -6.75 -14.19
CA TRP A 99 -54.40 -8.14 -14.07
C TRP A 99 -53.29 -8.50 -15.06
N PRO A 100 -52.23 -9.19 -14.61
CA PRO A 100 -52.12 -9.60 -13.21
C PRO A 100 -51.15 -8.70 -12.46
N VAL A 101 -51.12 -8.86 -11.14
CA VAL A 101 -50.24 -8.07 -10.29
C VAL A 101 -48.81 -8.07 -10.83
N THR A 102 -48.19 -6.89 -10.96
CA THR A 102 -46.80 -6.84 -11.36
C THR A 102 -45.99 -5.96 -10.43
N PHE A 103 -44.73 -6.38 -10.24
CA PHE A 103 -43.76 -5.66 -9.43
C PHE A 103 -42.77 -4.93 -10.32
N GLY A 104 -42.19 -3.85 -9.79
CA GLY A 104 -40.99 -3.30 -10.37
C GLY A 104 -39.79 -4.20 -10.09
N GLN A 105 -38.69 -3.90 -10.78
CA GLN A 105 -37.49 -4.72 -10.63
C GLN A 105 -36.69 -4.38 -9.38
N GLY A 106 -37.08 -3.37 -8.63
CA GLY A 106 -36.43 -3.11 -7.34
C GLY A 106 -35.27 -2.14 -7.42
N THR A 107 -35.24 -1.19 -6.48
CA THR A 107 -34.16 -0.22 -6.36
C THR A 107 -33.45 -0.44 -5.04
N LYS A 108 -32.12 -0.58 -5.09
CA LYS A 108 -31.31 -0.73 -3.89
C LYS A 108 -30.81 0.62 -3.40
N VAL A 109 -31.06 0.92 -2.14
CA VAL A 109 -30.66 2.18 -1.52
C VAL A 109 -29.40 1.88 -0.70
N GLU A 110 -28.28 2.59 -0.98
CA GLU A 110 -27.04 2.26 -0.32
C GLU A 110 -26.61 3.55 0.38
N ILE A 111 -25.93 3.45 1.52
CA ILE A 111 -25.45 4.67 2.19
C ILE A 111 -24.09 5.09 1.65
N LYS A 112 -23.95 6.38 1.29
CA LYS A 112 -22.63 6.99 1.07
C LYS A 112 -22.07 7.47 2.41
N ARG A 113 -20.93 6.94 2.82
CA ARG A 113 -20.30 7.30 4.08
C ARG A 113 -18.81 7.52 3.84
N THR A 114 -18.10 7.89 4.92
CA THR A 114 -16.67 8.15 4.81
C THR A 114 -15.93 6.85 4.49
N VAL A 115 -14.78 6.98 3.82
CA VAL A 115 -13.96 5.80 3.54
C VAL A 115 -13.46 5.20 4.84
N ALA A 116 -13.70 3.89 5.01
CA ALA A 116 -13.19 3.11 6.12
C ALA A 116 -12.36 1.96 5.57
N ALA A 117 -11.29 1.61 6.30
CA ALA A 117 -10.30 0.63 5.85
C ALA A 117 -10.62 -0.76 6.37
N PRO A 118 -10.37 -1.75 5.50
CA PRO A 118 -10.57 -3.17 5.90
C PRO A 118 -9.54 -3.61 6.92
N SER A 119 -10.04 -4.20 8.01
CA SER A 119 -9.20 -4.99 8.91
C SER A 119 -9.03 -6.36 8.30
N VAL A 120 -7.79 -6.74 7.99
CA VAL A 120 -7.55 -8.05 7.36
C VAL A 120 -7.16 -9.10 8.41
N PHE A 121 -7.74 -10.27 8.28
CA PHE A 121 -7.32 -11.43 9.05
C PHE A 121 -7.11 -12.58 8.10
N ILE A 122 -6.19 -13.48 8.46
CA ILE A 122 -6.03 -14.70 7.68
C ILE A 122 -6.13 -15.87 8.65
N PHE A 123 -6.68 -16.98 8.15
CA PHE A 123 -6.86 -18.18 8.96
C PHE A 123 -6.29 -19.37 8.20
N PRO A 124 -5.44 -20.18 8.82
CA PRO A 124 -4.92 -21.36 8.14
C PRO A 124 -5.99 -22.43 8.04
N PRO A 125 -5.81 -23.42 7.17
CA PRO A 125 -6.65 -24.63 7.27
C PRO A 125 -6.66 -25.13 8.70
N SER A 126 -7.84 -25.55 9.16
CA SER A 126 -7.92 -26.28 10.40
C SER A 126 -7.23 -27.63 10.24
N ASP A 127 -6.72 -28.16 11.33
CA ASP A 127 -6.11 -29.48 11.23
C ASP A 127 -7.17 -30.56 11.08
N GLU A 128 -8.40 -30.30 11.53
CA GLU A 128 -9.50 -31.24 11.31
C GLU A 128 -9.82 -31.38 9.82
N GLN A 129 -9.71 -30.30 9.06
CA GLN A 129 -10.04 -30.38 7.63
C GLN A 129 -8.94 -31.05 6.82
N LEU A 130 -7.70 -30.92 7.26
CA LEU A 130 -6.59 -31.55 6.55
C LEU A 130 -6.70 -33.06 6.65
N LYS A 131 -7.31 -33.54 7.73
CA LYS A 131 -7.46 -34.96 7.91
C LYS A 131 -8.39 -35.59 6.86
N SER A 132 -9.21 -34.79 6.17
CA SER A 132 -10.12 -35.23 5.11
C SER A 132 -9.54 -35.10 3.70
N GLY A 133 -8.69 -34.11 3.44
CA GLY A 133 -8.02 -34.08 2.15
C GLY A 133 -8.13 -32.78 1.40
N THR A 134 -8.56 -31.71 2.08
CA THR A 134 -8.73 -30.44 1.42
C THR A 134 -8.26 -29.33 2.35
N ALA A 135 -7.75 -28.24 1.78
CA ALA A 135 -7.28 -27.11 2.59
C ALA A 135 -7.98 -25.83 2.15
N SER A 136 -8.79 -25.26 3.04
CA SER A 136 -9.40 -23.95 2.83
C SER A 136 -8.61 -22.93 3.62
N VAL A 137 -8.04 -21.94 2.91
CA VAL A 137 -7.38 -20.80 3.52
C VAL A 137 -8.34 -19.62 3.39
N VAL A 138 -8.75 -19.06 4.53
CA VAL A 138 -9.81 -18.06 4.57
C VAL A 138 -9.20 -16.70 4.90
N CYS A 139 -9.53 -15.68 4.09
CA CYS A 139 -9.02 -14.33 4.26
C CYS A 139 -10.20 -13.37 4.45
N LEU A 140 -10.19 -12.64 5.57
CA LEU A 140 -11.33 -11.88 6.03
C LEU A 140 -11.04 -10.38 5.99
N LEU A 141 -11.93 -9.62 5.36
CA LEU A 141 -11.89 -8.16 5.27
C LEU A 141 -13.12 -7.67 6.03
N ASN A 142 -12.90 -7.02 7.18
CA ASN A 142 -13.97 -6.58 8.07
C ASN A 142 -14.18 -5.05 8.01
N ASN A 143 -15.46 -4.65 7.89
CA ASN A 143 -15.93 -3.30 8.24
C ASN A 143 -15.26 -2.19 7.42
N PHE A 144 -15.38 -2.29 6.10
CA PHE A 144 -14.74 -1.35 5.19
C PHE A 144 -15.77 -0.64 4.32
N TYR A 145 -15.33 0.48 3.72
CA TYR A 145 -16.16 1.25 2.80
C TYR A 145 -15.27 2.07 1.89
N PRO A 146 -15.54 2.12 0.56
CA PRO A 146 -16.65 1.55 -0.19
C PRO A 146 -16.49 0.05 -0.41
N ARG A 147 -17.40 -0.51 -1.22
CA ARG A 147 -17.49 -1.96 -1.36
C ARG A 147 -16.34 -2.55 -2.19
N GLU A 148 -15.82 -1.82 -3.18
CA GLU A 148 -14.84 -2.39 -4.09
C GLU A 148 -13.54 -2.68 -3.35
N ALA A 149 -12.98 -3.87 -3.57
CA ALA A 149 -11.77 -4.31 -2.87
C ALA A 149 -11.18 -5.48 -3.63
N LYS A 150 -9.86 -5.52 -3.75
CA LYS A 150 -9.20 -6.60 -4.45
C LYS A 150 -8.46 -7.46 -3.44
N VAL A 151 -8.74 -8.76 -3.45
CA VAL A 151 -7.96 -9.74 -2.72
C VAL A 151 -7.19 -10.57 -3.72
N GLN A 152 -5.88 -10.60 -3.58
CA GLN A 152 -5.02 -11.48 -4.36
C GLN A 152 -4.47 -12.52 -3.41
N TRP A 153 -4.31 -13.75 -3.89
CA TRP A 153 -3.69 -14.79 -3.10
C TRP A 153 -2.28 -15.10 -3.63
N LYS A 154 -1.36 -15.37 -2.71
CA LYS A 154 -0.01 -15.80 -3.05
C LYS A 154 0.37 -17.02 -2.23
N VAL A 155 0.89 -18.03 -2.91
CA VAL A 155 1.45 -19.22 -2.27
C VAL A 155 2.93 -19.28 -2.65
N ASP A 156 3.81 -19.28 -1.64
CA ASP A 156 5.26 -19.16 -1.81
C ASP A 156 5.56 -18.06 -2.83
N ASN A 157 4.84 -16.96 -2.67
CA ASN A 157 4.94 -15.71 -3.42
C ASN A 157 4.56 -15.85 -4.90
N ALA A 158 3.94 -16.96 -5.29
CA ALA A 158 3.40 -17.06 -6.65
C ALA A 158 1.93 -16.65 -6.63
N LEU A 159 1.56 -15.71 -7.51
CA LEU A 159 0.18 -15.25 -7.58
C LEU A 159 -0.75 -16.38 -8.01
N GLN A 160 -1.94 -16.40 -7.42
CA GLN A 160 -2.94 -17.44 -7.64
C GLN A 160 -4.12 -16.89 -8.41
N SER A 161 -4.75 -17.74 -9.20
CA SER A 161 -5.97 -17.37 -9.89
C SER A 161 -6.79 -18.61 -10.20
N GLY A 162 -8.11 -18.46 -10.14
CA GLY A 162 -9.01 -19.54 -10.47
C GLY A 162 -9.27 -20.53 -9.36
N ASN A 163 -8.77 -20.28 -8.14
CA ASN A 163 -9.02 -21.20 -7.02
C ASN A 163 -9.40 -20.47 -5.75
N SER A 164 -10.03 -19.30 -5.86
CA SER A 164 -10.54 -18.57 -4.71
C SER A 164 -11.92 -17.99 -5.05
N GLN A 165 -12.88 -18.15 -4.14
CA GLN A 165 -14.19 -17.54 -4.28
C GLN A 165 -14.38 -16.48 -3.20
N GLU A 166 -14.98 -15.36 -3.59
CA GLU A 166 -15.29 -14.28 -2.67
C GLU A 166 -16.73 -14.36 -2.19
N SER A 167 -17.00 -13.75 -1.05
CA SER A 167 -18.35 -13.56 -0.58
C SER A 167 -18.39 -12.25 0.18
N VAL A 168 -19.38 -11.41 -0.12
CA VAL A 168 -19.49 -10.07 0.44
C VAL A 168 -20.86 -9.90 1.07
N THR A 169 -20.90 -9.38 2.30
CA THR A 169 -22.15 -9.12 2.99
C THR A 169 -22.83 -7.87 2.43
N GLU A 170 -24.10 -7.71 2.81
CA GLU A 170 -24.87 -6.53 2.49
C GLU A 170 -24.43 -5.34 3.37
N GLN A 171 -24.86 -4.14 2.99
CA GLN A 171 -24.41 -2.98 3.75
C GLN A 171 -25.00 -3.01 5.14
N ASP A 172 -24.13 -2.85 6.14
CA ASP A 172 -24.53 -2.98 7.53
C ASP A 172 -25.59 -1.96 7.88
N SER A 173 -26.62 -2.40 8.60
CA SER A 173 -27.75 -1.52 8.93
C SER A 173 -27.38 -0.46 9.96
N LYS A 174 -26.23 -0.60 10.62
CA LYS A 174 -25.83 0.35 11.66
C LYS A 174 -24.68 1.26 11.21
N ASP A 175 -23.53 0.71 10.88
CA ASP A 175 -22.38 1.53 10.54
C ASP A 175 -22.16 1.70 9.04
N SER A 176 -22.99 1.06 8.21
CA SER A 176 -22.98 1.23 6.76
C SER A 176 -21.73 0.66 6.08
N THR A 177 -21.08 -0.35 6.65
CA THR A 177 -19.88 -0.91 6.04
C THR A 177 -20.14 -2.31 5.50
N TYR A 178 -19.21 -2.76 4.68
CA TYR A 178 -19.25 -4.09 4.11
C TYR A 178 -18.28 -5.00 4.85
N SER A 179 -18.37 -6.30 4.57
CA SER A 179 -17.33 -7.26 4.94
C SER A 179 -17.23 -8.31 3.84
N LEU A 180 -16.03 -8.81 3.64
CA LEU A 180 -15.78 -9.74 2.56
C LEU A 180 -14.89 -10.86 3.07
N SER A 181 -15.20 -12.08 2.68
CA SER A 181 -14.30 -13.20 2.90
C SER A 181 -13.80 -13.71 1.55
N SER A 182 -12.55 -14.16 1.51
CA SER A 182 -12.02 -14.87 0.36
C SER A 182 -11.51 -16.21 0.86
N THR A 183 -11.93 -17.28 0.19
CA THR A 183 -11.49 -18.63 0.53
C THR A 183 -10.67 -19.18 -0.61
N LEU A 184 -9.48 -19.67 -0.27
CA LEU A 184 -8.57 -20.31 -1.22
C LEU A 184 -8.68 -21.81 -0.99
N THR A 185 -8.95 -22.56 -2.06
CA THR A 185 -9.14 -24.00 -1.95
C THR A 185 -8.06 -24.72 -2.72
N LEU A 186 -7.45 -25.72 -2.07
CA LEU A 186 -6.31 -26.48 -2.53
C LEU A 186 -6.52 -27.91 -2.08
N SER A 187 -5.81 -28.84 -2.74
CA SER A 187 -5.79 -30.18 -2.17
C SER A 187 -4.85 -30.23 -0.96
N LYS A 188 -5.06 -31.24 -0.11
CA LYS A 188 -4.11 -31.51 0.97
C LYS A 188 -2.68 -31.54 0.43
N ALA A 189 -2.47 -32.26 -0.67
CA ALA A 189 -1.14 -32.40 -1.27
C ALA A 189 -0.48 -31.05 -1.51
N ASP A 190 -1.18 -30.16 -2.20
CA ASP A 190 -0.53 -28.93 -2.62
C ASP A 190 -0.28 -28.03 -1.42
N TYR A 191 -1.24 -27.99 -0.48
CA TYR A 191 -1.06 -27.22 0.73
C TYR A 191 0.17 -27.67 1.49
N GLU A 192 0.36 -28.99 1.61
CA GLU A 192 1.55 -29.50 2.30
C GLU A 192 2.81 -29.32 1.48
N LYS A 193 2.72 -29.02 0.19
CA LYS A 193 3.89 -28.84 -0.65
C LYS A 193 4.39 -27.39 -0.67
N HIS A 194 3.86 -26.53 0.20
CA HIS A 194 4.17 -25.10 0.16
C HIS A 194 4.18 -24.54 1.57
N LYS A 195 4.96 -23.47 1.76
CA LYS A 195 5.28 -22.94 3.08
C LYS A 195 4.46 -21.70 3.46
N VAL A 196 4.54 -20.62 2.66
CA VAL A 196 4.01 -19.31 3.02
C VAL A 196 2.74 -18.98 2.22
N TYR A 197 1.68 -18.62 2.95
CA TYR A 197 0.36 -18.32 2.41
C TYR A 197 -0.01 -16.88 2.74
N ALA A 198 -0.26 -16.08 1.72
CA ALA A 198 -0.53 -14.66 1.91
C ALA A 198 -1.76 -14.24 1.13
N CYS A 199 -2.57 -13.37 1.74
CA CYS A 199 -3.59 -12.63 1.00
C CYS A 199 -3.24 -11.14 1.05
N GLU A 200 -3.04 -10.56 -0.12
CA GLU A 200 -2.81 -9.14 -0.34
C GLU A 200 -4.14 -8.43 -0.57
N VAL A 201 -4.30 -7.25 0.02
CA VAL A 201 -5.57 -6.54 0.01
C VAL A 201 -5.30 -5.10 -0.43
N THR A 202 -5.89 -4.70 -1.56
CA THR A 202 -5.88 -3.29 -1.98
C THR A 202 -7.28 -2.70 -1.86
N HIS A 203 -7.35 -1.42 -1.51
CA HIS A 203 -8.58 -0.73 -1.13
C HIS A 203 -8.28 0.76 -0.94
N GLN A 204 -9.32 1.58 -1.10
CA GLN A 204 -9.18 3.03 -0.98
C GLN A 204 -8.66 3.44 0.38
N GLY A 205 -9.18 2.85 1.45
CA GLY A 205 -8.74 3.15 2.80
C GLY A 205 -7.31 2.76 3.11
N LEU A 206 -6.66 2.04 2.19
CA LEU A 206 -5.31 1.55 2.37
C LEU A 206 -4.38 2.34 1.46
N SER A 207 -3.44 3.08 2.08
CA SER A 207 -2.45 3.86 1.34
C SER A 207 -1.46 2.98 0.59
N SER A 208 -1.26 1.76 1.08
CA SER A 208 -0.40 0.75 0.50
C SER A 208 -1.08 -0.59 0.79
N PRO A 209 -0.92 -1.59 -0.08
CA PRO A 209 -1.57 -2.88 0.16
C PRO A 209 -1.16 -3.52 1.49
N VAL A 210 -2.16 -3.84 2.32
CA VAL A 210 -1.94 -4.69 3.49
C VAL A 210 -1.82 -6.14 3.03
N THR A 211 -0.86 -6.87 3.62
CA THR A 211 -0.70 -8.31 3.42
C THR A 211 -0.72 -9.01 4.76
N LYS A 212 -1.52 -10.06 4.87
CA LYS A 212 -1.45 -10.94 6.02
C LYS A 212 -0.99 -12.30 5.53
N SER A 213 -0.09 -12.92 6.28
CA SER A 213 0.39 -14.22 5.85
C SER A 213 0.70 -15.09 7.06
N PHE A 214 0.83 -16.39 6.78
CA PHE A 214 1.25 -17.36 7.77
C PHE A 214 2.11 -18.39 7.07
N ASN A 215 2.85 -19.15 7.86
CA ASN A 215 3.63 -20.28 7.38
C ASN A 215 2.95 -21.56 7.85
N ARG A 216 2.87 -22.55 6.98
CA ARG A 216 2.27 -23.81 7.39
C ARG A 216 3.12 -24.43 8.51
N GLY A 217 2.47 -25.01 9.51
CA GLY A 217 3.25 -25.54 10.61
C GLY A 217 3.37 -24.57 11.78
N GLU A 218 2.20 -24.32 12.37
CA GLU A 218 1.81 -23.37 13.42
C GLU A 218 2.47 -22.00 13.25
N CYS A 219 2.88 -21.69 12.03
CA CYS A 219 3.35 -20.36 11.61
C CYS A 219 4.64 -19.90 12.29
N GLN B 1 -52.35 -9.90 16.80
CA GLN B 1 -51.38 -9.51 15.78
C GLN B 1 -51.26 -10.55 14.68
N VAL B 2 -51.29 -10.08 13.43
CA VAL B 2 -51.30 -10.95 12.26
C VAL B 2 -49.97 -11.66 12.11
N GLN B 3 -50.02 -12.99 12.04
CA GLN B 3 -48.87 -13.85 11.84
C GLN B 3 -49.18 -14.79 10.68
N LEU B 4 -48.21 -14.95 9.78
CA LEU B 4 -48.26 -15.91 8.68
C LEU B 4 -47.00 -16.77 8.77
N VAL B 5 -47.17 -18.04 9.11
CA VAL B 5 -46.05 -18.95 9.35
C VAL B 5 -46.05 -20.02 8.28
N GLU B 6 -44.96 -20.10 7.51
CA GLU B 6 -44.91 -20.97 6.33
C GLU B 6 -44.01 -22.18 6.58
N SER B 7 -44.20 -23.21 5.76
CA SER B 7 -43.43 -24.44 5.91
C SER B 7 -43.62 -25.31 4.68
N GLY B 8 -42.71 -26.29 4.52
CA GLY B 8 -42.86 -27.33 3.53
C GLY B 8 -41.90 -27.26 2.37
N GLY B 9 -41.00 -26.29 2.37
CA GLY B 9 -40.12 -26.10 1.24
C GLY B 9 -38.83 -26.86 1.42
N GLY B 10 -38.31 -27.36 0.30
CA GLY B 10 -37.05 -28.05 0.33
C GLY B 10 -36.52 -28.40 -1.04
N LEU B 11 -35.76 -29.49 -1.09
CA LEU B 11 -35.12 -29.95 -2.31
C LEU B 11 -36.05 -30.93 -3.01
N VAL B 12 -36.11 -30.84 -4.33
CA VAL B 12 -36.97 -31.71 -5.12
C VAL B 12 -36.46 -31.76 -6.55
N LYS B 13 -36.49 -32.95 -7.15
CA LYS B 13 -35.99 -33.17 -8.50
C LYS B 13 -36.88 -32.47 -9.54
N PRO B 14 -36.33 -32.14 -10.70
CA PRO B 14 -37.19 -31.65 -11.79
C PRO B 14 -38.31 -32.64 -12.06
N GLY B 15 -39.54 -32.14 -12.17
CA GLY B 15 -40.70 -32.98 -12.36
C GLY B 15 -41.35 -33.46 -11.09
N GLY B 16 -40.68 -33.38 -9.95
CA GLY B 16 -41.26 -33.79 -8.70
C GLY B 16 -42.28 -32.78 -8.17
N SER B 17 -42.74 -33.06 -6.97
CA SER B 17 -43.82 -32.34 -6.34
C SER B 17 -43.40 -31.90 -4.95
N LEU B 18 -44.00 -30.82 -4.47
CA LEU B 18 -43.76 -30.42 -3.10
C LEU B 18 -44.93 -29.56 -2.66
N ARG B 19 -45.22 -29.57 -1.35
CA ARG B 19 -46.43 -28.94 -0.84
C ARG B 19 -46.10 -27.88 0.20
N LEU B 20 -46.35 -26.61 -0.14
CA LEU B 20 -46.16 -25.49 0.76
C LEU B 20 -47.38 -25.29 1.64
N SER B 21 -47.12 -24.85 2.88
CA SER B 21 -48.15 -24.67 3.90
C SER B 21 -47.97 -23.31 4.54
N CYS B 22 -49.08 -22.66 4.80
CA CYS B 22 -49.07 -21.40 5.53
C CYS B 22 -50.12 -21.54 6.62
N VAL B 23 -49.72 -21.32 7.86
CA VAL B 23 -50.66 -21.35 8.98
C VAL B 23 -50.71 -19.96 9.57
N SER B 24 -51.90 -19.39 9.63
CA SER B 24 -52.03 -18.03 10.12
C SER B 24 -52.59 -18.00 11.54
N SER B 25 -52.43 -16.84 12.17
CA SER B 25 -53.07 -16.59 13.45
C SER B 25 -53.31 -15.09 13.55
N GLY B 26 -54.15 -14.69 14.49
CA GLY B 26 -54.36 -13.29 14.82
C GLY B 26 -55.41 -12.58 14.00
N PHE B 27 -56.06 -13.25 13.05
CA PHE B 27 -57.14 -12.64 12.29
C PHE B 27 -58.16 -13.66 11.83
N THR B 28 -59.26 -13.15 11.30
CA THR B 28 -60.34 -13.99 10.79
C THR B 28 -59.90 -14.48 9.41
N PHE B 29 -59.28 -15.66 9.40
CA PHE B 29 -58.70 -16.21 8.19
C PHE B 29 -59.71 -16.29 7.05
N SER B 30 -60.96 -16.65 7.35
CA SER B 30 -61.94 -16.87 6.28
C SER B 30 -62.48 -15.59 5.63
N ASN B 31 -62.21 -14.40 6.19
CA ASN B 31 -62.49 -13.10 5.60
C ASN B 31 -61.56 -12.66 4.48
N TYR B 32 -60.44 -13.33 4.25
CA TYR B 32 -59.47 -12.80 3.30
C TYR B 32 -59.26 -13.73 2.11
N TRP B 33 -59.18 -13.13 0.93
CA TRP B 33 -58.40 -13.76 -0.13
C TRP B 33 -56.97 -13.91 0.35
N MET B 34 -56.29 -14.96 -0.11
CA MET B 34 -54.87 -15.14 0.14
C MET B 34 -54.17 -15.36 -1.19
N SER B 35 -52.85 -15.34 -1.13
CA SER B 35 -52.11 -15.17 -2.35
C SER B 35 -50.68 -15.66 -2.13
N TRP B 36 -50.09 -16.26 -3.16
CA TRP B 36 -48.69 -16.70 -3.11
C TRP B 36 -47.86 -15.88 -4.09
N VAL B 37 -46.64 -15.55 -3.65
CA VAL B 37 -45.71 -14.68 -4.36
C VAL B 37 -44.32 -15.27 -4.22
N ARG B 38 -43.61 -15.44 -5.33
CA ARG B 38 -42.30 -16.08 -5.27
C ARG B 38 -41.22 -15.12 -5.72
N GLN B 39 -40.00 -15.37 -5.24
CA GLN B 39 -38.83 -14.53 -5.50
C GLN B 39 -37.69 -15.40 -6.01
N ALA B 40 -37.47 -15.39 -7.32
CA ALA B 40 -36.35 -16.11 -7.89
C ALA B 40 -35.05 -15.59 -7.27
N PRO B 41 -34.02 -16.43 -7.16
CA PRO B 41 -32.78 -16.02 -6.47
C PRO B 41 -32.17 -14.75 -7.05
N GLY B 42 -31.62 -13.92 -6.16
CA GLY B 42 -31.20 -12.57 -6.49
C GLY B 42 -32.17 -11.92 -7.46
N GLY B 43 -33.45 -11.85 -7.11
CA GLY B 43 -34.43 -11.65 -8.15
C GLY B 43 -35.63 -10.83 -7.73
N GLY B 44 -36.50 -10.60 -8.70
CA GLY B 44 -37.67 -9.81 -8.45
C GLY B 44 -38.78 -10.64 -7.89
N LEU B 45 -39.80 -9.94 -7.41
CA LEU B 45 -40.98 -10.61 -6.92
C LEU B 45 -41.88 -10.93 -8.09
N GLU B 46 -42.47 -12.11 -8.06
CA GLU B 46 -43.42 -12.53 -9.08
C GLU B 46 -44.67 -13.07 -8.38
N TRP B 47 -45.83 -12.53 -8.73
CA TRP B 47 -47.10 -13.06 -8.25
C TRP B 47 -47.33 -14.44 -8.83
N VAL B 48 -47.92 -15.33 -8.05
CA VAL B 48 -48.05 -16.73 -8.43
C VAL B 48 -49.51 -17.19 -8.43
N ALA B 49 -50.24 -16.89 -7.34
CA ALA B 49 -51.56 -17.50 -7.16
C ALA B 49 -52.47 -16.63 -6.28
N ASN B 50 -53.77 -16.64 -6.61
CA ASN B 50 -54.82 -16.07 -5.79
C ASN B 50 -55.80 -17.16 -5.40
N ILE B 51 -56.37 -17.04 -4.19
CA ILE B 51 -57.43 -17.96 -3.76
C ILE B 51 -58.44 -17.19 -2.92
N ASN B 52 -59.72 -17.34 -3.23
CA ASN B 52 -60.71 -16.51 -2.57
C ASN B 52 -60.97 -17.06 -1.16
N GLN B 53 -62.00 -16.55 -0.49
CA GLN B 53 -62.19 -16.85 0.93
C GLN B 53 -62.42 -18.33 1.17
N ASP B 54 -63.25 -18.97 0.34
CA ASP B 54 -63.66 -20.33 0.61
C ASP B 54 -63.07 -21.35 -0.35
N GLY B 55 -62.18 -20.93 -1.26
CA GLY B 55 -61.53 -21.86 -2.15
C GLY B 55 -62.21 -22.08 -3.49
N SER B 56 -63.36 -21.46 -3.74
CA SER B 56 -64.04 -21.68 -5.01
C SER B 56 -63.46 -20.90 -6.17
N GLU B 57 -62.58 -19.92 -5.94
CA GLU B 57 -61.93 -19.19 -7.00
C GLU B 57 -60.43 -19.30 -6.78
N LYS B 58 -59.72 -19.79 -7.78
CA LYS B 58 -58.28 -19.96 -7.71
C LYS B 58 -57.73 -19.49 -9.05
N TYR B 59 -56.81 -18.52 -9.02
CA TYR B 59 -56.19 -18.02 -10.24
C TYR B 59 -54.68 -18.12 -10.13
N TYR B 60 -54.04 -18.33 -11.27
CA TYR B 60 -52.61 -18.62 -11.28
C TYR B 60 -51.95 -17.83 -12.38
N VAL B 61 -50.70 -17.44 -12.14
CA VAL B 61 -49.90 -16.88 -13.22
C VAL B 61 -49.70 -17.95 -14.30
N ASP B 62 -49.49 -17.51 -15.54
CA ASP B 62 -49.53 -18.42 -16.68
C ASP B 62 -48.46 -19.51 -16.62
N SER B 63 -47.22 -19.12 -16.27
CA SER B 63 -46.12 -20.09 -16.22
C SER B 63 -46.40 -21.29 -15.32
N VAL B 64 -47.45 -21.28 -14.51
CA VAL B 64 -47.69 -22.36 -13.55
C VAL B 64 -49.03 -23.05 -13.75
N LYS B 65 -49.89 -22.55 -14.64
CA LYS B 65 -51.22 -23.15 -14.83
C LYS B 65 -51.12 -24.62 -15.20
N GLY B 66 -51.93 -25.44 -14.54
CA GLY B 66 -51.85 -26.88 -14.71
C GLY B 66 -50.83 -27.57 -13.84
N ARG B 67 -49.85 -26.83 -13.30
CA ARG B 67 -48.80 -27.41 -12.47
C ARG B 67 -48.95 -27.09 -10.99
N PHE B 68 -49.50 -25.93 -10.63
CA PHE B 68 -49.72 -25.57 -9.23
C PHE B 68 -51.20 -25.57 -8.97
N THR B 69 -51.61 -26.03 -7.81
CA THR B 69 -52.96 -25.77 -7.34
C THR B 69 -52.87 -25.27 -5.91
N SER B 70 -53.58 -24.18 -5.63
CA SER B 70 -53.73 -23.71 -4.28
C SER B 70 -54.91 -24.42 -3.64
N SER B 71 -54.96 -24.33 -2.31
CA SER B 71 -56.08 -24.87 -1.54
C SER B 71 -56.04 -24.18 -0.19
N ARG B 72 -57.15 -24.26 0.53
CA ARG B 72 -57.15 -23.69 1.87
C ARG B 72 -58.13 -24.46 2.74
N ASP B 73 -57.88 -24.42 4.04
CA ASP B 73 -58.69 -25.12 5.04
C ASP B 73 -59.02 -24.15 6.16
N ASN B 74 -60.21 -23.56 6.11
CA ASN B 74 -60.48 -22.40 6.95
C ASN B 74 -60.69 -22.76 8.40
N THR B 75 -61.01 -24.03 8.69
CA THR B 75 -61.11 -24.46 10.07
C THR B 75 -59.74 -24.68 10.68
N LYS B 76 -58.70 -24.86 9.86
CA LYS B 76 -57.34 -25.06 10.34
C LYS B 76 -56.49 -23.80 10.21
N ASN B 77 -57.07 -22.68 9.77
CA ASN B 77 -56.32 -21.45 9.48
C ASN B 77 -55.17 -21.67 8.50
N SER B 78 -55.36 -22.57 7.53
CA SER B 78 -54.26 -23.09 6.72
C SER B 78 -54.46 -22.86 5.23
N LEU B 79 -53.39 -22.43 4.58
CA LEU B 79 -53.35 -22.19 3.14
C LEU B 79 -52.23 -23.03 2.56
N PHE B 80 -52.51 -23.75 1.46
CA PHE B 80 -51.53 -24.63 0.83
C PHE B 80 -51.22 -24.20 -0.60
N LEU B 81 -50.08 -24.66 -1.09
CA LEU B 81 -49.77 -24.58 -2.50
C LEU B 81 -49.12 -25.91 -2.92
N GLN B 82 -49.82 -26.66 -3.76
CA GLN B 82 -49.35 -27.93 -4.28
C GLN B 82 -48.54 -27.66 -5.53
N LEU B 83 -47.22 -27.85 -5.46
CA LEU B 83 -46.34 -27.68 -6.61
C LEU B 83 -46.21 -29.00 -7.35
N ASN B 84 -46.29 -28.96 -8.68
CA ASN B 84 -46.21 -30.17 -9.49
C ASN B 84 -45.44 -29.89 -10.77
N SER B 85 -44.81 -30.94 -11.30
CA SER B 85 -44.00 -30.85 -12.51
C SER B 85 -42.97 -29.72 -12.40
N LEU B 86 -42.28 -29.67 -11.26
CA LEU B 86 -41.44 -28.51 -10.95
C LEU B 86 -40.34 -28.38 -11.99
N ARG B 87 -39.98 -27.13 -12.29
CA ARG B 87 -38.97 -26.82 -13.29
C ARG B 87 -37.82 -26.07 -12.64
N ALA B 88 -36.72 -25.97 -13.38
CA ALA B 88 -35.55 -25.27 -12.86
C ALA B 88 -35.91 -23.87 -12.38
N GLU B 89 -36.79 -23.16 -13.11
CA GLU B 89 -37.17 -21.78 -12.79
C GLU B 89 -38.25 -21.68 -11.71
N ASP B 90 -38.74 -22.77 -11.18
CA ASP B 90 -39.62 -22.63 -10.02
C ASP B 90 -38.83 -22.44 -8.74
N THR B 91 -37.50 -22.47 -8.84
CA THR B 91 -36.64 -22.22 -7.70
C THR B 91 -36.82 -20.80 -7.17
N GLY B 92 -36.85 -20.68 -5.85
CA GLY B 92 -36.93 -19.38 -5.21
C GLY B 92 -37.58 -19.47 -3.85
N ILE B 93 -37.69 -18.30 -3.22
CA ILE B 93 -38.39 -18.19 -1.95
C ILE B 93 -39.86 -18.00 -2.26
N TYR B 94 -40.73 -18.82 -1.67
CA TYR B 94 -42.17 -18.68 -1.87
C TYR B 94 -42.80 -18.01 -0.66
N TYR B 95 -43.54 -16.92 -0.90
CA TYR B 95 -44.17 -16.17 0.18
C TYR B 95 -45.68 -16.32 0.15
N CYS B 96 -46.22 -16.59 1.32
CA CYS B 96 -47.62 -16.47 1.62
C CYS B 96 -47.95 -14.99 1.87
N THR B 97 -49.06 -14.50 1.33
CA THR B 97 -49.42 -13.11 1.57
C THR B 97 -50.92 -13.01 1.78
N ARG B 98 -51.36 -11.94 2.44
CA ARG B 98 -52.77 -11.72 2.74
C ARG B 98 -53.36 -10.64 1.84
N ASP B 99 -54.52 -10.94 1.25
CA ASP B 99 -55.40 -9.90 0.69
C ASP B 99 -54.79 -9.20 -0.52
N PRO B 100 -54.61 -9.87 -1.65
CA PRO B 100 -54.27 -9.16 -2.87
C PRO B 100 -55.41 -8.22 -3.28
N PRO B 101 -55.07 -7.07 -3.87
CA PRO B 101 -53.71 -6.66 -4.18
C PRO B 101 -53.09 -5.76 -3.12
N TYR B 102 -53.60 -5.78 -1.90
CA TYR B 102 -53.05 -4.95 -0.83
C TYR B 102 -51.75 -5.53 -0.27
N PHE B 103 -51.72 -6.84 -0.02
CA PHE B 103 -50.52 -7.55 0.42
C PHE B 103 -50.00 -6.95 1.72
N ASP B 104 -50.88 -6.82 2.71
CA ASP B 104 -50.53 -6.08 3.90
C ASP B 104 -49.64 -6.86 4.86
N ASN B 105 -49.63 -8.18 4.77
CA ASN B 105 -48.88 -9.03 5.69
C ASN B 105 -48.32 -10.22 4.93
N TRP B 106 -47.08 -10.57 5.27
CA TRP B 106 -46.31 -11.56 4.52
C TRP B 106 -45.79 -12.61 5.46
N GLY B 107 -45.82 -13.87 5.02
CA GLY B 107 -45.14 -14.94 5.73
C GLY B 107 -43.66 -14.76 5.66
N GLN B 108 -42.93 -15.58 6.41
CA GLN B 108 -41.48 -15.38 6.49
C GLN B 108 -40.72 -15.95 5.30
N GLY B 109 -41.38 -16.60 4.36
CA GLY B 109 -40.75 -17.21 3.21
C GLY B 109 -40.37 -18.65 3.47
N THR B 110 -40.39 -19.46 2.40
CA THR B 110 -39.94 -20.84 2.48
C THR B 110 -39.25 -21.20 1.17
N LEU B 111 -38.05 -21.75 1.27
CA LEU B 111 -37.19 -21.89 0.11
C LEU B 111 -37.48 -23.19 -0.63
N VAL B 112 -37.58 -23.09 -1.96
CA VAL B 112 -37.83 -24.24 -2.83
C VAL B 112 -36.64 -24.36 -3.76
N THR B 113 -36.02 -25.54 -3.77
CA THR B 113 -34.88 -25.80 -4.63
C THR B 113 -35.22 -26.95 -5.56
N VAL B 114 -35.07 -26.72 -6.86
CA VAL B 114 -35.36 -27.72 -7.88
C VAL B 114 -34.02 -28.12 -8.46
N SER B 115 -33.58 -29.34 -8.16
CA SER B 115 -32.23 -29.77 -8.47
C SER B 115 -32.12 -31.29 -8.47
N SER B 116 -31.24 -31.79 -9.33
CA SER B 116 -30.94 -33.22 -9.37
C SER B 116 -30.12 -33.66 -8.17
N ALA B 117 -29.15 -32.84 -7.75
CA ALA B 117 -28.27 -33.17 -6.64
C ALA B 117 -29.06 -33.57 -5.40
N SER B 118 -28.44 -34.35 -4.53
CA SER B 118 -29.13 -34.83 -3.34
C SER B 118 -28.56 -34.18 -2.08
N THR B 119 -29.33 -34.29 -1.00
CA THR B 119 -28.99 -33.61 0.25
C THR B 119 -27.65 -34.11 0.78
N LYS B 120 -26.96 -33.24 1.51
CA LYS B 120 -25.67 -33.51 2.12
C LYS B 120 -25.45 -32.53 3.26
N GLY B 121 -25.07 -33.05 4.42
CA GLY B 121 -24.85 -32.21 5.58
C GLY B 121 -23.53 -31.45 5.51
N PRO B 122 -23.43 -30.34 6.22
CA PRO B 122 -22.19 -29.58 6.24
C PRO B 122 -21.11 -30.25 7.09
N SER B 123 -19.87 -29.84 6.81
CA SER B 123 -18.74 -29.97 7.73
C SER B 123 -18.51 -28.64 8.42
N VAL B 124 -18.15 -28.68 9.69
CA VAL B 124 -17.90 -27.47 10.46
C VAL B 124 -16.46 -27.49 10.95
N PHE B 125 -15.67 -26.56 10.46
CA PHE B 125 -14.29 -26.41 10.83
C PHE B 125 -14.04 -25.07 11.52
N PRO B 126 -13.25 -25.05 12.59
CA PRO B 126 -12.97 -23.78 13.25
C PRO B 126 -12.00 -22.97 12.42
N LEU B 127 -12.30 -21.68 12.30
CA LEU B 127 -11.29 -20.70 11.91
C LEU B 127 -10.75 -20.15 13.22
N ALA B 128 -9.58 -20.65 13.64
CA ALA B 128 -9.04 -20.33 14.97
C ALA B 128 -8.31 -19.00 14.93
N PRO B 129 -8.40 -18.19 16.00
CA PRO B 129 -7.85 -16.83 15.96
C PRO B 129 -6.33 -16.81 15.99
N SER B 130 -5.74 -16.19 14.97
CA SER B 130 -4.34 -15.77 14.90
C SER B 130 -3.63 -15.64 16.24
N SER B 131 -2.49 -16.31 16.36
CA SER B 131 -1.68 -16.22 17.56
C SER B 131 -1.18 -14.80 17.81
N LYS B 132 -1.25 -13.92 16.81
CA LYS B 132 -0.60 -12.63 17.02
C LYS B 132 -1.65 -11.51 16.82
N SER B 133 -2.75 -11.67 17.57
CA SER B 133 -3.73 -10.63 17.79
C SER B 133 -3.24 -9.66 18.87
N THR B 134 -3.41 -8.36 18.61
CA THR B 134 -2.78 -7.32 19.43
C THR B 134 -3.15 -7.47 20.90
N SER B 135 -2.22 -7.05 21.76
CA SER B 135 -2.30 -7.27 23.20
C SER B 135 -3.66 -6.90 23.76
N GLY B 136 -4.05 -5.63 23.60
CA GLY B 136 -5.37 -5.18 23.99
C GLY B 136 -6.18 -4.71 22.81
N GLY B 137 -6.19 -5.50 21.73
CA GLY B 137 -6.90 -5.15 20.51
C GLY B 137 -8.03 -6.11 20.20
N THR B 138 -8.35 -6.28 18.92
CA THR B 138 -9.44 -7.14 18.51
C THR B 138 -8.89 -8.41 17.85
N ALA B 139 -9.51 -9.54 18.19
CA ALA B 139 -9.21 -10.83 17.57
C ALA B 139 -10.44 -11.32 16.84
N ALA B 140 -10.24 -11.82 15.61
CA ALA B 140 -11.31 -12.41 14.82
C ALA B 140 -11.26 -13.94 14.87
N LEU B 141 -12.41 -14.57 15.10
CA LEU B 141 -12.54 -16.04 15.06
C LEU B 141 -13.81 -16.43 14.31
N GLY B 142 -13.86 -17.67 13.83
CA GLY B 142 -14.97 -18.02 12.97
C GLY B 142 -15.21 -19.51 12.76
N CYS B 143 -16.14 -19.78 11.84
CA CYS B 143 -16.62 -21.13 11.51
C CYS B 143 -16.77 -21.25 10.00
N LEU B 144 -16.09 -22.22 9.41
CA LEU B 144 -16.27 -22.55 8.00
C LEU B 144 -17.28 -23.70 7.92
N VAL B 145 -18.45 -23.40 7.36
CA VAL B 145 -19.50 -24.40 7.13
C VAL B 145 -19.41 -24.82 5.66
N LYS B 146 -18.94 -26.03 5.40
CA LYS B 146 -18.46 -26.36 4.06
C LYS B 146 -19.17 -27.60 3.50
N ASP B 147 -19.29 -27.63 2.16
CA ASP B 147 -19.83 -28.74 1.36
C ASP B 147 -21.21 -29.23 1.83
N TYR B 148 -22.21 -28.35 1.74
CA TYR B 148 -23.57 -28.75 2.07
C TYR B 148 -24.51 -28.47 0.90
N PHE B 149 -25.71 -29.09 0.97
CA PHE B 149 -26.75 -28.92 -0.03
C PHE B 149 -28.06 -29.51 0.48
N PRO B 150 -29.20 -28.82 0.27
CA PRO B 150 -29.26 -27.48 -0.32
C PRO B 150 -29.28 -26.44 0.79
N GLU B 151 -29.65 -25.21 0.47
CA GLU B 151 -29.77 -24.17 1.49
C GLU B 151 -31.08 -24.35 2.24
N PRO B 152 -31.21 -23.74 3.44
CA PRO B 152 -30.32 -22.86 4.19
C PRO B 152 -29.53 -23.53 5.32
N VAL B 153 -28.39 -22.97 5.69
CA VAL B 153 -27.79 -23.22 7.00
C VAL B 153 -27.96 -21.97 7.83
N THR B 154 -28.18 -22.16 9.13
CA THR B 154 -28.24 -21.09 10.08
C THR B 154 -27.05 -21.24 11.02
N VAL B 155 -26.37 -20.12 11.29
CA VAL B 155 -25.23 -20.11 12.19
C VAL B 155 -25.50 -19.08 13.27
N SER B 156 -25.45 -19.51 14.52
CA SER B 156 -25.49 -18.61 15.67
C SER B 156 -24.26 -18.87 16.53
N TRP B 157 -24.02 -17.97 17.47
CA TRP B 157 -22.86 -18.06 18.35
C TRP B 157 -23.32 -18.01 19.80
N ASN B 158 -22.75 -18.91 20.61
CA ASN B 158 -23.05 -19.04 22.04
C ASN B 158 -24.56 -19.13 22.30
N SER B 159 -25.25 -19.93 21.48
CA SER B 159 -26.69 -20.18 21.58
C SER B 159 -27.51 -18.88 21.49
N GLY B 160 -26.99 -17.91 20.74
CA GLY B 160 -27.66 -16.65 20.56
C GLY B 160 -27.19 -15.53 21.46
N ALA B 161 -26.26 -15.82 22.38
CA ALA B 161 -25.78 -14.81 23.31
C ALA B 161 -24.83 -13.83 22.65
N LEU B 162 -23.92 -14.34 21.83
CA LEU B 162 -22.95 -13.52 21.13
C LEU B 162 -23.59 -13.06 19.83
N THR B 163 -23.73 -11.75 19.68
CA THR B 163 -24.60 -11.27 18.62
C THR B 163 -23.94 -10.11 17.85
N SER B 164 -23.39 -9.13 18.55
CA SER B 164 -22.72 -8.03 17.86
C SER B 164 -21.36 -8.49 17.39
N GLY B 165 -20.92 -7.92 16.29
CA GLY B 165 -19.66 -8.33 15.70
C GLY B 165 -19.76 -9.52 14.80
N VAL B 166 -20.94 -10.14 14.71
CA VAL B 166 -21.10 -11.39 13.95
C VAL B 166 -21.34 -11.06 12.49
N HIS B 167 -20.60 -11.72 11.61
CA HIS B 167 -20.83 -11.64 10.16
C HIS B 167 -20.96 -13.05 9.61
N THR B 168 -22.19 -13.44 9.25
CA THR B 168 -22.39 -14.65 8.49
C THR B 168 -22.56 -14.28 7.02
N PHE B 169 -21.71 -14.82 6.18
CA PHE B 169 -21.65 -14.45 4.79
C PHE B 169 -22.70 -15.21 3.97
N PRO B 170 -23.11 -14.65 2.84
CA PRO B 170 -23.91 -15.41 1.87
C PRO B 170 -23.19 -16.69 1.44
N ALA B 171 -23.94 -17.79 1.49
CA ALA B 171 -23.52 -19.06 0.90
C ALA B 171 -22.98 -18.87 -0.52
N VAL B 172 -22.00 -19.68 -0.88
CA VAL B 172 -21.40 -19.62 -2.20
C VAL B 172 -21.38 -21.01 -2.76
N LEU B 173 -21.85 -21.14 -4.01
CA LEU B 173 -21.85 -22.42 -4.72
C LEU B 173 -20.46 -22.69 -5.28
N GLN B 174 -19.89 -23.83 -4.92
CA GLN B 174 -18.56 -24.24 -5.36
C GLN B 174 -18.64 -25.07 -6.65
N SER B 175 -17.48 -25.30 -7.26
CA SER B 175 -17.44 -26.06 -8.50
C SER B 175 -17.96 -27.49 -8.34
N SER B 176 -18.01 -28.01 -7.11
CA SER B 176 -18.55 -29.34 -6.83
C SER B 176 -20.07 -29.35 -6.70
N GLY B 177 -20.73 -28.23 -7.01
CA GLY B 177 -22.17 -28.16 -6.85
C GLY B 177 -22.64 -28.09 -5.42
N LEU B 178 -21.75 -27.84 -4.47
CA LEU B 178 -22.12 -27.74 -3.08
C LEU B 178 -21.91 -26.32 -2.58
N TYR B 179 -22.58 -26.00 -1.47
CA TYR B 179 -22.53 -24.68 -0.90
C TYR B 179 -21.51 -24.60 0.24
N SER B 180 -21.08 -23.38 0.55
CA SER B 180 -20.08 -23.17 1.58
C SER B 180 -20.20 -21.74 2.08
N LEU B 181 -20.17 -21.54 3.39
CA LEU B 181 -20.07 -20.20 3.95
C LEU B 181 -19.19 -20.20 5.18
N SER B 182 -18.77 -18.99 5.56
CA SER B 182 -18.07 -18.73 6.80
C SER B 182 -18.91 -17.77 7.63
N SER B 183 -18.81 -17.93 8.94
CA SER B 183 -19.42 -17.02 9.89
C SER B 183 -18.31 -16.56 10.82
N VAL B 184 -18.12 -15.24 10.95
CA VAL B 184 -17.04 -14.71 11.76
C VAL B 184 -17.61 -13.80 12.84
N VAL B 185 -16.76 -13.47 13.80
CA VAL B 185 -17.14 -12.71 14.98
C VAL B 185 -15.86 -12.11 15.53
N THR B 186 -15.87 -10.80 15.78
CA THR B 186 -14.74 -10.09 16.38
C THR B 186 -15.01 -9.92 17.86
N VAL B 187 -14.01 -10.24 18.69
CA VAL B 187 -14.13 -10.18 20.13
C VAL B 187 -12.83 -9.67 20.73
N PRO B 188 -12.89 -9.10 21.94
CA PRO B 188 -11.68 -8.67 22.64
C PRO B 188 -10.65 -9.79 22.79
N SER B 189 -9.39 -9.48 22.45
CA SER B 189 -8.31 -10.45 22.64
C SER B 189 -8.21 -10.90 24.10
N SER B 190 -8.59 -10.03 25.03
CA SER B 190 -8.51 -10.35 26.45
C SER B 190 -9.33 -11.59 26.80
N SER B 191 -10.45 -11.80 26.13
CA SER B 191 -11.37 -12.87 26.51
C SER B 191 -11.07 -14.19 25.82
N LEU B 192 -10.06 -14.26 24.95
CA LEU B 192 -9.84 -15.47 24.17
C LEU B 192 -9.58 -16.68 25.06
N GLY B 193 -8.89 -16.49 26.18
CA GLY B 193 -8.73 -17.57 27.13
C GLY B 193 -9.91 -17.66 28.08
N THR B 194 -10.46 -16.50 28.44
CA THR B 194 -11.57 -16.41 29.40
C THR B 194 -12.86 -16.99 28.85
N GLN B 195 -13.38 -16.42 27.76
CA GLN B 195 -14.69 -16.74 27.24
C GLN B 195 -14.62 -17.90 26.26
N THR B 196 -15.62 -18.79 26.32
CA THR B 196 -15.73 -19.92 25.41
C THR B 196 -16.58 -19.53 24.20
N TYR B 197 -16.19 -19.99 23.02
CA TYR B 197 -16.84 -19.59 21.77
C TYR B 197 -17.31 -20.83 21.00
N ILE B 198 -18.62 -21.03 20.96
CA ILE B 198 -19.26 -22.15 20.28
C ILE B 198 -20.11 -21.62 19.14
N CYS B 199 -19.93 -22.15 17.94
CA CYS B 199 -20.79 -21.75 16.85
C CYS B 199 -21.83 -22.85 16.61
N ASN B 200 -23.10 -22.46 16.68
CA ASN B 200 -24.23 -23.36 16.53
C ASN B 200 -24.60 -23.37 15.05
N VAL B 201 -24.36 -24.49 14.39
CA VAL B 201 -24.61 -24.61 12.96
C VAL B 201 -25.78 -25.56 12.76
N ASN B 202 -26.91 -25.00 12.34
CA ASN B 202 -28.09 -25.80 12.04
C ASN B 202 -28.25 -25.96 10.54
N HIS B 203 -28.50 -27.18 10.08
CA HIS B 203 -28.79 -27.42 8.66
C HIS B 203 -29.93 -28.42 8.59
N LYS B 204 -31.17 -27.90 8.56
CA LYS B 204 -32.39 -28.70 8.69
C LYS B 204 -32.65 -29.67 7.52
N PRO B 205 -32.31 -29.34 6.27
CA PRO B 205 -32.51 -30.33 5.20
C PRO B 205 -31.94 -31.71 5.53
N SER B 206 -30.70 -31.78 6.02
CA SER B 206 -30.07 -33.04 6.38
C SER B 206 -30.18 -33.37 7.88
N ASN B 207 -30.99 -32.61 8.62
CA ASN B 207 -31.11 -32.75 10.08
C ASN B 207 -29.74 -32.75 10.77
N THR B 208 -28.86 -31.88 10.30
CA THR B 208 -27.57 -31.68 10.93
C THR B 208 -27.64 -30.55 11.95
N LYS B 209 -27.09 -30.80 13.14
CA LYS B 209 -27.04 -29.81 14.22
C LYS B 209 -25.68 -29.94 14.89
N VAL B 210 -24.83 -28.93 14.73
CA VAL B 210 -23.43 -29.01 15.18
C VAL B 210 -23.09 -27.83 16.08
N ASP B 211 -22.39 -28.13 17.17
CA ASP B 211 -21.83 -27.14 18.08
C ASP B 211 -20.32 -27.31 18.07
N LYS B 212 -19.61 -26.39 17.43
CA LYS B 212 -18.16 -26.50 17.29
C LYS B 212 -17.49 -25.45 18.15
N LYS B 213 -16.54 -25.88 18.98
CA LYS B 213 -15.81 -24.96 19.84
C LYS B 213 -14.61 -24.40 19.08
N VAL B 214 -14.43 -23.09 19.19
CA VAL B 214 -13.37 -22.38 18.49
C VAL B 214 -12.43 -21.80 19.55
N GLU B 215 -11.17 -22.22 19.51
CA GLU B 215 -10.25 -22.02 20.61
C GLU B 215 -8.88 -21.67 20.07
N PRO B 216 -8.09 -20.87 20.82
CA PRO B 216 -6.72 -20.59 20.41
C PRO B 216 -5.94 -21.89 20.25
N LYS B 217 -5.19 -21.98 19.16
CA LYS B 217 -4.55 -23.23 18.78
C LYS B 217 -3.13 -23.30 19.37
N SER B 218 -2.85 -24.40 20.06
CA SER B 218 -1.51 -24.68 20.58
C SER B 218 -1.41 -26.12 21.09
N ALA C 1 -68.25 10.69 -5.58
CA ALA C 1 -67.74 9.61 -6.44
C ALA C 1 -67.07 10.17 -7.71
N THR C 2 -65.76 9.96 -7.84
CA THR C 2 -65.12 10.06 -9.15
C THR C 2 -65.03 8.71 -9.85
N GLY C 3 -64.86 7.64 -9.08
CA GLY C 3 -65.15 6.28 -9.51
C GLY C 3 -66.37 5.72 -8.81
N ARG C 4 -66.34 4.42 -8.48
CA ARG C 4 -67.47 3.72 -7.89
C ARG C 4 -67.53 3.93 -6.38
N THR C 5 -68.74 3.81 -5.83
CA THR C 5 -68.96 4.20 -4.44
C THR C 5 -68.15 3.35 -3.46
N HIS C 6 -68.08 2.04 -3.66
CA HIS C 6 -67.22 1.18 -2.82
C HIS C 6 -66.17 0.49 -3.70
N SEP C 7 -64.98 0.25 -3.16
CA SEP C 7 -63.89 -0.41 -3.89
CB SEP C 7 -62.61 -0.41 -3.05
OG SEP C 7 -62.94 -0.94 -1.79
C SEP C 7 -64.20 -1.85 -4.29
O SEP C 7 -64.87 -2.56 -3.55
P SEP C 7 -61.68 -0.88 -0.81
O1P SEP C 7 -60.67 -2.03 -1.30
O2P SEP C 7 -62.12 -1.34 0.68
O3P SEP C 7 -61.11 0.65 -0.81
N SEP C 8 -63.67 -2.26 -5.44
CA SEP C 8 -63.86 -3.61 -5.94
CB SEP C 8 -65.07 -3.71 -6.89
OG SEP C 8 -66.30 -3.56 -6.21
C SEP C 8 -62.60 -3.99 -6.67
O SEP C 8 -62.56 -4.01 -7.90
P SEP C 8 -67.22 -2.43 -6.87
O1P SEP C 8 -67.68 -2.94 -8.30
O2P SEP C 8 -68.45 -2.13 -5.89
O3P SEP C 8 -66.48 -1.04 -7.18
N PRO C 9 -61.55 -4.34 -5.93
CA PRO C 9 -60.24 -4.64 -6.50
C PRO C 9 -60.27 -5.86 -7.40
N PRO C 10 -59.49 -5.82 -8.48
CA PRO C 10 -59.39 -6.99 -9.35
C PRO C 10 -58.60 -8.10 -8.69
N ARG C 11 -59.29 -9.16 -8.28
CA ARG C 11 -58.61 -10.32 -7.75
C ARG C 11 -58.74 -11.50 -8.68
N ALA C 12 -59.30 -11.30 -9.86
CA ALA C 12 -59.48 -12.33 -10.88
C ALA C 12 -59.24 -11.68 -12.23
N PRO C 13 -58.81 -12.45 -13.23
CA PRO C 13 -58.60 -11.86 -14.56
C PRO C 13 -59.90 -11.33 -15.14
N SER C 14 -59.78 -10.53 -16.18
CA SER C 14 -60.97 -10.03 -16.85
C SER C 14 -61.44 -11.06 -17.87
N SER C 15 -62.75 -11.18 -18.00
CA SER C 15 -63.40 -12.25 -18.76
C SER C 15 -64.49 -11.66 -19.66
N PRO C 16 -64.10 -10.93 -20.71
CA PRO C 16 -65.08 -10.17 -21.52
C PRO C 16 -66.14 -11.04 -22.14
N GLY C 17 -67.25 -10.43 -22.49
CA GLY C 17 -68.36 -11.12 -23.12
C GLY C 17 -68.33 -10.93 -24.64
N ARG C 18 -68.19 -12.03 -25.36
CA ARG C 18 -68.08 -11.98 -26.81
C ARG C 18 -69.22 -12.70 -27.52
N SER C 19 -70.25 -13.11 -26.77
CA SER C 19 -71.33 -13.93 -27.32
C SER C 19 -72.68 -13.43 -26.80
N ARG C 20 -73.75 -13.83 -27.50
CA ARG C 20 -75.13 -13.58 -27.05
C ARG C 20 -75.36 -14.09 -25.63
N ASP D 1 1.19 -39.84 13.88
CA ASP D 1 2.59 -39.44 13.72
C ASP D 1 3.03 -38.34 14.69
N VAL D 2 4.23 -38.44 15.24
CA VAL D 2 4.74 -37.33 16.04
C VAL D 2 5.03 -36.16 15.11
N VAL D 3 4.50 -34.98 15.47
CA VAL D 3 4.73 -33.76 14.72
C VAL D 3 5.80 -32.96 15.44
N LEU D 4 6.88 -32.65 14.72
CA LEU D 4 7.91 -31.74 15.19
C LEU D 4 7.74 -30.37 14.55
N THR D 5 7.63 -29.34 15.37
CA THR D 5 7.41 -27.98 14.89
C THR D 5 8.65 -27.15 15.13
N GLN D 6 9.31 -26.73 14.07
CA GLN D 6 10.49 -25.89 14.25
C GLN D 6 10.10 -24.42 14.24
N SER D 7 10.91 -23.62 14.91
CA SER D 7 10.69 -22.18 14.87
C SER D 7 12.00 -21.49 15.22
N PRO D 8 12.30 -20.34 14.62
CA PRO D 8 11.54 -19.77 13.52
C PRO D 8 11.79 -20.61 12.30
N LEU D 9 10.93 -20.54 11.28
CA LEU D 9 11.16 -21.34 10.08
C LEU D 9 12.22 -20.73 9.19
N SER D 10 12.55 -19.45 9.38
CA SER D 10 13.57 -18.71 8.66
C SER D 10 14.29 -17.81 9.64
N LEU D 11 15.61 -17.70 9.48
CA LEU D 11 16.43 -17.14 10.55
C LEU D 11 17.62 -16.42 9.94
N PRO D 12 17.44 -15.13 9.59
CA PRO D 12 18.61 -14.33 9.21
C PRO D 12 19.45 -14.05 10.46
N VAL D 13 20.78 -14.11 10.29
CA VAL D 13 21.71 -13.96 11.41
C VAL D 13 22.87 -13.08 10.97
N ILE D 14 23.25 -12.12 11.81
CA ILE D 14 24.43 -11.33 11.50
C ILE D 14 25.65 -12.20 11.76
N LEU D 15 26.53 -12.31 10.76
CA LEU D 15 27.77 -13.07 10.86
C LEU D 15 28.38 -12.88 12.24
N GLY D 16 28.69 -13.99 12.91
CA GLY D 16 29.31 -13.97 14.24
C GLY D 16 28.33 -13.95 15.41
N GLN D 17 27.09 -13.60 15.18
CA GLN D 17 26.10 -13.64 16.24
C GLN D 17 25.75 -15.09 16.53
N PRO D 18 25.24 -15.37 17.72
CA PRO D 18 24.75 -16.72 18.01
C PRO D 18 23.36 -16.90 17.41
N ALA D 19 22.89 -18.14 17.42
CA ALA D 19 21.59 -18.46 16.83
C ALA D 19 21.04 -19.72 17.48
N SER D 20 19.72 -19.80 17.55
CA SER D 20 19.12 -20.97 18.19
C SER D 20 17.85 -21.36 17.46
N ILE D 21 17.73 -22.64 17.14
CA ILE D 21 16.56 -23.17 16.48
C ILE D 21 15.80 -24.04 17.48
N SER D 22 14.48 -23.91 17.49
CA SER D 22 13.62 -24.65 18.40
C SER D 22 12.88 -25.76 17.66
N CYS D 23 12.81 -26.92 18.30
CA CYS D 23 12.01 -28.05 17.87
C CYS D 23 11.05 -28.36 19.01
N ARG D 24 9.76 -28.19 18.77
CA ARG D 24 8.78 -28.42 19.81
C ARG D 24 8.06 -29.70 19.37
N SER D 25 8.07 -30.70 20.23
CA SER D 25 7.53 -32.02 19.89
C SER D 25 6.11 -32.19 20.41
N SER D 26 5.28 -32.87 19.64
CA SER D 26 3.89 -33.07 20.06
C SER D 26 3.76 -34.16 21.12
N GLN D 27 4.74 -35.04 21.26
CA GLN D 27 4.81 -36.00 22.35
C GLN D 27 6.18 -35.94 22.98
N SER D 28 6.30 -36.52 24.16
CA SER D 28 7.63 -36.65 24.73
C SER D 28 8.35 -37.81 24.03
N LEU D 29 9.67 -37.88 24.24
CA LEU D 29 10.51 -38.68 23.36
C LEU D 29 11.38 -39.68 24.10
N VAL D 30 11.05 -40.01 25.35
CA VAL D 30 11.88 -40.94 26.11
C VAL D 30 11.58 -42.36 25.65
N TYR D 31 12.54 -42.95 24.94
CA TYR D 31 12.44 -44.34 24.52
C TYR D 31 12.72 -45.27 25.70
N SER D 32 12.32 -46.54 25.57
CA SER D 32 12.36 -47.43 26.74
C SER D 32 13.78 -47.78 27.22
N ASP D 33 14.82 -47.47 26.45
CA ASP D 33 16.18 -47.63 26.96
C ASP D 33 16.65 -46.39 27.68
N GLY D 34 15.74 -45.47 27.99
CA GLY D 34 16.06 -44.26 28.69
C GLY D 34 16.49 -43.10 27.83
N ARG D 35 16.89 -43.33 26.58
CA ARG D 35 17.44 -42.25 25.77
C ARG D 35 16.34 -41.49 25.05
N THR D 36 16.69 -40.29 24.59
CA THR D 36 15.82 -39.39 23.84
C THR D 36 16.36 -39.29 22.44
N TYR D 37 15.66 -39.89 21.47
CA TYR D 37 16.26 -40.01 20.14
C TYR D 37 15.84 -38.79 19.35
N LEU D 38 16.53 -37.70 19.58
CA LEU D 38 16.20 -36.42 18.98
C LEU D 38 17.43 -35.92 18.22
N ASN D 39 17.36 -35.88 16.89
CA ASN D 39 18.52 -35.58 16.06
C ASN D 39 18.34 -34.29 15.28
N TRP D 40 19.45 -33.72 14.85
CA TRP D 40 19.45 -32.51 14.05
C TRP D 40 20.27 -32.76 12.79
N PHE D 41 19.77 -32.28 11.65
CA PHE D 41 20.41 -32.47 10.35
C PHE D 41 20.59 -31.14 9.63
N GLN D 42 21.74 -30.99 8.97
CA GLN D 42 22.09 -29.81 8.19
C GLN D 42 22.05 -30.19 6.73
N GLN D 43 21.38 -29.38 5.92
CA GLN D 43 21.38 -29.55 4.47
C GLN D 43 21.94 -28.26 3.85
N ARG D 44 23.22 -28.28 3.51
CA ARG D 44 23.85 -27.15 2.86
C ARG D 44 23.38 -27.11 1.41
N PRO D 45 23.41 -25.94 0.76
CA PRO D 45 22.77 -25.83 -0.55
C PRO D 45 23.48 -26.70 -1.56
N GLY D 46 22.70 -27.48 -2.33
CA GLY D 46 23.26 -28.42 -3.26
C GLY D 46 23.50 -29.82 -2.72
N GLN D 47 23.59 -30.00 -1.40
CA GLN D 47 23.99 -31.30 -0.87
C GLN D 47 22.87 -32.04 -0.13
N SER D 48 23.16 -33.33 0.11
CA SER D 48 22.38 -34.19 0.98
C SER D 48 22.35 -33.66 2.41
N PRO D 49 21.37 -34.04 3.20
CA PRO D 49 21.46 -33.79 4.63
C PRO D 49 22.63 -34.52 5.26
N ARG D 50 23.15 -33.96 6.35
CA ARG D 50 24.19 -34.65 7.08
C ARG D 50 23.92 -34.47 8.56
N ARG D 51 24.39 -35.42 9.36
CA ARG D 51 24.01 -35.46 10.77
C ARG D 51 24.88 -34.49 11.54
N LEU D 52 24.23 -33.56 12.26
CA LEU D 52 24.92 -32.66 13.17
C LEU D 52 24.95 -33.17 14.59
N ILE D 53 23.76 -33.31 15.18
CA ILE D 53 23.56 -33.59 16.59
C ILE D 53 22.64 -34.79 16.69
N TYR D 54 22.90 -35.68 17.65
CA TYR D 54 21.99 -36.79 17.90
C TYR D 54 21.90 -37.03 19.40
N LYS D 55 20.84 -37.72 19.81
CA LYS D 55 20.53 -37.98 21.22
C LYS D 55 20.54 -36.70 22.03
N ILE D 56 19.76 -35.72 21.55
CA ILE D 56 19.71 -34.36 22.08
C ILE D 56 21.03 -33.61 21.93
N SER D 57 22.13 -34.21 22.35
CA SER D 57 23.30 -33.37 22.46
C SER D 57 24.59 -33.96 21.94
N LYS D 58 24.64 -35.21 21.50
CA LYS D 58 25.89 -35.73 20.99
C LYS D 58 26.22 -35.11 19.64
N ARG D 59 27.47 -34.77 19.43
CA ARG D 59 27.91 -34.09 18.22
C ARG D 59 28.50 -35.10 17.29
N ASP D 60 28.08 -35.08 16.02
CA ASP D 60 28.70 -35.90 14.99
C ASP D 60 30.17 -35.50 14.83
N SER D 61 31.00 -36.46 14.43
CA SER D 61 32.43 -36.19 14.58
C SER D 61 33.01 -35.29 13.48
N GLY D 62 32.41 -35.25 12.29
CA GLY D 62 32.88 -34.28 11.32
C GLY D 62 32.43 -32.84 11.54
N VAL D 63 31.91 -32.51 12.73
CA VAL D 63 31.02 -31.38 12.93
C VAL D 63 31.61 -30.47 14.00
N PRO D 64 31.68 -29.16 13.76
CA PRO D 64 32.41 -28.27 14.67
C PRO D 64 31.68 -28.05 15.97
N GLU D 65 32.45 -27.65 16.97
CA GLU D 65 31.95 -27.65 18.34
C GLU D 65 31.07 -26.46 18.65
N ARG D 66 31.03 -25.45 17.78
CA ARG D 66 30.08 -24.37 18.04
C ARG D 66 28.63 -24.80 17.79
N PHE D 67 28.41 -25.97 17.19
CA PHE D 67 27.10 -26.62 17.15
C PHE D 67 26.86 -27.44 18.42
N SER D 68 25.64 -27.37 18.92
CA SER D 68 25.32 -27.67 20.31
C SER D 68 23.83 -27.95 20.43
N GLY D 69 23.46 -28.98 21.21
CA GLY D 69 22.07 -29.33 21.37
C GLY D 69 21.70 -29.36 22.84
N SER D 70 20.40 -29.21 23.10
CA SER D 70 19.92 -29.29 24.46
C SER D 70 18.41 -29.46 24.48
N GLY D 71 17.87 -29.59 25.68
CA GLY D 71 16.45 -29.62 25.87
C GLY D 71 16.00 -30.91 26.53
N SER D 72 14.69 -31.00 26.72
CA SER D 72 14.09 -32.09 27.45
C SER D 72 12.60 -32.05 27.15
N GLY D 73 11.93 -33.16 27.45
CA GLY D 73 10.50 -33.23 27.40
C GLY D 73 10.01 -33.08 25.98
N THR D 74 9.45 -31.91 25.66
CA THR D 74 9.02 -31.65 24.29
C THR D 74 9.65 -30.40 23.68
N ASP D 75 10.68 -29.82 24.31
CA ASP D 75 11.26 -28.56 23.85
C ASP D 75 12.76 -28.77 23.67
N PHE D 76 13.19 -28.84 22.42
CA PHE D 76 14.60 -29.03 22.13
C PHE D 76 15.16 -27.84 21.36
N THR D 77 16.47 -27.63 21.51
CA THR D 77 17.14 -26.50 20.88
C THR D 77 18.45 -26.94 20.29
N LEU D 78 18.69 -26.51 19.06
CA LEU D 78 20.00 -26.54 18.44
C LEU D 78 20.56 -25.14 18.51
N GLU D 79 21.71 -24.97 19.18
CA GLU D 79 22.39 -23.68 19.23
C GLU D 79 23.63 -23.66 18.35
N ILE D 80 23.89 -22.49 17.77
CA ILE D 80 25.14 -22.19 17.09
C ILE D 80 25.69 -20.94 17.77
N SER D 81 26.89 -21.03 18.34
CA SER D 81 27.42 -19.92 19.14
C SER D 81 27.98 -18.80 18.27
N ARG D 82 28.79 -19.12 17.26
CA ARG D 82 29.26 -18.18 16.25
C ARG D 82 28.69 -18.67 14.93
N VAL D 83 27.82 -17.89 14.32
CA VAL D 83 27.36 -18.27 12.98
C VAL D 83 28.34 -17.73 11.94
N GLU D 84 28.65 -18.55 10.96
CA GLU D 84 29.73 -18.33 10.01
C GLU D 84 29.21 -18.65 8.62
N ALA D 85 29.95 -18.18 7.60
CA ALA D 85 29.41 -18.22 6.24
C ALA D 85 29.03 -19.64 5.82
N GLU D 86 29.73 -20.64 6.33
CA GLU D 86 29.51 -22.03 5.96
C GLU D 86 28.32 -22.66 6.68
N ASP D 87 27.61 -21.90 7.51
CA ASP D 87 26.46 -22.44 8.21
C ASP D 87 25.15 -22.27 7.48
N VAL D 88 25.13 -21.61 6.32
CA VAL D 88 23.84 -21.40 5.68
C VAL D 88 23.33 -22.74 5.18
N GLY D 89 22.03 -22.84 5.10
CA GLY D 89 21.40 -24.08 4.70
C GLY D 89 20.20 -24.33 5.55
N ILE D 90 19.63 -25.54 5.41
CA ILE D 90 18.43 -25.90 6.15
C ILE D 90 18.84 -26.79 7.30
N TYR D 91 18.12 -26.66 8.42
CA TYR D 91 18.34 -27.52 9.58
C TYR D 91 17.01 -28.19 9.94
N TYR D 92 17.04 -29.52 10.07
CA TYR D 92 15.85 -30.31 10.40
C TYR D 92 16.06 -31.04 11.73
N CYS D 93 15.06 -31.02 12.59
CA CYS D 93 15.09 -31.96 13.69
C CYS D 93 14.35 -33.23 13.27
N MET D 94 14.63 -34.30 14.00
CA MET D 94 14.09 -35.61 13.67
C MET D 94 13.95 -36.36 14.98
N GLN D 95 12.89 -37.14 15.12
CA GLN D 95 12.68 -37.92 16.33
C GLN D 95 12.61 -39.40 15.95
N GLY D 96 13.14 -40.23 16.82
CA GLY D 96 13.20 -41.64 16.52
C GLY D 96 12.72 -42.46 17.69
N SER D 97 12.04 -41.82 18.63
CA SER D 97 11.49 -42.58 19.74
C SER D 97 10.16 -43.24 19.41
N HIS D 98 9.35 -42.63 18.58
CA HIS D 98 8.09 -43.23 18.15
C HIS D 98 8.14 -43.61 16.68
N TRP D 99 7.23 -44.44 16.30
CA TRP D 99 7.18 -45.01 14.97
C TRP D 99 6.09 -44.34 14.14
N PRO D 100 6.35 -43.91 12.91
CA PRO D 100 7.61 -43.87 12.15
C PRO D 100 8.48 -42.70 12.58
N VAL D 101 9.76 -42.68 12.20
CA VAL D 101 10.56 -41.51 12.52
C VAL D 101 9.99 -40.36 11.71
N THR D 102 10.03 -39.16 12.27
CA THR D 102 9.48 -37.99 11.60
C THR D 102 10.46 -36.83 11.65
N PHE D 103 10.32 -35.90 10.70
CA PHE D 103 11.16 -34.72 10.55
C PHE D 103 10.31 -33.46 10.63
N GLY D 104 10.92 -32.35 11.07
CA GLY D 104 10.27 -31.05 11.01
C GLY D 104 10.36 -30.40 9.64
N GLN D 105 9.59 -29.32 9.44
CA GLN D 105 9.58 -28.60 8.16
C GLN D 105 10.99 -28.28 7.68
N GLY D 106 11.88 -27.93 8.62
CA GLY D 106 13.18 -27.40 8.27
C GLY D 106 13.25 -25.89 8.46
N THR D 107 14.41 -25.42 8.93
CA THR D 107 14.65 -24.01 9.22
C THR D 107 15.79 -23.54 8.34
N LYS D 108 15.57 -22.44 7.62
CA LYS D 108 16.57 -21.90 6.70
C LYS D 108 17.36 -20.79 7.38
N VAL D 109 18.68 -20.97 7.48
CA VAL D 109 19.58 -20.00 8.08
C VAL D 109 20.26 -19.18 6.99
N GLU D 110 20.22 -17.84 7.15
CA GLU D 110 20.73 -16.88 6.18
C GLU D 110 21.69 -15.94 6.88
N ILE D 111 22.71 -15.47 6.16
CA ILE D 111 23.71 -14.61 6.77
C ILE D 111 23.42 -13.17 6.41
N LYS D 112 23.27 -12.35 7.40
CA LYS D 112 23.23 -10.97 7.05
C LYS D 112 24.69 -10.47 7.16
N ARG D 113 25.22 -9.97 6.03
CA ARG D 113 26.59 -9.47 6.00
C ARG D 113 26.52 -8.02 5.53
N THR D 114 27.70 -7.45 5.36
CA THR D 114 27.80 -6.08 4.88
C THR D 114 27.37 -5.99 3.41
N VAL D 115 26.87 -4.81 3.03
CA VAL D 115 26.47 -4.55 1.65
C VAL D 115 27.62 -4.83 0.67
N ALA D 116 27.25 -5.36 -0.51
CA ALA D 116 28.16 -5.57 -1.64
C ALA D 116 27.41 -5.34 -2.94
N ALA D 117 27.99 -4.56 -3.84
CA ALA D 117 27.32 -4.17 -5.08
C ALA D 117 27.42 -5.29 -6.13
N PRO D 118 26.46 -5.35 -7.06
CA PRO D 118 26.54 -6.35 -8.14
C PRO D 118 27.52 -5.94 -9.24
N SER D 119 28.38 -6.88 -9.63
CA SER D 119 28.96 -6.86 -10.98
C SER D 119 27.89 -7.26 -11.98
N VAL D 120 27.74 -6.48 -13.04
CA VAL D 120 26.71 -6.74 -14.04
C VAL D 120 27.36 -7.08 -15.37
N PHE D 121 26.79 -8.09 -16.04
CA PHE D 121 27.22 -8.58 -17.34
C PHE D 121 25.98 -8.82 -18.18
N ILE D 122 26.06 -8.52 -19.49
CA ILE D 122 24.98 -8.85 -20.41
C ILE D 122 25.50 -9.79 -21.51
N PHE D 123 24.63 -10.66 -21.99
CA PHE D 123 24.99 -11.66 -22.99
C PHE D 123 23.99 -11.62 -24.13
N PRO D 124 24.41 -11.35 -25.36
CA PRO D 124 23.51 -11.48 -26.52
C PRO D 124 23.11 -12.93 -26.69
N PRO D 125 22.01 -13.20 -27.36
CA PRO D 125 21.73 -14.60 -27.73
C PRO D 125 22.69 -15.07 -28.81
N SER D 126 23.18 -16.30 -28.65
CA SER D 126 24.02 -16.92 -29.66
C SER D 126 23.30 -16.99 -31.02
N ASP D 127 24.09 -17.14 -32.08
CA ASP D 127 23.46 -17.29 -33.39
C ASP D 127 22.75 -18.63 -33.52
N GLU D 128 23.29 -19.68 -32.89
CA GLU D 128 22.70 -21.01 -32.92
C GLU D 128 21.27 -21.01 -32.37
N GLN D 129 21.00 -20.20 -31.35
CA GLN D 129 19.66 -20.21 -30.80
C GLN D 129 18.68 -19.58 -31.79
N LEU D 130 19.02 -18.39 -32.30
CA LEU D 130 18.11 -17.71 -33.23
C LEU D 130 17.70 -18.64 -34.37
N LYS D 131 18.58 -19.56 -34.77
CA LYS D 131 18.30 -20.46 -35.88
C LYS D 131 17.08 -21.32 -35.59
N SER D 132 16.88 -21.67 -34.31
CA SER D 132 15.72 -22.45 -33.88
C SER D 132 14.46 -21.61 -33.74
N GLY D 133 14.59 -20.30 -33.53
CA GLY D 133 13.44 -19.41 -33.54
C GLY D 133 13.31 -18.44 -32.37
N THR D 134 14.10 -18.61 -31.32
CA THR D 134 13.96 -17.84 -30.10
C THR D 134 15.25 -17.07 -29.81
N ALA D 135 15.12 -16.02 -29.02
CA ALA D 135 16.28 -15.26 -28.56
C ALA D 135 16.17 -15.08 -27.06
N SER D 136 17.16 -15.58 -26.34
CA SER D 136 17.30 -15.35 -24.92
C SER D 136 18.44 -14.37 -24.71
N VAL D 137 18.15 -13.25 -24.06
CA VAL D 137 19.16 -12.32 -23.60
C VAL D 137 19.27 -12.51 -22.10
N VAL D 138 20.49 -12.51 -21.57
CA VAL D 138 20.75 -12.91 -20.20
C VAL D 138 21.55 -11.83 -19.48
N CYS D 139 20.98 -11.28 -18.42
CA CYS D 139 21.67 -10.34 -17.55
C CYS D 139 22.14 -11.11 -16.31
N LEU D 140 23.40 -10.95 -15.94
CA LEU D 140 23.97 -11.60 -14.77
C LEU D 140 24.39 -10.56 -13.72
N LEU D 141 23.79 -10.66 -12.54
CA LEU D 141 24.20 -9.86 -11.38
C LEU D 141 25.02 -10.78 -10.49
N ASN D 142 26.29 -10.47 -10.30
CA ASN D 142 27.22 -11.40 -9.68
C ASN D 142 27.66 -10.90 -8.30
N ASN D 143 27.60 -11.80 -7.31
CA ASN D 143 28.19 -11.63 -5.98
C ASN D 143 27.78 -10.30 -5.30
N PHE D 144 26.51 -10.23 -4.87
CA PHE D 144 25.99 -9.07 -4.18
C PHE D 144 25.25 -9.46 -2.91
N TYR D 145 25.05 -8.46 -2.02
CA TYR D 145 24.24 -8.54 -0.80
C TYR D 145 23.78 -7.14 -0.47
N PRO D 146 22.54 -6.95 0.00
CA PRO D 146 21.47 -7.88 0.30
C PRO D 146 20.89 -8.46 -0.96
N ARG D 147 19.90 -9.33 -0.78
CA ARG D 147 19.33 -10.05 -1.90
C ARG D 147 18.39 -9.19 -2.76
N GLU D 148 17.97 -8.02 -2.29
CA GLU D 148 16.96 -7.23 -3.00
C GLU D 148 17.61 -6.46 -4.15
N ALA D 149 17.15 -6.74 -5.38
CA ALA D 149 17.70 -6.11 -6.58
C ALA D 149 16.61 -5.96 -7.62
N LYS D 150 16.64 -4.86 -8.36
CA LYS D 150 15.67 -4.60 -9.43
C LYS D 150 16.37 -4.65 -10.78
N VAL D 151 15.80 -5.38 -11.74
CA VAL D 151 16.40 -5.55 -13.07
C VAL D 151 15.40 -5.11 -14.13
N GLN D 152 15.71 -3.98 -14.77
CA GLN D 152 14.90 -3.33 -15.80
C GLN D 152 15.47 -3.70 -17.16
N TRP D 153 14.67 -4.30 -18.04
CA TRP D 153 15.13 -4.61 -19.39
C TRP D 153 14.69 -3.53 -20.38
N LYS D 154 15.63 -3.02 -21.17
CA LYS D 154 15.35 -1.98 -22.16
C LYS D 154 15.71 -2.44 -23.56
N VAL D 155 14.78 -2.29 -24.51
CA VAL D 155 14.98 -2.66 -25.90
C VAL D 155 14.75 -1.41 -26.75
N ASP D 156 15.83 -0.91 -27.36
CA ASP D 156 15.80 0.37 -28.07
C ASP D 156 15.25 1.48 -27.17
N ASN D 157 15.66 1.42 -25.89
CA ASN D 157 15.34 2.33 -24.80
C ASN D 157 13.89 2.19 -24.30
N ALA D 158 13.17 1.17 -24.75
CA ALA D 158 11.79 0.94 -24.35
C ALA D 158 11.73 -0.15 -23.28
N LEU D 159 11.11 0.16 -22.15
CA LEU D 159 11.07 -0.77 -21.02
C LEU D 159 10.20 -2.00 -21.33
N GLN D 160 10.52 -3.13 -20.66
CA GLN D 160 9.96 -4.44 -20.97
C GLN D 160 9.16 -4.99 -19.79
N SER D 161 8.15 -5.79 -20.09
CA SER D 161 7.16 -6.23 -19.10
C SER D 161 6.63 -7.60 -19.49
N GLY D 162 6.90 -8.60 -18.64
CA GLY D 162 6.23 -9.88 -18.74
C GLY D 162 6.92 -10.93 -19.57
N ASN D 163 8.10 -10.65 -20.13
CA ASN D 163 8.84 -11.59 -20.95
C ASN D 163 10.20 -11.95 -20.38
N SER D 164 10.45 -11.62 -19.11
CA SER D 164 11.67 -12.00 -18.43
C SER D 164 11.36 -12.89 -17.23
N GLN D 165 12.36 -13.66 -16.80
CA GLN D 165 12.30 -14.46 -15.58
C GLN D 165 13.60 -14.32 -14.81
N GLU D 166 13.51 -14.30 -13.49
CA GLU D 166 14.68 -14.20 -12.65
C GLU D 166 14.90 -15.49 -11.89
N SER D 167 16.13 -15.65 -11.43
CA SER D 167 16.61 -16.86 -10.78
C SER D 167 17.82 -16.47 -9.96
N VAL D 168 17.86 -16.91 -8.71
CA VAL D 168 18.86 -16.47 -7.75
C VAL D 168 19.47 -17.68 -7.06
N THR D 169 20.79 -17.70 -6.93
CA THR D 169 21.46 -18.76 -6.20
C THR D 169 21.16 -18.66 -4.72
N GLU D 170 21.37 -19.78 -4.04
CA GLU D 170 21.44 -19.76 -2.59
C GLU D 170 22.71 -19.03 -2.16
N GLN D 171 22.67 -18.51 -0.94
CA GLN D 171 23.79 -17.74 -0.42
C GLN D 171 25.10 -18.52 -0.52
N ASP D 172 26.16 -17.82 -0.90
CA ASP D 172 27.46 -18.46 -1.10
C ASP D 172 28.07 -18.92 0.22
N SER D 173 28.71 -20.09 0.19
CA SER D 173 29.28 -20.67 1.40
C SER D 173 30.51 -19.93 1.91
N LYS D 174 31.26 -19.25 1.04
CA LYS D 174 32.46 -18.57 1.53
C LYS D 174 32.29 -17.07 1.74
N ASP D 175 31.55 -16.35 0.90
CA ASP D 175 31.45 -14.90 1.05
C ASP D 175 30.04 -14.40 1.33
N SER D 176 29.06 -15.28 1.48
CA SER D 176 27.70 -14.94 1.89
C SER D 176 26.99 -14.01 0.91
N THR D 177 27.40 -14.01 -0.36
CA THR D 177 26.72 -13.19 -1.36
C THR D 177 25.76 -14.02 -2.22
N TYR D 178 24.84 -13.31 -2.87
CA TYR D 178 23.92 -13.88 -3.83
C TYR D 178 24.39 -13.58 -5.25
N SER D 179 23.80 -14.30 -6.21
CA SER D 179 24.00 -14.04 -7.63
C SER D 179 22.67 -14.26 -8.33
N LEU D 180 22.40 -13.47 -9.37
CA LEU D 180 21.08 -13.44 -9.97
C LEU D 180 21.21 -13.39 -11.48
N SER D 181 20.32 -14.11 -12.16
CA SER D 181 20.28 -14.15 -13.61
C SER D 181 18.87 -13.76 -14.05
N SER D 182 18.81 -12.81 -14.97
CA SER D 182 17.56 -12.36 -15.57
C SER D 182 17.62 -12.69 -17.05
N THR D 183 16.60 -13.39 -17.55
CA THR D 183 16.57 -13.84 -18.93
C THR D 183 15.39 -13.22 -19.65
N LEU D 184 15.68 -12.41 -20.67
CA LEU D 184 14.66 -11.82 -21.52
C LEU D 184 14.43 -12.72 -22.74
N THR D 185 13.18 -13.09 -22.99
CA THR D 185 12.87 -14.08 -24.03
C THR D 185 12.03 -13.42 -25.11
N LEU D 186 12.58 -13.41 -26.33
CA LEU D 186 12.01 -12.77 -27.50
C LEU D 186 11.96 -13.77 -28.66
N SER D 187 11.06 -13.51 -29.59
CA SER D 187 11.09 -14.22 -30.86
C SER D 187 12.23 -13.68 -31.71
N LYS D 188 12.74 -14.52 -32.61
CA LYS D 188 13.78 -14.04 -33.52
C LYS D 188 13.29 -12.84 -34.32
N ALA D 189 12.02 -12.88 -34.78
CA ALA D 189 11.48 -11.80 -35.60
C ALA D 189 11.71 -10.42 -34.97
N ASP D 190 11.27 -10.24 -33.72
CA ASP D 190 11.38 -8.91 -33.11
C ASP D 190 12.73 -8.66 -32.46
N TYR D 191 13.47 -9.70 -32.08
CA TYR D 191 14.87 -9.47 -31.70
C TYR D 191 15.62 -8.81 -32.85
N GLU D 192 15.31 -9.19 -34.09
CA GLU D 192 15.98 -8.64 -35.28
C GLU D 192 15.52 -7.24 -35.66
N LYS D 193 14.40 -6.75 -35.13
CA LYS D 193 13.98 -5.40 -35.49
C LYS D 193 14.39 -4.35 -34.46
N HIS D 194 15.33 -4.66 -33.58
CA HIS D 194 15.82 -3.69 -32.62
C HIS D 194 17.33 -3.80 -32.53
N LYS D 195 17.98 -2.70 -32.15
CA LYS D 195 19.44 -2.65 -32.08
C LYS D 195 19.95 -2.75 -30.65
N VAL D 196 19.56 -1.83 -29.78
CA VAL D 196 20.21 -1.70 -28.48
C VAL D 196 19.43 -2.48 -27.43
N TYR D 197 20.11 -3.46 -26.83
CA TYR D 197 19.57 -4.27 -25.75
C TYR D 197 20.33 -3.94 -24.47
N ALA D 198 19.62 -3.61 -23.38
CA ALA D 198 20.23 -3.19 -22.13
C ALA D 198 19.44 -3.65 -20.91
N CYS D 199 20.16 -4.05 -19.87
CA CYS D 199 19.57 -4.22 -18.55
C CYS D 199 20.15 -3.18 -17.60
N GLU D 200 19.28 -2.67 -16.72
CA GLU D 200 19.60 -1.60 -15.79
C GLU D 200 19.35 -2.12 -14.38
N VAL D 201 20.37 -2.08 -13.53
CA VAL D 201 20.32 -2.65 -12.20
C VAL D 201 20.27 -1.54 -11.16
N THR D 202 19.23 -1.54 -10.33
CA THR D 202 19.23 -0.80 -9.08
C THR D 202 19.55 -1.76 -7.92
N HIS D 203 20.44 -1.32 -7.02
CA HIS D 203 20.80 -2.10 -5.84
C HIS D 203 21.31 -1.15 -4.77
N GLN D 204 20.97 -1.48 -3.52
CA GLN D 204 21.42 -0.76 -2.33
C GLN D 204 22.89 -0.34 -2.38
N GLY D 205 23.74 -1.17 -2.98
CA GLY D 205 25.15 -0.84 -2.99
C GLY D 205 25.63 -0.07 -4.20
N LEU D 206 24.71 0.45 -5.03
CA LEU D 206 25.08 1.31 -6.15
C LEU D 206 24.48 2.69 -5.95
N SER D 207 25.31 3.71 -6.11
CA SER D 207 24.85 5.10 -6.04
C SER D 207 23.77 5.35 -7.07
N SER D 208 24.13 5.20 -8.34
CA SER D 208 23.35 5.33 -9.55
C SER D 208 23.10 3.95 -10.15
N PRO D 209 21.91 3.72 -10.71
CA PRO D 209 21.69 2.49 -11.48
C PRO D 209 22.78 2.27 -12.53
N VAL D 210 23.30 1.04 -12.56
CA VAL D 210 24.30 0.60 -13.53
C VAL D 210 23.57 0.05 -14.75
N THR D 211 24.09 0.36 -15.95
CA THR D 211 23.58 -0.20 -17.21
C THR D 211 24.70 -0.88 -17.98
N LYS D 212 24.41 -2.08 -18.46
CA LYS D 212 25.26 -2.76 -19.41
C LYS D 212 24.41 -3.06 -20.65
N SER D 213 25.02 -2.98 -21.83
CA SER D 213 24.24 -3.17 -23.05
C SER D 213 25.16 -3.57 -24.20
N PHE D 214 24.54 -4.04 -25.27
CA PHE D 214 25.22 -4.35 -26.53
C PHE D 214 24.35 -3.93 -27.71
N ASN D 215 24.96 -3.84 -28.89
CA ASN D 215 24.28 -3.57 -30.14
C ASN D 215 24.20 -4.86 -30.94
N ARG D 216 23.03 -5.12 -31.55
CA ARG D 216 22.77 -6.46 -32.09
C ARG D 216 23.78 -6.86 -33.18
N GLY D 217 24.02 -6.01 -34.18
CA GLY D 217 24.93 -6.43 -35.24
C GLY D 217 26.32 -6.74 -34.73
N GLU D 218 26.77 -5.96 -33.73
CA GLU D 218 27.94 -6.15 -32.89
C GLU D 218 28.12 -7.43 -32.01
N GLN E 1 36.64 -43.68 4.54
CA GLN E 1 35.39 -43.10 5.02
C GLN E 1 34.17 -43.61 4.22
N VAL E 2 33.00 -43.42 4.81
CA VAL E 2 31.76 -44.00 4.29
C VAL E 2 31.32 -43.31 3.00
N GLN E 3 31.06 -44.10 1.97
CA GLN E 3 30.55 -43.61 0.70
C GLN E 3 29.30 -44.41 0.37
N LEU E 4 28.24 -43.73 -0.05
CA LEU E 4 27.00 -44.38 -0.47
C LEU E 4 26.63 -43.79 -1.80
N VAL E 5 26.72 -44.59 -2.85
CA VAL E 5 26.61 -44.05 -4.19
C VAL E 5 25.36 -44.67 -4.79
N GLU E 6 24.36 -43.87 -5.00
CA GLU E 6 23.07 -44.38 -5.42
C GLU E 6 22.75 -43.94 -6.84
N SER E 7 22.21 -44.87 -7.60
CA SER E 7 21.78 -44.63 -8.96
C SER E 7 20.37 -45.14 -9.11
N GLY E 8 19.85 -44.98 -10.31
CA GLY E 8 18.61 -45.63 -10.69
C GLY E 8 17.46 -44.69 -10.91
N GLY E 9 17.63 -43.40 -10.64
CA GLY E 9 16.50 -42.49 -10.68
C GLY E 9 15.98 -42.18 -12.07
N GLY E 10 15.23 -41.09 -12.18
CA GLY E 10 14.75 -40.58 -13.44
C GLY E 10 13.24 -40.50 -13.52
N LEU E 11 12.78 -40.31 -14.76
CA LEU E 11 11.38 -40.15 -15.13
C LEU E 11 10.66 -41.51 -15.20
N VAL E 12 9.42 -41.56 -14.72
CA VAL E 12 8.66 -42.81 -14.71
C VAL E 12 7.18 -42.50 -14.84
N LYS E 13 6.49 -43.33 -15.62
CA LYS E 13 5.07 -43.12 -15.88
C LYS E 13 4.26 -43.48 -14.64
N PRO E 14 3.18 -42.75 -14.36
CA PRO E 14 2.29 -43.15 -13.24
C PRO E 14 1.91 -44.62 -13.36
N GLY E 15 1.98 -45.32 -12.26
CA GLY E 15 1.73 -46.75 -12.26
C GLY E 15 2.93 -47.58 -12.63
N GLY E 16 4.02 -46.95 -13.08
CA GLY E 16 5.19 -47.67 -13.50
C GLY E 16 6.01 -48.21 -12.34
N SER E 17 7.24 -48.59 -12.66
CA SER E 17 8.12 -49.21 -11.68
C SER E 17 9.53 -48.67 -11.87
N LEU E 18 10.36 -48.86 -10.85
CA LEU E 18 11.69 -48.29 -10.87
C LEU E 18 12.54 -48.98 -9.81
N ARG E 19 13.85 -49.02 -10.05
CA ARG E 19 14.78 -49.68 -9.14
C ARG E 19 15.94 -48.77 -8.77
N LEU E 20 16.03 -48.39 -7.50
CA LEU E 20 17.11 -47.56 -6.99
C LEU E 20 18.16 -48.47 -6.37
N SER E 21 19.41 -48.25 -6.74
CA SER E 21 20.55 -48.99 -6.18
C SER E 21 21.32 -48.08 -5.24
N CYS E 22 21.95 -48.69 -4.27
CA CYS E 22 22.90 -48.00 -3.41
C CYS E 22 24.07 -48.95 -3.23
N VAL E 23 25.22 -48.58 -3.78
CA VAL E 23 26.47 -49.31 -3.56
C VAL E 23 27.25 -48.56 -2.50
N SER E 24 27.56 -49.22 -1.41
CA SER E 24 28.27 -48.59 -0.32
C SER E 24 29.75 -49.00 -0.32
N SER E 25 30.56 -48.18 0.34
CA SER E 25 31.97 -48.49 0.49
C SER E 25 32.50 -47.81 1.76
N GLY E 26 33.59 -48.34 2.29
CA GLY E 26 34.24 -47.71 3.42
C GLY E 26 33.80 -48.15 4.79
N PHE E 27 32.94 -49.17 4.88
CA PHE E 27 32.53 -49.75 6.16
C PHE E 27 32.09 -51.17 5.90
N THR E 28 31.74 -51.87 6.97
CA THR E 28 31.37 -53.29 6.87
C THR E 28 29.87 -53.39 6.70
N PHE E 29 29.44 -53.47 5.45
CA PHE E 29 28.02 -53.38 5.07
C PHE E 29 27.13 -54.24 5.95
N SER E 30 27.45 -55.53 6.09
CA SER E 30 26.57 -56.48 6.75
C SER E 30 26.43 -56.25 8.26
N ASN E 31 27.02 -55.20 8.82
CA ASN E 31 26.89 -54.89 10.23
C ASN E 31 25.77 -53.89 10.54
N TYR E 32 25.24 -53.20 9.52
CA TYR E 32 24.39 -52.04 9.73
C TYR E 32 22.99 -52.24 9.15
N TRP E 33 21.99 -51.81 9.91
CA TRP E 33 20.70 -51.53 9.30
C TRP E 33 20.88 -50.44 8.25
N MET E 34 20.01 -50.42 7.26
CA MET E 34 20.04 -49.42 6.20
C MET E 34 18.63 -48.89 6.03
N SER E 35 18.53 -47.66 5.53
CA SER E 35 17.23 -47.03 5.43
C SER E 35 17.13 -46.11 4.22
N TRP E 36 15.90 -45.89 3.77
CA TRP E 36 15.60 -44.99 2.66
C TRP E 36 14.75 -43.84 3.18
N VAL E 37 15.14 -42.62 2.81
CA VAL E 37 14.43 -41.41 3.18
C VAL E 37 14.25 -40.64 1.90
N ARG E 38 13.12 -39.98 1.76
CA ARG E 38 12.87 -39.23 0.54
C ARG E 38 12.50 -37.81 0.91
N GLN E 39 12.83 -36.91 -0.01
CA GLN E 39 12.62 -35.48 0.13
C GLN E 39 11.76 -35.00 -1.02
N ALA E 40 10.60 -34.45 -0.70
CA ALA E 40 9.68 -34.03 -1.74
C ALA E 40 10.07 -32.66 -2.25
N PRO E 41 9.47 -32.19 -3.35
CA PRO E 41 9.49 -30.75 -3.62
C PRO E 41 8.82 -29.98 -2.50
N GLY E 42 9.48 -28.91 -2.06
CA GLY E 42 9.03 -28.22 -0.89
C GLY E 42 10.09 -28.36 0.16
N GLY E 43 10.71 -29.53 0.18
CA GLY E 43 11.80 -29.80 1.09
C GLY E 43 11.50 -30.84 2.15
N GLY E 44 10.22 -31.23 2.32
CA GLY E 44 9.85 -32.15 3.38
C GLY E 44 10.55 -33.50 3.37
N LEU E 45 11.12 -33.90 4.49
CA LEU E 45 11.78 -35.19 4.60
C LEU E 45 10.82 -36.21 5.21
N GLU E 46 10.70 -37.36 4.56
CA GLU E 46 9.86 -38.45 5.06
C GLU E 46 10.66 -39.75 5.05
N TRP E 47 10.60 -40.50 6.16
CA TRP E 47 11.23 -41.82 6.17
C TRP E 47 10.37 -42.79 5.37
N VAL E 48 11.03 -43.78 4.74
CA VAL E 48 10.39 -44.64 3.75
C VAL E 48 10.52 -46.12 4.11
N ALA E 49 11.72 -46.59 4.41
CA ALA E 49 11.89 -48.02 4.64
C ALA E 49 13.14 -48.31 5.47
N ASN E 50 13.10 -49.43 6.22
CA ASN E 50 14.25 -49.98 6.94
C ASN E 50 14.50 -51.42 6.51
N ILE E 51 15.76 -51.82 6.44
CA ILE E 51 16.09 -53.24 6.27
C ILE E 51 17.19 -53.58 7.26
N ASN E 52 17.15 -54.79 7.83
CA ASN E 52 18.19 -55.16 8.80
C ASN E 52 19.42 -55.75 8.11
N GLN E 53 20.35 -56.26 8.93
CA GLN E 53 21.70 -56.57 8.46
C GLN E 53 21.67 -57.61 7.33
N ASP E 54 20.75 -58.58 7.38
CA ASP E 54 20.70 -59.63 6.37
C ASP E 54 19.42 -59.66 5.54
N GLY E 55 18.44 -58.79 5.82
CA GLY E 55 17.22 -58.77 5.05
C GLY E 55 16.04 -59.51 5.65
N SER E 56 16.17 -60.01 6.88
CA SER E 56 15.09 -60.76 7.52
C SER E 56 13.92 -59.84 7.85
N GLU E 57 14.21 -58.69 8.47
CA GLU E 57 13.19 -57.69 8.79
C GLU E 57 13.26 -56.52 7.81
N LYS E 58 12.10 -56.11 7.32
CA LYS E 58 11.99 -54.96 6.44
C LYS E 58 10.78 -54.16 6.91
N TYR E 59 10.91 -52.84 7.01
CA TYR E 59 9.77 -52.04 7.43
C TYR E 59 9.63 -50.84 6.53
N TYR E 60 8.38 -50.39 6.36
CA TYR E 60 7.96 -49.43 5.36
C TYR E 60 6.99 -48.45 5.97
N VAL E 61 7.11 -47.18 5.58
CA VAL E 61 6.10 -46.20 5.92
C VAL E 61 4.76 -46.60 5.28
N ASP E 62 3.67 -46.20 5.92
CA ASP E 62 2.34 -46.72 5.58
C ASP E 62 2.02 -46.48 4.12
N SER E 63 2.30 -45.28 3.60
CA SER E 63 1.83 -44.97 2.26
C SER E 63 2.60 -45.72 1.16
N VAL E 64 3.62 -46.51 1.47
CA VAL E 64 4.36 -47.28 0.47
C VAL E 64 4.23 -48.79 0.70
N LYS E 65 3.56 -49.23 1.75
CA LYS E 65 3.40 -50.66 1.95
C LYS E 65 2.69 -51.32 0.78
N GLY E 66 3.17 -52.50 0.41
CA GLY E 66 2.56 -53.21 -0.69
C GLY E 66 2.75 -52.52 -2.02
N ARG E 67 3.58 -51.48 -2.06
CA ARG E 67 4.01 -50.90 -3.32
C ARG E 67 5.52 -50.92 -3.46
N PHE E 68 6.27 -50.59 -2.40
CA PHE E 68 7.72 -50.62 -2.47
C PHE E 68 8.23 -51.84 -1.73
N THR E 69 9.33 -52.41 -2.21
CA THR E 69 10.06 -53.41 -1.44
C THR E 69 11.54 -53.11 -1.54
N SER E 70 12.28 -53.48 -0.52
CA SER E 70 13.71 -53.23 -0.45
C SER E 70 14.45 -54.55 -0.33
N SER E 71 15.76 -54.54 -0.60
CA SER E 71 16.55 -55.74 -0.42
C SER E 71 18.03 -55.39 -0.32
N ARG E 72 18.83 -56.43 -0.09
CA ARG E 72 20.26 -56.33 0.13
C ARG E 72 20.99 -57.41 -0.63
N ASP E 73 22.24 -57.13 -0.98
CA ASP E 73 23.19 -58.17 -1.38
C ASP E 73 24.49 -57.85 -0.62
N ASN E 74 24.68 -58.51 0.53
CA ASN E 74 25.81 -58.12 1.37
C ASN E 74 27.15 -58.45 0.71
N THR E 75 27.21 -59.54 -0.05
CA THR E 75 28.43 -59.90 -0.79
C THR E 75 28.77 -58.90 -1.89
N LYS E 76 27.91 -57.93 -2.19
CA LYS E 76 28.21 -56.88 -3.16
C LYS E 76 28.00 -55.48 -2.61
N ASN E 77 27.76 -55.35 -1.30
CA ASN E 77 27.62 -54.04 -0.64
C ASN E 77 26.50 -53.22 -1.27
N SER E 78 25.44 -53.88 -1.69
CA SER E 78 24.39 -53.19 -2.41
C SER E 78 23.06 -53.27 -1.69
N LEU E 79 22.31 -52.20 -1.84
CA LEU E 79 21.01 -51.99 -1.25
C LEU E 79 20.07 -51.61 -2.37
N PHE E 80 18.87 -52.16 -2.38
CA PHE E 80 17.93 -51.88 -3.46
C PHE E 80 16.60 -51.43 -2.88
N LEU E 81 15.97 -50.49 -3.57
CA LEU E 81 14.59 -50.10 -3.29
C LEU E 81 13.83 -50.32 -4.57
N GLN E 82 12.89 -51.27 -4.54
CA GLN E 82 12.03 -51.59 -5.67
C GLN E 82 10.75 -50.77 -5.57
N LEU E 83 10.60 -49.77 -6.45
CA LEU E 83 9.40 -48.94 -6.48
C LEU E 83 8.41 -49.50 -7.48
N ASN E 84 7.12 -49.45 -7.15
CA ASN E 84 6.05 -50.03 -7.96
C ASN E 84 4.80 -49.21 -7.72
N SER E 85 3.81 -49.36 -8.61
CA SER E 85 2.55 -48.65 -8.48
C SER E 85 2.76 -47.15 -8.23
N LEU E 86 3.74 -46.57 -8.91
CA LEU E 86 4.12 -45.19 -8.59
C LEU E 86 3.01 -44.20 -8.94
N ARG E 87 2.95 -43.13 -8.16
CA ARG E 87 1.98 -42.06 -8.33
C ARG E 87 2.63 -40.75 -7.88
N ALA E 88 1.95 -39.63 -8.18
CA ALA E 88 2.56 -38.30 -8.12
C ALA E 88 3.27 -38.01 -6.80
N GLU E 89 2.64 -38.38 -5.68
CA GLU E 89 3.18 -38.13 -4.34
C GLU E 89 4.49 -38.87 -4.09
N ASP E 90 4.96 -39.71 -5.03
CA ASP E 90 6.23 -40.40 -4.87
C ASP E 90 7.43 -39.59 -5.38
N THR E 91 7.18 -38.46 -6.04
CA THR E 91 8.27 -37.67 -6.61
C THR E 91 9.19 -37.13 -5.53
N GLY E 92 10.48 -37.18 -5.80
CA GLY E 92 11.44 -36.45 -5.00
C GLY E 92 12.77 -37.17 -4.99
N ILE E 93 13.63 -36.69 -4.12
CA ILE E 93 14.95 -37.28 -4.01
C ILE E 93 14.89 -38.44 -3.02
N TYR E 94 15.50 -39.54 -3.39
CA TYR E 94 15.58 -40.71 -2.53
C TYR E 94 17.02 -40.90 -2.11
N TYR E 95 17.23 -40.96 -0.80
CA TYR E 95 18.56 -41.16 -0.23
C TYR E 95 18.62 -42.51 0.46
N CYS E 96 19.69 -43.27 0.20
CA CYS E 96 20.03 -44.32 1.14
C CYS E 96 20.77 -43.70 2.32
N THR E 97 20.57 -44.28 3.49
CA THR E 97 21.18 -43.79 4.71
C THR E 97 21.61 -44.99 5.51
N ARG E 98 22.66 -44.82 6.28
CA ARG E 98 23.17 -45.90 7.12
C ARG E 98 22.66 -45.73 8.54
N ASP E 99 22.14 -46.80 9.10
CA ASP E 99 21.88 -46.95 10.51
C ASP E 99 20.77 -46.02 11.01
N PRO E 100 19.52 -46.32 10.69
CA PRO E 100 18.42 -45.67 11.41
C PRO E 100 18.43 -46.15 12.87
N PRO E 101 17.88 -45.33 13.79
CA PRO E 101 17.32 -44.01 13.61
C PRO E 101 18.37 -42.91 13.73
N TYR E 102 19.64 -43.25 13.56
CA TYR E 102 20.70 -42.23 13.62
C TYR E 102 20.94 -41.55 12.29
N PHE E 103 20.80 -42.30 11.19
CA PHE E 103 21.10 -41.85 9.82
C PHE E 103 22.44 -41.11 9.76
N ASP E 104 23.52 -41.82 10.13
CA ASP E 104 24.81 -41.14 10.26
C ASP E 104 25.49 -40.90 8.91
N ASN E 105 25.05 -41.54 7.83
CA ASN E 105 25.62 -41.25 6.52
C ASN E 105 24.56 -41.31 5.45
N TRP E 106 24.58 -40.32 4.56
CA TRP E 106 23.59 -40.21 3.52
C TRP E 106 24.30 -40.32 2.19
N GLY E 107 23.66 -40.98 1.23
CA GLY E 107 24.10 -40.96 -0.14
C GLY E 107 23.86 -39.59 -0.73
N GLN E 108 24.23 -39.44 -2.00
CA GLN E 108 24.10 -38.14 -2.64
C GLN E 108 22.68 -37.88 -3.11
N GLY E 109 21.84 -38.90 -3.17
CA GLY E 109 20.46 -38.70 -3.58
C GLY E 109 20.24 -38.94 -5.05
N THR E 110 19.06 -39.45 -5.39
CA THR E 110 18.70 -39.71 -6.79
C THR E 110 17.25 -39.30 -6.96
N LEU E 111 16.99 -38.47 -7.96
CA LEU E 111 15.68 -37.87 -8.09
C LEU E 111 14.78 -38.78 -8.92
N VAL E 112 13.59 -39.08 -8.39
CA VAL E 112 12.56 -39.85 -9.09
C VAL E 112 11.42 -38.91 -9.44
N THR E 113 11.01 -38.92 -10.71
CA THR E 113 9.98 -38.00 -11.18
C THR E 113 8.85 -38.81 -11.83
N VAL E 114 7.64 -38.64 -11.33
CA VAL E 114 6.51 -39.45 -11.76
C VAL E 114 5.64 -38.59 -12.66
N SER E 115 5.72 -38.80 -13.97
CA SER E 115 5.08 -37.91 -14.93
C SER E 115 4.68 -38.67 -16.18
N SER E 116 3.52 -38.28 -16.73
CA SER E 116 3.08 -38.78 -18.02
C SER E 116 3.82 -38.15 -19.20
N ALA E 117 4.53 -37.04 -18.98
CA ALA E 117 5.28 -36.42 -20.06
C ALA E 117 6.52 -37.24 -20.38
N SER E 118 7.05 -37.04 -21.57
CA SER E 118 8.24 -37.75 -22.00
C SER E 118 9.50 -36.90 -21.81
N THR E 119 10.64 -37.58 -21.89
CA THR E 119 11.87 -36.92 -21.53
C THR E 119 12.33 -36.02 -22.69
N LYS E 120 13.12 -35.03 -22.37
CA LYS E 120 13.74 -34.20 -23.40
C LYS E 120 15.09 -33.72 -22.87
N GLY E 121 16.15 -34.02 -23.60
CA GLY E 121 17.47 -33.55 -23.24
C GLY E 121 17.61 -32.06 -23.49
N PRO E 122 18.65 -31.47 -22.91
CA PRO E 122 18.83 -30.02 -23.04
C PRO E 122 19.54 -29.64 -24.32
N SER E 123 19.22 -28.45 -24.82
CA SER E 123 20.09 -27.78 -25.78
C SER E 123 20.91 -26.72 -25.04
N VAL E 124 22.20 -26.63 -25.38
CA VAL E 124 23.13 -25.80 -24.62
C VAL E 124 23.66 -24.70 -25.53
N PHE E 125 23.48 -23.46 -25.11
CA PHE E 125 23.94 -22.33 -25.88
C PHE E 125 24.97 -21.56 -25.07
N PRO E 126 26.03 -21.09 -25.70
CA PRO E 126 27.06 -20.36 -24.94
C PRO E 126 26.58 -18.96 -24.61
N LEU E 127 26.84 -18.55 -23.36
CA LEU E 127 26.84 -17.14 -22.98
C LEU E 127 28.28 -16.68 -23.16
N ALA E 128 28.58 -16.04 -24.32
CA ALA E 128 29.98 -15.81 -24.66
C ALA E 128 30.54 -14.57 -23.94
N PRO E 129 31.84 -14.58 -23.62
CA PRO E 129 32.42 -13.46 -22.85
C PRO E 129 32.49 -12.18 -23.67
N SER E 130 32.06 -11.08 -23.08
CA SER E 130 32.19 -9.77 -23.71
C SER E 130 33.67 -9.42 -23.84
N SER E 131 34.01 -8.80 -24.97
CA SER E 131 35.37 -8.25 -25.12
C SER E 131 35.53 -6.91 -24.42
N LYS E 132 34.43 -6.28 -24.01
CA LYS E 132 34.45 -4.99 -23.32
C LYS E 132 35.10 -5.10 -21.94
N SER E 133 35.64 -3.96 -21.50
CA SER E 133 36.37 -3.88 -20.25
C SER E 133 35.44 -3.90 -19.05
N THR E 134 35.93 -4.54 -17.98
CA THR E 134 35.18 -4.78 -16.76
C THR E 134 36.04 -4.38 -15.57
N SER E 135 35.38 -4.00 -14.48
CA SER E 135 36.12 -3.72 -13.25
C SER E 135 36.80 -5.01 -12.78
N GLY E 136 38.13 -4.98 -12.72
CA GLY E 136 38.94 -6.10 -12.30
C GLY E 136 39.78 -6.69 -13.41
N GLY E 137 39.32 -6.59 -14.66
CA GLY E 137 39.84 -7.45 -15.71
C GLY E 137 39.18 -8.82 -15.72
N THR E 138 37.96 -8.89 -15.24
CA THR E 138 37.27 -10.14 -14.95
C THR E 138 36.15 -10.33 -15.95
N ALA E 139 36.21 -11.41 -16.71
CA ALA E 139 35.16 -11.71 -17.67
C ALA E 139 34.23 -12.79 -17.12
N ALA E 140 32.94 -12.62 -17.36
CA ALA E 140 31.97 -13.67 -17.09
C ALA E 140 31.70 -14.42 -18.38
N LEU E 141 31.52 -15.74 -18.27
CA LEU E 141 31.06 -16.54 -19.40
C LEU E 141 30.19 -17.68 -18.86
N GLY E 142 29.44 -18.32 -19.74
CA GLY E 142 28.50 -19.32 -19.23
C GLY E 142 27.83 -20.18 -20.28
N CYS E 143 26.93 -21.03 -19.79
CA CYS E 143 26.09 -21.90 -20.62
C CYS E 143 24.64 -21.65 -20.30
N LEU E 144 23.87 -21.36 -21.33
CA LEU E 144 22.42 -21.36 -21.23
C LEU E 144 21.97 -22.78 -21.56
N VAL E 145 21.37 -23.44 -20.58
CA VAL E 145 20.95 -24.84 -20.69
C VAL E 145 19.43 -24.85 -20.79
N LYS E 146 18.92 -24.79 -22.01
CA LYS E 146 17.51 -24.48 -22.25
C LYS E 146 16.73 -25.72 -22.70
N ASP E 147 15.48 -25.77 -22.22
CA ASP E 147 14.40 -26.64 -22.71
C ASP E 147 14.61 -28.15 -22.49
N TYR E 148 14.75 -28.57 -21.23
CA TYR E 148 14.89 -29.98 -20.88
C TYR E 148 13.81 -30.40 -19.89
N PHE E 149 13.56 -31.71 -19.82
CA PHE E 149 12.59 -32.26 -18.89
C PHE E 149 12.87 -33.72 -18.63
N PRO E 150 12.76 -34.20 -17.37
CA PRO E 150 12.47 -33.46 -16.16
C PRO E 150 13.78 -33.08 -15.50
N GLU E 151 13.72 -32.61 -14.28
CA GLU E 151 14.92 -32.33 -13.53
C GLU E 151 15.63 -33.65 -13.19
N PRO E 152 16.93 -33.59 -12.91
CA PRO E 152 17.77 -32.40 -12.88
C PRO E 152 18.87 -32.42 -13.93
N VAL E 153 19.51 -31.28 -14.18
CA VAL E 153 20.82 -31.28 -14.82
C VAL E 153 21.84 -30.89 -13.77
N THR E 154 23.06 -31.36 -13.94
CA THR E 154 24.19 -30.87 -13.17
C THR E 154 25.24 -30.34 -14.13
N VAL E 155 26.00 -29.35 -13.69
CA VAL E 155 26.89 -28.61 -14.59
C VAL E 155 28.29 -28.55 -14.00
N SER E 156 29.27 -29.01 -14.77
CA SER E 156 30.68 -28.84 -14.44
C SER E 156 31.34 -27.89 -15.42
N TRP E 157 32.52 -27.42 -15.05
CA TRP E 157 33.35 -26.67 -15.98
C TRP E 157 34.71 -27.35 -16.04
N ASN E 158 35.16 -27.65 -17.25
CA ASN E 158 36.40 -28.34 -17.51
C ASN E 158 36.52 -29.59 -16.65
N SER E 159 35.40 -30.35 -16.63
CA SER E 159 35.29 -31.66 -15.98
C SER E 159 35.69 -31.59 -14.50
N GLY E 160 35.16 -30.58 -13.81
CA GLY E 160 35.46 -30.39 -12.39
C GLY E 160 36.76 -29.70 -12.10
N ALA E 161 37.60 -29.44 -13.11
CA ALA E 161 38.87 -28.78 -12.85
C ALA E 161 38.66 -27.35 -12.41
N LEU E 162 37.63 -26.71 -12.93
CA LEU E 162 37.33 -25.32 -12.65
C LEU E 162 36.05 -25.29 -11.81
N THR E 163 36.20 -25.02 -10.52
CA THR E 163 35.08 -24.93 -9.59
C THR E 163 34.94 -23.55 -8.96
N SER E 164 36.06 -22.88 -8.70
CA SER E 164 36.04 -21.56 -8.11
C SER E 164 35.49 -20.53 -9.09
N GLY E 165 34.48 -19.79 -8.66
CA GLY E 165 33.84 -18.77 -9.46
C GLY E 165 32.51 -19.20 -10.05
N VAL E 166 32.17 -20.48 -9.96
CA VAL E 166 31.05 -21.03 -10.71
C VAL E 166 29.75 -20.68 -9.98
N HIS E 167 28.78 -20.20 -10.71
CA HIS E 167 27.42 -20.15 -10.21
C HIS E 167 26.53 -20.89 -11.19
N THR E 168 25.78 -21.86 -10.70
CA THR E 168 24.71 -22.50 -11.43
C THR E 168 23.40 -22.14 -10.77
N PHE E 169 22.49 -21.63 -11.52
CA PHE E 169 21.22 -21.13 -10.99
C PHE E 169 20.18 -22.23 -10.90
N PRO E 170 19.23 -22.08 -9.97
CA PRO E 170 18.13 -23.05 -9.89
C PRO E 170 17.36 -23.08 -11.20
N ALA E 171 16.86 -24.27 -11.53
CA ALA E 171 16.05 -24.44 -12.74
C ALA E 171 14.78 -23.62 -12.63
N VAL E 172 14.24 -23.24 -13.78
CA VAL E 172 12.99 -22.48 -13.83
C VAL E 172 12.04 -23.15 -14.81
N LEU E 173 10.81 -23.40 -14.35
CA LEU E 173 9.79 -24.01 -15.20
C LEU E 173 9.21 -22.95 -16.14
N GLN E 174 9.20 -23.25 -17.43
CA GLN E 174 8.66 -22.34 -18.43
C GLN E 174 7.27 -22.79 -18.83
N SER E 175 6.51 -21.87 -19.43
CA SER E 175 5.11 -22.17 -19.73
C SER E 175 4.97 -23.30 -20.73
N SER E 176 6.03 -23.60 -21.48
CA SER E 176 6.05 -24.79 -22.33
C SER E 176 6.02 -26.09 -21.53
N GLY E 177 6.34 -26.03 -20.24
CA GLY E 177 6.49 -27.24 -19.46
C GLY E 177 7.91 -27.76 -19.36
N LEU E 178 8.88 -27.03 -19.90
CA LEU E 178 10.27 -27.47 -19.89
C LEU E 178 11.10 -26.58 -18.98
N TYR E 179 12.15 -27.16 -18.43
CA TYR E 179 13.01 -26.44 -17.52
C TYR E 179 14.13 -25.74 -18.27
N SER E 180 14.70 -24.72 -17.62
CA SER E 180 15.75 -23.92 -18.19
C SER E 180 16.62 -23.42 -17.05
N LEU E 181 17.92 -23.31 -17.28
CA LEU E 181 18.79 -22.73 -16.28
C LEU E 181 20.06 -22.26 -16.94
N SER E 182 20.89 -21.60 -16.16
CA SER E 182 22.17 -21.09 -16.64
C SER E 182 23.24 -21.38 -15.61
N SER E 183 24.43 -21.57 -16.10
CA SER E 183 25.59 -21.70 -15.27
C SER E 183 26.57 -20.68 -15.80
N VAL E 184 27.24 -19.97 -14.89
CA VAL E 184 28.16 -18.89 -15.26
C VAL E 184 29.40 -18.97 -14.41
N VAL E 185 30.52 -18.57 -15.00
CA VAL E 185 31.81 -18.56 -14.32
C VAL E 185 32.51 -17.25 -14.63
N THR E 186 33.16 -16.68 -13.63
CA THR E 186 34.04 -15.54 -13.84
C THR E 186 35.48 -16.03 -13.93
N VAL E 187 36.26 -15.36 -14.78
CA VAL E 187 37.63 -15.78 -15.09
C VAL E 187 38.46 -14.53 -15.31
N PRO E 188 39.79 -14.64 -15.31
CA PRO E 188 40.61 -13.49 -15.73
C PRO E 188 40.48 -13.25 -17.23
N SER E 189 40.37 -11.98 -17.62
CA SER E 189 40.26 -11.69 -19.04
C SER E 189 41.52 -12.08 -19.80
N SER E 190 42.67 -12.12 -19.11
CA SER E 190 43.95 -12.50 -19.72
C SER E 190 43.91 -13.88 -20.37
N SER E 191 43.10 -14.79 -19.84
CA SER E 191 43.07 -16.15 -20.35
C SER E 191 42.01 -16.40 -21.43
N LEU E 192 41.26 -15.37 -21.86
CA LEU E 192 40.14 -15.60 -22.77
C LEU E 192 40.59 -16.24 -24.07
N GLY E 193 41.73 -15.83 -24.60
CA GLY E 193 42.26 -16.51 -25.76
C GLY E 193 42.85 -17.88 -25.43
N THR E 194 43.59 -17.97 -24.33
CA THR E 194 44.51 -19.09 -24.09
C THR E 194 43.85 -20.29 -23.41
N GLN E 195 43.13 -20.08 -22.31
CA GLN E 195 42.55 -21.19 -21.54
C GLN E 195 41.20 -21.58 -22.14
N THR E 196 41.02 -22.86 -22.40
CA THR E 196 39.74 -23.33 -22.91
C THR E 196 38.77 -23.53 -21.77
N TYR E 197 37.51 -23.19 -22.04
CA TYR E 197 36.40 -23.33 -21.10
C TYR E 197 35.34 -24.19 -21.74
N ILE E 198 34.97 -25.25 -21.04
CA ILE E 198 33.99 -26.21 -21.55
C ILE E 198 33.04 -26.48 -20.40
N CYS E 199 31.74 -26.35 -20.64
CA CYS E 199 30.77 -26.67 -19.62
C CYS E 199 30.16 -28.04 -19.92
N ASN E 200 30.17 -28.90 -18.91
CA ASN E 200 29.73 -30.29 -19.05
C ASN E 200 28.34 -30.36 -18.42
N VAL E 201 27.32 -30.57 -19.26
CA VAL E 201 25.93 -30.52 -18.83
C VAL E 201 25.42 -31.94 -18.79
N ASN E 202 25.01 -32.38 -17.62
CA ASN E 202 24.69 -33.79 -17.40
C ASN E 202 23.18 -33.88 -17.16
N HIS E 203 22.47 -34.63 -18.01
CA HIS E 203 21.03 -34.79 -17.85
C HIS E 203 20.72 -36.28 -17.87
N LYS E 204 21.03 -36.95 -16.75
CA LYS E 204 20.76 -38.38 -16.63
C LYS E 204 19.33 -38.80 -17.00
N PRO E 205 18.25 -38.06 -16.66
CA PRO E 205 16.90 -38.56 -16.99
C PRO E 205 16.66 -38.78 -18.47
N SER E 206 17.47 -38.18 -19.35
CA SER E 206 17.40 -38.50 -20.77
C SER E 206 18.62 -39.25 -21.25
N ASN E 207 19.46 -39.70 -20.33
CA ASN E 207 20.71 -40.36 -20.68
C ASN E 207 21.47 -39.49 -21.68
N THR E 208 21.59 -38.20 -21.35
CA THR E 208 22.30 -37.26 -22.20
C THR E 208 23.40 -36.53 -21.42
N LYS E 209 24.55 -36.38 -22.06
CA LYS E 209 25.60 -35.47 -21.60
C LYS E 209 25.94 -34.58 -22.77
N VAL E 210 26.12 -33.30 -22.52
CA VAL E 210 26.48 -32.34 -23.56
C VAL E 210 27.64 -31.48 -23.08
N ASP E 211 28.72 -31.47 -23.84
CA ASP E 211 29.86 -30.60 -23.58
C ASP E 211 29.82 -29.45 -24.57
N LYS E 212 29.77 -28.22 -24.08
CA LYS E 212 29.91 -27.10 -25.01
C LYS E 212 31.07 -26.21 -24.59
N LYS E 213 32.02 -26.05 -25.53
CA LYS E 213 33.12 -25.11 -25.39
C LYS E 213 32.59 -23.70 -25.65
N VAL E 214 32.95 -22.75 -24.79
CA VAL E 214 32.51 -21.36 -24.90
C VAL E 214 33.74 -20.51 -25.14
N GLU E 215 33.67 -19.65 -26.15
CA GLU E 215 34.84 -18.90 -26.58
C GLU E 215 34.40 -17.51 -27.03
N PRO E 216 35.33 -16.54 -27.09
CA PRO E 216 34.93 -15.15 -27.40
C PRO E 216 34.21 -15.03 -28.74
N LYS E 217 33.17 -14.19 -28.76
CA LYS E 217 32.27 -14.11 -29.91
C LYS E 217 33.01 -13.77 -31.20
N SER E 218 32.93 -14.70 -32.17
CA SER E 218 33.45 -14.55 -33.54
C SER E 218 34.86 -13.99 -33.60
N ASP F 1 -14.73 33.86 7.89
CA ASP F 1 -14.81 33.58 6.45
C ASP F 1 -15.61 32.33 6.14
N VAL F 2 -16.52 32.43 5.19
CA VAL F 2 -17.46 31.35 4.90
C VAL F 2 -16.82 30.42 3.86
N VAL F 3 -16.48 29.20 4.28
CA VAL F 3 -16.01 28.19 3.35
C VAL F 3 -17.20 27.64 2.58
N LEU F 4 -17.04 27.55 1.26
CA LEU F 4 -18.03 26.92 0.39
C LEU F 4 -17.38 25.66 -0.18
N THR F 5 -18.06 24.53 -0.07
CA THR F 5 -17.47 23.26 -0.48
C THR F 5 -18.27 22.65 -1.62
N GLN F 6 -17.69 22.68 -2.84
CA GLN F 6 -18.38 22.14 -4.00
C GLN F 6 -18.14 20.65 -4.11
N SER F 7 -19.05 19.99 -4.80
CA SER F 7 -19.03 18.54 -4.79
C SER F 7 -19.85 18.00 -5.97
N PRO F 8 -19.26 17.17 -6.84
CA PRO F 8 -17.85 16.76 -6.89
C PRO F 8 -16.92 17.90 -7.30
N LEU F 9 -15.61 17.73 -7.10
CA LEU F 9 -14.67 18.68 -7.68
C LEU F 9 -14.50 18.44 -9.18
N SER F 10 -14.85 17.25 -9.67
CA SER F 10 -14.81 16.94 -11.09
C SER F 10 -16.06 16.15 -11.45
N LEU F 11 -16.69 16.47 -12.59
CA LEU F 11 -17.96 15.88 -12.96
C LEU F 11 -18.01 15.54 -14.45
N PRO F 12 -17.75 14.28 -14.79
CA PRO F 12 -17.96 13.85 -16.17
C PRO F 12 -19.44 13.56 -16.38
N VAL F 13 -19.92 13.77 -17.60
CA VAL F 13 -21.34 13.56 -17.85
C VAL F 13 -21.59 13.33 -19.33
N ILE F 14 -22.43 12.35 -19.65
CA ILE F 14 -22.76 12.06 -21.04
C ILE F 14 -23.59 13.19 -21.62
N LEU F 15 -23.23 13.60 -22.83
CA LEU F 15 -23.91 14.67 -23.52
C LEU F 15 -25.41 14.42 -23.51
N GLY F 16 -26.19 15.46 -23.22
CA GLY F 16 -27.64 15.36 -23.15
C GLY F 16 -28.21 14.83 -21.85
N GLN F 17 -27.38 14.32 -20.95
CA GLN F 17 -27.81 13.85 -19.63
C GLN F 17 -27.93 15.00 -18.66
N PRO F 18 -28.65 14.81 -17.56
CA PRO F 18 -28.68 15.84 -16.51
C PRO F 18 -27.40 15.83 -15.67
N ALA F 19 -27.20 16.90 -14.91
CA ALA F 19 -25.98 17.09 -14.12
C ALA F 19 -26.24 18.02 -12.95
N SER F 20 -25.65 17.72 -11.81
CA SER F 20 -25.94 18.40 -10.57
C SER F 20 -24.65 18.65 -9.80
N ILE F 21 -24.46 19.89 -9.34
CA ILE F 21 -23.32 20.27 -8.52
C ILE F 21 -23.84 20.85 -7.23
N SER F 22 -23.30 20.41 -6.11
CA SER F 22 -23.74 20.96 -4.84
C SER F 22 -22.63 21.80 -4.22
N CYS F 23 -23.07 22.68 -3.33
CA CYS F 23 -22.24 23.68 -2.68
C CYS F 23 -22.75 23.78 -1.25
N ARG F 24 -22.00 23.28 -0.30
CA ARG F 24 -22.44 23.38 1.09
C ARG F 24 -21.59 24.42 1.82
N SER F 25 -22.26 25.15 2.71
CA SER F 25 -21.77 26.39 3.30
C SER F 25 -21.41 26.18 4.76
N SER F 26 -20.33 26.84 5.19
CA SER F 26 -19.92 26.67 6.58
C SER F 26 -20.88 27.33 7.56
N GLN F 27 -21.67 28.30 7.09
CA GLN F 27 -22.69 28.99 7.87
C GLN F 27 -23.96 29.02 7.02
N SER F 28 -25.06 29.39 7.65
CA SER F 28 -26.22 29.76 6.85
C SER F 28 -26.02 31.18 6.29
N LEU F 29 -26.85 31.54 5.33
CA LEU F 29 -26.54 32.61 4.41
C LEU F 29 -27.68 33.62 4.28
N VAL F 30 -28.58 33.67 5.26
CA VAL F 30 -29.72 34.58 5.14
C VAL F 30 -29.24 35.96 5.58
N TYR F 31 -29.39 36.93 4.69
CA TYR F 31 -28.97 38.30 4.94
C TYR F 31 -30.11 39.12 5.56
N SER F 32 -29.74 40.24 6.18
CA SER F 32 -30.74 40.96 6.97
C SER F 32 -31.90 41.52 6.13
N ASP F 33 -31.74 41.63 4.82
CA ASP F 33 -32.85 42.01 3.95
C ASP F 33 -33.72 40.82 3.53
N GLY F 34 -33.54 39.68 4.18
CA GLY F 34 -34.32 38.49 3.89
C GLY F 34 -33.76 37.60 2.80
N ARG F 35 -32.82 38.08 1.98
CA ARG F 35 -32.36 37.34 0.80
C ARG F 35 -31.19 36.42 1.13
N THR F 36 -31.01 35.40 0.31
CA THR F 36 -29.86 34.51 0.42
C THR F 36 -28.97 34.77 -0.78
N TYR F 37 -27.78 35.31 -0.52
CA TYR F 37 -26.92 35.78 -1.60
C TYR F 37 -25.91 34.68 -1.92
N LEU F 38 -26.42 33.66 -2.60
CA LEU F 38 -25.59 32.56 -3.07
C LEU F 38 -25.68 32.56 -4.58
N ASN F 39 -24.54 32.66 -5.26
CA ASN F 39 -24.57 32.73 -6.72
C ASN F 39 -23.70 31.65 -7.34
N TRP F 40 -23.81 31.53 -8.66
CA TRP F 40 -23.06 30.56 -9.43
C TRP F 40 -22.43 31.25 -10.62
N PHE F 41 -21.15 31.01 -10.87
CA PHE F 41 -20.48 31.51 -12.06
C PHE F 41 -19.92 30.34 -12.86
N GLN F 42 -19.87 30.54 -14.16
CA GLN F 42 -19.40 29.54 -15.11
C GLN F 42 -18.24 30.16 -15.88
N GLN F 43 -17.06 29.53 -15.80
CA GLN F 43 -15.89 29.92 -16.57
C GLN F 43 -15.67 28.90 -17.68
N ARG F 44 -16.03 29.26 -18.90
CA ARG F 44 -15.77 28.42 -20.06
C ARG F 44 -14.31 28.55 -20.47
N PRO F 45 -13.77 27.55 -21.19
CA PRO F 45 -12.33 27.51 -21.44
C PRO F 45 -11.83 28.75 -22.18
N GLY F 46 -10.78 29.36 -21.63
CA GLY F 46 -10.19 30.53 -22.26
C GLY F 46 -10.95 31.83 -22.06
N GLN F 47 -12.07 31.83 -21.35
CA GLN F 47 -12.89 33.01 -21.21
C GLN F 47 -12.95 33.40 -19.73
N SER F 48 -13.53 34.58 -19.44
CA SER F 48 -13.61 35.02 -18.06
C SER F 48 -14.91 34.55 -17.42
N PRO F 49 -14.97 34.49 -16.09
CA PRO F 49 -16.20 34.01 -15.43
C PRO F 49 -17.45 34.77 -15.88
N ARG F 50 -18.59 34.06 -15.85
CA ARG F 50 -19.93 34.55 -16.19
C ARG F 50 -20.97 34.14 -15.15
N ARG F 51 -21.81 35.10 -14.79
CA ARG F 51 -22.86 34.82 -13.85
C ARG F 51 -23.94 33.97 -14.50
N LEU F 52 -24.21 32.82 -13.87
CA LEU F 52 -25.32 31.96 -14.23
C LEU F 52 -26.54 32.18 -13.34
N ILE F 53 -26.36 31.97 -12.06
CA ILE F 53 -27.45 31.92 -11.11
C ILE F 53 -27.14 32.90 -9.99
N TYR F 54 -28.17 33.59 -9.52
CA TYR F 54 -28.01 34.43 -8.36
C TYR F 54 -29.21 34.27 -7.44
N LYS F 55 -28.98 34.62 -6.17
CA LYS F 55 -29.97 34.50 -5.10
C LYS F 55 -30.62 33.11 -5.11
N ILE F 56 -29.76 32.10 -5.11
CA ILE F 56 -30.11 30.68 -5.08
C ILE F 56 -30.66 30.24 -6.43
N SER F 57 -31.61 30.99 -6.98
CA SER F 57 -32.40 30.44 -8.07
C SER F 57 -32.63 31.38 -9.24
N LYS F 58 -32.38 32.68 -9.13
CA LYS F 58 -32.60 33.54 -10.28
C LYS F 58 -31.57 33.23 -11.35
N ARG F 59 -32.01 33.29 -12.62
CA ARG F 59 -31.16 32.99 -13.75
C ARG F 59 -30.78 34.29 -14.46
N ASP F 60 -29.50 34.47 -14.71
CA ASP F 60 -29.02 35.53 -15.60
C ASP F 60 -29.74 35.47 -16.95
N SER F 61 -30.01 36.64 -17.55
CA SER F 61 -30.80 36.70 -18.78
C SER F 61 -30.05 36.22 -20.04
N GLY F 62 -28.72 36.26 -20.06
CA GLY F 62 -28.06 35.69 -21.22
C GLY F 62 -27.77 34.21 -21.10
N VAL F 63 -28.58 33.48 -20.32
CA VAL F 63 -28.23 32.12 -19.91
C VAL F 63 -29.42 31.18 -20.12
N PRO F 64 -29.21 30.01 -20.72
CA PRO F 64 -30.35 29.16 -21.12
C PRO F 64 -31.09 28.57 -19.93
N GLU F 65 -32.33 28.15 -20.20
CA GLU F 65 -33.17 27.59 -19.15
C GLU F 65 -32.73 26.22 -18.66
N ARG F 66 -31.74 25.57 -19.31
CA ARG F 66 -31.22 24.31 -18.78
C ARG F 66 -30.67 24.46 -17.37
N PHE F 67 -30.19 25.65 -17.01
CA PHE F 67 -29.57 25.86 -15.71
C PHE F 67 -30.61 26.33 -14.72
N SER F 68 -30.49 25.84 -13.50
CA SER F 68 -31.44 26.16 -12.46
C SER F 68 -30.71 25.98 -11.15
N GLY F 69 -31.25 26.58 -10.11
CA GLY F 69 -30.64 26.50 -8.80
C GLY F 69 -31.70 26.27 -7.75
N SER F 70 -31.29 25.66 -6.65
CA SER F 70 -32.21 25.41 -5.56
C SER F 70 -31.37 25.28 -4.30
N GLY F 71 -32.04 25.25 -3.17
CA GLY F 71 -31.35 25.02 -1.92
C GLY F 71 -31.86 25.88 -0.80
N SER F 72 -31.26 25.73 0.37
CA SER F 72 -31.73 26.42 1.56
C SER F 72 -30.71 26.15 2.66
N GLY F 73 -30.67 27.04 3.65
CA GLY F 73 -29.80 26.82 4.81
C GLY F 73 -28.33 26.82 4.45
N THR F 74 -27.70 25.65 4.51
CA THR F 74 -26.28 25.54 4.18
C THR F 74 -26.00 24.73 2.93
N ASP F 75 -27.03 24.25 2.24
CA ASP F 75 -26.86 23.23 1.21
C ASP F 75 -27.58 23.70 -0.05
N PHE F 76 -26.82 23.86 -1.14
CA PHE F 76 -27.28 24.48 -2.37
C PHE F 76 -26.86 23.65 -3.57
N THR F 77 -27.61 23.79 -4.67
CA THR F 77 -27.49 22.91 -5.82
C THR F 77 -27.63 23.73 -7.09
N LEU F 78 -26.61 23.70 -7.94
CA LEU F 78 -26.75 24.03 -9.36
C LEU F 78 -27.14 22.80 -10.17
N GLU F 79 -27.98 23.00 -11.18
CA GLU F 79 -28.68 21.93 -11.87
C GLU F 79 -28.65 22.18 -13.36
N ILE F 80 -28.09 21.25 -14.13
CA ILE F 80 -28.15 21.31 -15.59
C ILE F 80 -29.05 20.18 -16.05
N SER F 81 -30.04 20.47 -16.90
CA SER F 81 -30.97 19.41 -17.27
C SER F 81 -30.53 18.65 -18.55
N ARG F 82 -30.14 19.38 -19.59
CA ARG F 82 -29.36 18.83 -20.70
C ARG F 82 -27.95 19.28 -20.45
N VAL F 83 -27.03 18.38 -20.32
CA VAL F 83 -25.68 18.86 -20.54
C VAL F 83 -25.52 19.02 -22.05
N GLU F 84 -24.77 20.03 -22.46
CA GLU F 84 -24.55 20.27 -23.86
C GLU F 84 -23.06 20.53 -24.08
N ALA F 85 -22.58 20.21 -25.26
CA ALA F 85 -21.18 20.41 -25.61
C ALA F 85 -20.68 21.77 -25.14
N GLU F 86 -21.55 22.79 -25.21
CA GLU F 86 -21.13 24.17 -24.97
C GLU F 86 -20.97 24.47 -23.47
N ASP F 87 -21.30 23.52 -22.58
CA ASP F 87 -21.32 23.74 -21.15
C ASP F 87 -20.06 23.23 -20.46
N VAL F 88 -19.05 22.80 -21.21
CA VAL F 88 -17.79 22.49 -20.55
C VAL F 88 -17.22 23.74 -19.88
N GLY F 89 -16.70 23.53 -18.68
CA GLY F 89 -15.95 24.58 -18.00
C GLY F 89 -15.93 24.30 -16.50
N ILE F 90 -15.59 25.35 -15.76
CA ILE F 90 -15.53 25.32 -14.30
C ILE F 90 -16.70 26.14 -13.76
N TYR F 91 -17.41 25.57 -12.79
CA TYR F 91 -18.54 26.23 -12.18
C TYR F 91 -18.15 26.62 -10.76
N TYR F 92 -18.47 27.85 -10.37
CA TYR F 92 -18.13 28.32 -9.04
C TYR F 92 -19.39 28.72 -8.32
N CYS F 93 -19.56 28.26 -7.09
CA CYS F 93 -20.54 28.93 -6.23
C CYS F 93 -19.84 30.05 -5.50
N MET F 94 -20.63 31.01 -5.04
CA MET F 94 -20.13 32.25 -4.45
C MET F 94 -21.18 32.74 -3.44
N GLN F 95 -20.70 33.28 -2.31
CA GLN F 95 -21.60 33.84 -1.30
C GLN F 95 -21.25 35.29 -1.02
N GLY F 96 -22.27 36.05 -0.64
CA GLY F 96 -22.18 37.47 -0.39
C GLY F 96 -23.17 37.95 0.65
N SER F 97 -23.51 37.08 1.60
CA SER F 97 -24.25 37.44 2.80
C SER F 97 -23.34 37.70 3.97
N HIS F 98 -22.10 37.27 3.87
CA HIS F 98 -21.10 37.54 4.90
C HIS F 98 -19.90 38.23 4.28
N TRP F 99 -19.11 38.87 5.14
CA TRP F 99 -17.98 39.65 4.70
C TRP F 99 -16.69 38.91 5.01
N PRO F 100 -15.86 38.64 4.03
CA PRO F 100 -16.01 39.09 2.64
C PRO F 100 -16.64 38.07 1.72
N VAL F 101 -16.95 38.52 0.51
CA VAL F 101 -17.37 37.61 -0.55
C VAL F 101 -16.38 36.47 -0.68
N THR F 102 -16.90 35.25 -0.76
CA THR F 102 -16.06 34.09 -0.94
C THR F 102 -16.62 33.18 -2.02
N PHE F 103 -15.72 32.47 -2.69
CA PHE F 103 -16.04 31.56 -3.77
C PHE F 103 -15.64 30.15 -3.35
N GLY F 104 -16.24 29.14 -3.98
CA GLY F 104 -15.75 27.80 -3.79
C GLY F 104 -14.61 27.51 -4.73
N GLN F 105 -13.85 26.45 -4.46
CA GLN F 105 -12.85 25.99 -5.44
C GLN F 105 -13.32 25.62 -6.83
N GLY F 106 -14.58 25.41 -7.15
CA GLY F 106 -14.73 25.15 -8.56
C GLY F 106 -14.80 23.68 -8.93
N THR F 107 -15.84 23.36 -9.68
CA THR F 107 -16.12 22.03 -10.20
C THR F 107 -15.87 22.08 -11.70
N LYS F 108 -15.05 21.18 -12.22
CA LYS F 108 -14.87 21.06 -13.67
C LYS F 108 -15.92 20.12 -14.24
N VAL F 109 -16.55 20.53 -15.33
CA VAL F 109 -17.51 19.69 -16.06
C VAL F 109 -16.90 19.33 -17.42
N GLU F 110 -16.84 18.03 -17.74
CA GLU F 110 -16.40 17.54 -19.05
C GLU F 110 -17.39 16.52 -19.63
N ILE F 111 -17.68 16.70 -20.92
CA ILE F 111 -18.53 15.82 -21.72
C ILE F 111 -17.90 14.44 -21.89
N LYS F 112 -18.69 13.39 -21.63
CA LYS F 112 -18.40 12.05 -22.13
C LYS F 112 -19.14 11.83 -23.44
N ARG F 113 -18.41 11.46 -24.48
CA ARG F 113 -18.99 11.30 -25.81
C ARG F 113 -18.35 10.09 -26.50
N THR F 114 -18.64 9.96 -27.80
CA THR F 114 -18.16 8.82 -28.57
C THR F 114 -16.64 8.93 -28.84
N VAL F 115 -16.00 7.76 -28.87
CA VAL F 115 -14.55 7.70 -29.10
C VAL F 115 -14.23 8.19 -30.51
N ALA F 116 -13.18 9.01 -30.62
CA ALA F 116 -12.74 9.60 -31.88
C ALA F 116 -11.23 9.61 -31.94
N ALA F 117 -10.68 9.05 -33.02
CA ALA F 117 -9.25 8.81 -33.12
C ALA F 117 -8.50 10.07 -33.57
N PRO F 118 -7.27 10.26 -33.10
CA PRO F 118 -6.51 11.46 -33.49
C PRO F 118 -6.17 11.49 -34.97
N SER F 119 -6.11 12.72 -35.49
CA SER F 119 -5.33 13.03 -36.69
C SER F 119 -3.92 13.36 -36.26
N VAL F 120 -2.93 12.77 -36.92
CA VAL F 120 -1.55 12.95 -36.50
C VAL F 120 -0.79 13.72 -37.57
N PHE F 121 0.10 14.60 -37.11
CA PHE F 121 0.97 15.37 -37.98
C PHE F 121 2.32 15.48 -37.29
N ILE F 122 3.39 15.48 -38.09
CA ILE F 122 4.74 15.75 -37.59
C ILE F 122 5.33 16.90 -38.38
N PHE F 123 6.08 17.76 -37.67
CA PHE F 123 6.64 18.99 -38.23
C PHE F 123 8.14 19.02 -37.95
N PRO F 124 8.97 19.18 -38.97
CA PRO F 124 10.43 19.24 -38.75
C PRO F 124 10.86 20.60 -38.21
N PRO F 125 12.04 20.69 -37.62
CA PRO F 125 12.57 22.01 -37.22
C PRO F 125 12.68 22.95 -38.42
N SER F 126 12.62 24.24 -38.13
CA SER F 126 12.76 25.26 -39.16
C SER F 126 14.23 25.56 -39.38
N ASP F 127 14.57 25.97 -40.61
CA ASP F 127 15.95 26.39 -40.89
C ASP F 127 16.33 27.60 -40.05
N GLU F 128 15.38 28.54 -39.87
CA GLU F 128 15.56 29.65 -38.94
C GLU F 128 16.00 29.15 -37.57
N GLN F 129 15.32 28.12 -37.06
CA GLN F 129 15.63 27.67 -35.71
C GLN F 129 16.97 26.94 -35.67
N LEU F 130 17.28 26.15 -36.70
CA LEU F 130 18.51 25.37 -36.70
C LEU F 130 19.73 26.28 -36.55
N LYS F 131 19.62 27.52 -37.03
CA LYS F 131 20.66 28.52 -36.81
C LYS F 131 20.88 28.85 -35.32
N SER F 132 19.92 28.53 -34.44
CA SER F 132 19.96 28.92 -33.03
C SER F 132 20.48 27.82 -32.10
N GLY F 133 21.02 26.74 -32.64
CA GLY F 133 21.66 25.71 -31.84
C GLY F 133 20.73 24.76 -31.13
N THR F 134 19.42 24.99 -31.20
CA THR F 134 18.38 24.07 -30.74
C THR F 134 17.54 23.68 -31.95
N ALA F 135 16.86 22.54 -31.84
CA ALA F 135 15.87 22.17 -32.83
C ALA F 135 14.64 21.61 -32.12
N SER F 136 13.48 21.87 -32.68
CA SER F 136 12.24 21.44 -32.07
C SER F 136 11.43 20.69 -33.11
N VAL F 137 11.18 19.42 -32.83
CA VAL F 137 10.29 18.59 -33.64
C VAL F 137 8.96 18.51 -32.92
N VAL F 138 7.87 18.69 -33.65
CA VAL F 138 6.57 18.87 -33.05
C VAL F 138 5.61 17.84 -33.62
N CYS F 139 4.92 17.12 -32.73
CA CYS F 139 3.92 16.14 -33.11
C CYS F 139 2.57 16.66 -32.63
N LEU F 140 1.58 16.58 -33.51
CA LEU F 140 0.26 17.14 -33.25
C LEU F 140 -0.79 16.03 -33.35
N LEU F 141 -1.58 15.89 -32.29
CA LEU F 141 -2.70 14.96 -32.25
C LEU F 141 -3.95 15.82 -32.22
N ASN F 142 -4.71 15.81 -33.31
CA ASN F 142 -5.82 16.73 -33.50
C ASN F 142 -7.18 16.05 -33.39
N ASN F 143 -8.05 16.61 -32.53
CA ASN F 143 -9.48 16.30 -32.46
C ASN F 143 -9.73 14.83 -32.11
N PHE F 144 -9.45 14.52 -30.85
CA PHE F 144 -9.62 13.15 -30.38
C PHE F 144 -10.34 13.15 -29.04
N TYR F 145 -10.97 12.00 -28.74
CA TYR F 145 -11.63 11.67 -27.48
C TYR F 145 -11.63 10.15 -27.30
N PRO F 146 -11.32 9.65 -26.09
CA PRO F 146 -11.06 10.39 -24.86
C PRO F 146 -9.71 11.06 -24.75
N ARG F 147 -9.50 11.66 -23.58
CA ARG F 147 -8.31 12.46 -23.30
C ARG F 147 -7.03 11.63 -23.40
N GLU F 148 -7.03 10.48 -22.74
CA GLU F 148 -5.92 9.53 -22.59
C GLU F 148 -5.23 9.19 -23.92
N ALA F 149 -3.94 9.50 -24.01
CA ALA F 149 -3.16 9.21 -25.22
C ALA F 149 -1.67 9.21 -24.89
N LYS F 150 -0.95 8.24 -25.46
CA LYS F 150 0.49 8.11 -25.27
C LYS F 150 1.20 8.49 -26.56
N VAL F 151 2.22 9.36 -26.44
CA VAL F 151 3.00 9.83 -27.59
C VAL F 151 4.45 9.43 -27.36
N GLN F 152 4.97 8.61 -28.28
CA GLN F 152 6.33 8.08 -28.22
C GLN F 152 7.19 8.70 -29.32
N TRP F 153 8.38 9.17 -28.95
CA TRP F 153 9.32 9.79 -29.86
C TRP F 153 10.46 8.83 -30.14
N LYS F 154 10.61 8.43 -31.41
CA LYS F 154 11.73 7.59 -31.83
C LYS F 154 12.67 8.41 -32.71
N VAL F 155 13.96 8.36 -32.41
CA VAL F 155 14.99 9.00 -33.25
C VAL F 155 15.96 7.91 -33.68
N ASP F 156 15.95 7.59 -34.98
CA ASP F 156 16.68 6.45 -35.55
C ASP F 156 16.40 5.17 -34.77
N ASN F 157 15.13 4.85 -34.74
CA ASN F 157 14.38 3.81 -34.04
C ASN F 157 14.44 3.95 -32.52
N ALA F 158 15.15 4.94 -31.96
CA ALA F 158 15.47 4.94 -30.52
C ALA F 158 14.45 5.79 -29.73
N LEU F 159 13.64 5.12 -28.91
CA LEU F 159 12.67 5.77 -28.03
C LEU F 159 13.35 6.80 -27.14
N GLN F 160 12.66 7.92 -26.91
CA GLN F 160 13.26 9.12 -26.32
C GLN F 160 12.77 9.35 -24.90
N SER F 161 13.61 9.97 -24.08
CA SER F 161 13.28 10.23 -22.68
C SER F 161 13.84 11.58 -22.24
N GLY F 162 13.05 12.31 -21.44
CA GLY F 162 13.50 13.50 -20.76
C GLY F 162 13.37 14.81 -21.54
N ASN F 163 13.34 14.74 -22.87
CA ASN F 163 13.38 15.93 -23.71
C ASN F 163 12.06 16.16 -24.45
N SER F 164 10.95 15.75 -23.84
CA SER F 164 9.61 15.93 -24.38
C SER F 164 8.75 16.74 -23.41
N GLN F 165 7.87 17.55 -23.98
CA GLN F 165 6.78 18.23 -23.32
C GLN F 165 5.51 18.08 -24.13
N GLU F 166 4.41 17.82 -23.42
CA GLU F 166 3.07 17.83 -23.99
C GLU F 166 2.29 19.07 -23.55
N SER F 167 1.29 19.40 -24.35
CA SER F 167 0.35 20.46 -24.06
C SER F 167 -0.99 20.06 -24.66
N VAL F 168 -2.05 20.23 -23.87
CA VAL F 168 -3.40 19.76 -24.19
C VAL F 168 -4.37 20.94 -24.10
N THR F 169 -5.18 21.13 -25.13
CA THR F 169 -6.31 22.04 -25.06
C THR F 169 -7.28 21.61 -23.96
N GLU F 170 -8.12 22.55 -23.53
CA GLU F 170 -9.29 22.11 -22.79
C GLU F 170 -10.35 21.65 -23.80
N GLN F 171 -11.33 20.92 -23.30
CA GLN F 171 -12.31 20.31 -24.19
C GLN F 171 -12.95 21.33 -25.12
N ASP F 172 -12.97 21.01 -26.41
CA ASP F 172 -13.60 21.87 -27.40
C ASP F 172 -15.09 22.02 -27.09
N SER F 173 -15.61 23.22 -27.33
CA SER F 173 -16.97 23.54 -26.95
C SER F 173 -18.01 23.14 -28.01
N LYS F 174 -17.57 22.81 -29.23
CA LYS F 174 -18.50 22.39 -30.28
C LYS F 174 -18.57 20.87 -30.43
N ASP F 175 -17.41 20.19 -30.47
CA ASP F 175 -17.38 18.75 -30.71
C ASP F 175 -16.74 17.97 -29.55
N SER F 176 -16.45 18.62 -28.43
CA SER F 176 -16.11 17.96 -27.17
C SER F 176 -14.81 17.16 -27.25
N THR F 177 -13.88 17.53 -28.14
CA THR F 177 -12.65 16.77 -28.33
C THR F 177 -11.44 17.50 -27.74
N TYR F 178 -10.33 16.77 -27.66
CA TYR F 178 -9.05 17.35 -27.25
C TYR F 178 -8.11 17.46 -28.44
N SER F 179 -7.06 18.25 -28.23
CA SER F 179 -5.93 18.32 -29.14
C SER F 179 -4.69 18.34 -28.28
N LEU F 180 -3.59 17.85 -28.84
CA LEU F 180 -2.42 17.59 -28.03
C LEU F 180 -1.18 17.81 -28.88
N SER F 181 -0.16 18.42 -28.29
CA SER F 181 1.07 18.71 -29.01
C SER F 181 2.23 18.23 -28.18
N SER F 182 2.97 17.26 -28.70
CA SER F 182 4.22 16.84 -28.10
C SER F 182 5.35 17.59 -28.77
N THR F 183 6.27 18.12 -27.97
CA THR F 183 7.43 18.84 -28.49
C THR F 183 8.70 18.14 -28.03
N LEU F 184 9.46 17.63 -29.00
CA LEU F 184 10.77 17.03 -28.79
C LEU F 184 11.83 18.08 -29.12
N THR F 185 12.64 18.43 -28.13
CA THR F 185 13.70 19.42 -28.32
C THR F 185 15.05 18.72 -28.25
N LEU F 186 15.84 18.89 -29.31
CA LEU F 186 17.18 18.34 -29.41
C LEU F 186 18.17 19.47 -29.57
N SER F 187 19.36 19.29 -29.01
CA SER F 187 20.51 20.05 -29.46
C SER F 187 20.64 19.96 -30.97
N LYS F 188 21.05 21.07 -31.61
CA LYS F 188 21.27 21.02 -33.05
C LYS F 188 22.37 20.02 -33.39
N ALA F 189 23.37 19.93 -32.51
CA ALA F 189 24.43 18.94 -32.68
C ALA F 189 23.86 17.53 -32.83
N ASP F 190 22.98 17.11 -31.91
CA ASP F 190 22.31 15.81 -32.10
C ASP F 190 21.37 15.75 -33.30
N TYR F 191 20.61 16.80 -33.62
CA TYR F 191 19.61 16.66 -34.69
C TYR F 191 20.27 16.20 -35.99
N GLU F 192 21.54 16.52 -36.15
CA GLU F 192 22.29 16.31 -37.37
C GLU F 192 22.97 14.93 -37.36
N LYS F 193 23.14 14.37 -36.17
CA LYS F 193 23.62 13.03 -35.98
C LYS F 193 22.62 11.95 -36.42
N HIS F 194 21.34 12.27 -36.66
CA HIS F 194 20.33 11.23 -36.90
C HIS F 194 19.47 11.58 -38.10
N LYS F 195 18.74 10.58 -38.61
CA LYS F 195 18.08 10.68 -39.91
C LYS F 195 16.57 10.55 -39.83
N VAL F 196 16.04 9.50 -39.19
CA VAL F 196 14.59 9.26 -39.15
C VAL F 196 14.02 9.77 -37.83
N TYR F 197 13.02 10.63 -37.94
CA TYR F 197 12.28 11.15 -36.80
C TYR F 197 10.85 10.66 -36.90
N ALA F 198 10.33 10.11 -35.81
CA ALA F 198 9.00 9.53 -35.80
C ALA F 198 8.32 9.82 -34.47
N CYS F 199 7.00 9.98 -34.50
CA CYS F 199 6.18 9.95 -33.30
C CYS F 199 5.09 8.90 -33.46
N GLU F 200 4.92 8.09 -32.43
CA GLU F 200 4.01 6.95 -32.42
C GLU F 200 2.90 7.23 -31.42
N VAL F 201 1.66 7.10 -31.86
CA VAL F 201 0.51 7.56 -31.11
C VAL F 201 -0.35 6.37 -30.70
N THR F 202 -0.51 6.20 -29.39
CA THR F 202 -1.29 5.11 -28.82
C THR F 202 -2.59 5.69 -28.29
N HIS F 203 -3.70 5.39 -28.96
CA HIS F 203 -4.98 5.93 -28.54
C HIS F 203 -6.11 4.94 -28.81
N GLN F 204 -7.11 4.99 -27.93
CA GLN F 204 -8.21 4.02 -27.95
C GLN F 204 -8.98 4.01 -29.27
N GLY F 205 -9.18 5.16 -29.89
CA GLY F 205 -9.84 5.17 -31.20
C GLY F 205 -9.04 4.57 -32.33
N LEU F 206 -7.85 4.03 -32.04
CA LEU F 206 -6.90 3.56 -33.05
C LEU F 206 -6.76 2.04 -32.98
N SER F 207 -6.94 1.38 -34.13
CA SER F 207 -6.87 -0.08 -34.19
C SER F 207 -5.47 -0.58 -33.87
N SER F 208 -4.45 0.04 -34.46
CA SER F 208 -3.05 -0.18 -34.14
C SER F 208 -2.43 1.18 -33.87
N PRO F 209 -1.28 1.22 -33.18
CA PRO F 209 -0.55 2.48 -33.04
C PRO F 209 -0.30 3.14 -34.39
N VAL F 210 -0.66 4.41 -34.50
CA VAL F 210 -0.31 5.18 -35.68
C VAL F 210 0.99 5.90 -35.42
N THR F 211 1.92 5.77 -36.36
CA THR F 211 3.22 6.42 -36.32
C THR F 211 3.44 7.21 -37.61
N LYS F 212 4.05 8.39 -37.45
CA LYS F 212 4.07 9.42 -38.48
C LYS F 212 5.46 10.03 -38.44
N SER F 213 6.15 10.11 -39.59
CA SER F 213 7.61 10.29 -39.55
C SER F 213 8.10 11.08 -40.75
N PHE F 214 9.28 11.68 -40.59
CA PHE F 214 10.00 12.34 -41.69
C PHE F 214 11.48 11.94 -41.64
N ASN F 215 12.14 12.02 -42.80
CA ASN F 215 13.59 11.91 -42.90
C ASN F 215 14.20 13.31 -42.86
N ARG F 216 15.22 13.50 -42.02
CA ARG F 216 15.93 14.78 -42.04
C ARG F 216 16.49 15.04 -43.43
N GLY F 217 16.27 16.25 -43.93
CA GLY F 217 16.84 16.64 -45.20
C GLY F 217 16.09 16.14 -46.40
N GLU F 218 14.77 15.97 -46.27
CA GLU F 218 13.94 15.59 -47.41
C GLU F 218 12.59 16.28 -47.30
N CYS F 219 12.43 17.21 -46.35
CA CYS F 219 11.24 18.04 -46.16
C CYS F 219 10.06 17.26 -45.58
N GLN G 1 -23.88 46.18 -26.37
CA GLN G 1 -24.18 45.55 -25.07
C GLN G 1 -23.27 46.09 -23.97
N VAL G 2 -23.33 45.48 -22.78
CA VAL G 2 -22.42 45.85 -21.69
C VAL G 2 -21.02 45.33 -21.97
N GLN G 3 -20.03 46.18 -21.73
CA GLN G 3 -18.64 45.89 -22.07
C GLN G 3 -17.74 46.51 -21.00
N LEU G 4 -16.82 45.71 -20.47
CA LEU G 4 -15.79 46.16 -19.53
C LEU G 4 -14.45 45.71 -20.10
N VAL G 5 -13.54 46.67 -20.30
CA VAL G 5 -12.28 46.40 -20.99
C VAL G 5 -11.13 46.81 -20.08
N GLU G 6 -10.36 45.85 -19.61
CA GLU G 6 -9.29 46.12 -18.66
C GLU G 6 -7.97 46.30 -19.38
N SER G 7 -7.00 46.86 -18.67
CA SER G 7 -5.62 46.92 -19.14
C SER G 7 -4.73 47.36 -17.99
N GLY G 8 -3.43 47.26 -18.22
CA GLY G 8 -2.41 47.73 -17.30
C GLY G 8 -1.50 46.63 -16.80
N GLY G 9 -1.95 45.38 -16.93
CA GLY G 9 -1.18 44.26 -16.45
C GLY G 9 0.18 44.19 -17.10
N GLY G 10 1.02 43.38 -16.49
CA GLY G 10 2.37 43.16 -16.98
C GLY G 10 3.25 42.69 -15.84
N LEU G 11 4.55 42.66 -16.12
CA LEU G 11 5.53 42.18 -15.16
C LEU G 11 5.92 43.30 -14.20
N VAL G 12 6.28 42.91 -12.99
CA VAL G 12 6.62 43.87 -11.93
C VAL G 12 7.42 43.13 -10.88
N LYS G 13 8.47 43.77 -10.40
CA LYS G 13 9.33 43.18 -9.40
C LYS G 13 8.68 43.21 -8.02
N PRO G 14 9.09 42.30 -7.13
CA PRO G 14 8.64 42.37 -5.73
C PRO G 14 8.78 43.78 -5.19
N GLY G 15 7.75 44.25 -4.49
CA GLY G 15 7.75 45.60 -4.01
C GLY G 15 7.44 46.68 -5.03
N GLY G 16 7.14 46.32 -6.28
CA GLY G 16 6.82 47.27 -7.32
C GLY G 16 5.35 47.72 -7.30
N SER G 17 4.95 48.39 -8.38
CA SER G 17 3.61 48.99 -8.48
C SER G 17 3.04 48.82 -9.89
N LEU G 18 1.71 48.81 -9.96
CA LEU G 18 1.01 48.77 -11.24
C LEU G 18 -0.33 49.48 -11.11
N ARG G 19 -0.76 50.07 -12.20
CA ARG G 19 -2.07 50.74 -12.23
C ARG G 19 -2.92 49.96 -13.23
N LEU G 20 -3.84 49.14 -12.73
CA LEU G 20 -4.83 48.55 -13.60
C LEU G 20 -5.97 49.54 -13.87
N SER G 21 -6.50 49.48 -15.09
CA SER G 21 -7.58 50.36 -15.50
C SER G 21 -8.69 49.52 -16.12
N CYS G 22 -9.87 50.13 -16.27
CA CYS G 22 -11.05 49.44 -16.80
C CYS G 22 -11.99 50.49 -17.38
N VAL G 23 -12.22 50.43 -18.68
CA VAL G 23 -13.13 51.36 -19.36
C VAL G 23 -14.42 50.64 -19.69
N SER G 24 -15.54 51.24 -19.32
CA SER G 24 -16.83 50.60 -19.48
C SER G 24 -17.64 51.29 -20.56
N SER G 25 -18.55 50.53 -21.16
CA SER G 25 -19.54 51.09 -22.07
C SER G 25 -20.82 50.27 -21.96
N GLY G 26 -21.91 50.83 -22.48
CA GLY G 26 -23.15 50.09 -22.60
C GLY G 26 -24.08 50.18 -21.41
N PHE G 27 -23.73 50.97 -20.39
CA PHE G 27 -24.60 51.17 -19.24
C PHE G 27 -24.19 52.50 -18.63
N THR G 28 -25.04 53.03 -17.73
CA THR G 28 -24.75 54.30 -17.05
C THR G 28 -23.79 54.07 -15.89
N PHE G 29 -22.49 54.25 -16.17
CA PHE G 29 -21.44 53.84 -15.25
C PHE G 29 -21.59 54.42 -13.83
N SER G 30 -22.22 55.59 -13.67
CA SER G 30 -22.23 56.17 -12.33
C SER G 30 -23.29 55.55 -11.42
N ASN G 31 -24.23 54.78 -11.97
CA ASN G 31 -25.24 54.14 -11.17
C ASN G 31 -24.71 52.99 -10.29
N TYR G 32 -23.53 52.45 -10.57
CA TYR G 32 -23.13 51.13 -10.08
C TYR G 32 -21.92 51.16 -9.17
N TRP G 33 -21.99 50.36 -8.10
CA TRP G 33 -20.77 49.88 -7.47
C TRP G 33 -19.94 49.07 -8.47
N MET G 34 -18.63 49.13 -8.31
CA MET G 34 -17.70 48.38 -9.14
C MET G 34 -16.80 47.56 -8.24
N SER G 35 -16.09 46.61 -8.83
CA SER G 35 -15.39 45.66 -7.98
C SER G 35 -14.23 45.03 -8.75
N TRP G 36 -13.24 44.55 -8.01
CA TRP G 36 -12.10 43.84 -8.57
C TRP G 36 -12.02 42.46 -7.94
N VAL G 37 -11.92 41.44 -8.79
CA VAL G 37 -11.78 40.07 -8.34
C VAL G 37 -10.55 39.54 -9.04
N ARG G 38 -9.69 38.83 -8.31
CA ARG G 38 -8.50 38.26 -8.90
C ARG G 38 -8.57 36.74 -8.92
N GLN G 39 -7.92 36.15 -9.93
CA GLN G 39 -7.84 34.70 -10.12
C GLN G 39 -6.36 34.31 -10.10
N ALA G 40 -5.96 33.59 -9.05
CA ALA G 40 -4.60 33.08 -8.92
C ALA G 40 -4.26 32.14 -10.07
N PRO G 41 -2.98 31.95 -10.37
CA PRO G 41 -2.62 31.00 -11.43
C PRO G 41 -3.17 29.62 -11.10
N GLY G 42 -3.89 29.05 -12.07
CA GLY G 42 -4.56 27.77 -11.92
C GLY G 42 -5.37 27.68 -10.64
N GLY G 43 -6.45 28.47 -10.54
CA GLY G 43 -7.30 28.31 -9.39
C GLY G 43 -8.38 29.31 -9.04
N GLY G 44 -8.28 29.79 -7.81
CA GLY G 44 -9.45 30.29 -7.13
C GLY G 44 -9.71 31.76 -7.39
N LEU G 45 -10.99 32.09 -7.37
CA LEU G 45 -11.42 33.48 -7.43
C LEU G 45 -11.36 34.07 -6.04
N GLU G 46 -10.75 35.24 -5.91
CA GLU G 46 -10.65 35.94 -4.64
C GLU G 46 -11.11 37.37 -4.84
N TRP G 47 -12.14 37.77 -4.09
CA TRP G 47 -12.57 39.16 -4.16
C TRP G 47 -11.51 40.06 -3.54
N VAL G 48 -11.30 41.22 -4.17
CA VAL G 48 -10.23 42.14 -3.79
C VAL G 48 -10.79 43.47 -3.27
N ALA G 49 -11.68 44.12 -4.04
CA ALA G 49 -12.05 45.50 -3.71
C ALA G 49 -13.44 45.88 -4.24
N ASN G 50 -14.16 46.62 -3.41
CA ASN G 50 -15.40 47.30 -3.76
C ASN G 50 -15.17 48.81 -3.78
N ILE G 51 -15.90 49.49 -4.64
CA ILE G 51 -15.91 50.94 -4.68
C ILE G 51 -17.31 51.37 -5.08
N ASN G 52 -17.86 52.34 -4.34
CA ASN G 52 -19.24 52.77 -4.57
C ASN G 52 -19.31 53.75 -5.75
N GLN G 53 -20.48 54.37 -5.94
CA GLN G 53 -20.78 55.04 -7.19
C GLN G 53 -19.93 56.28 -7.40
N ASP G 54 -19.66 57.04 -6.34
CA ASP G 54 -18.83 58.23 -6.47
C ASP G 54 -17.45 58.02 -5.90
N GLY G 55 -17.06 56.79 -5.61
CA GLY G 55 -15.77 56.54 -5.01
C GLY G 55 -15.61 57.02 -3.59
N SER G 56 -16.67 57.51 -2.97
CA SER G 56 -16.54 58.02 -1.60
C SER G 56 -16.31 56.91 -0.58
N GLU G 57 -16.83 55.70 -0.84
CA GLU G 57 -16.55 54.53 0.00
C GLU G 57 -15.80 53.45 -0.80
N LYS G 58 -14.80 52.85 -0.16
CA LYS G 58 -13.96 51.86 -0.80
C LYS G 58 -13.66 50.79 0.24
N TYR G 59 -13.72 49.51 -0.14
CA TYR G 59 -13.41 48.43 0.78
C TYR G 59 -12.51 47.40 0.11
N TYR G 60 -11.74 46.68 0.94
CA TYR G 60 -10.69 45.79 0.47
C TYR G 60 -10.60 44.54 1.32
N VAL G 61 -10.35 43.41 0.66
CA VAL G 61 -9.95 42.21 1.38
C VAL G 61 -8.72 42.51 2.23
N ASP G 62 -8.57 41.76 3.31
CA ASP G 62 -7.56 42.09 4.32
C ASP G 62 -6.16 42.10 3.73
N SER G 63 -5.80 41.04 3.01
CA SER G 63 -4.42 40.89 2.57
C SER G 63 -3.95 41.98 1.61
N VAL G 64 -4.76 42.97 1.25
CA VAL G 64 -4.31 44.02 0.35
C VAL G 64 -4.57 45.42 0.89
N LYS G 65 -5.21 45.59 2.05
CA LYS G 65 -5.54 46.94 2.42
C LYS G 65 -4.31 47.62 2.98
N GLY G 66 -4.16 48.91 2.64
CA GLY G 66 -2.92 49.60 2.83
C GLY G 66 -2.03 49.61 1.60
N ARG G 67 -2.05 48.52 0.82
CA ARG G 67 -1.26 48.45 -0.40
C ARG G 67 -2.04 48.85 -1.65
N PHE G 68 -3.33 48.55 -1.73
CA PHE G 68 -4.10 48.78 -2.94
C PHE G 68 -5.08 49.94 -2.76
N THR G 69 -5.27 50.71 -3.81
CA THR G 69 -6.17 51.85 -3.84
C THR G 69 -7.02 51.67 -5.09
N SER G 70 -8.33 51.68 -4.92
CA SER G 70 -9.18 51.75 -6.10
C SER G 70 -9.68 53.19 -6.24
N SER G 71 -10.19 53.48 -7.43
CA SER G 71 -10.36 54.85 -7.88
C SER G 71 -11.29 54.81 -9.07
N ARG G 72 -12.05 55.89 -9.28
CA ARG G 72 -12.86 55.94 -10.48
C ARG G 72 -13.08 57.38 -10.94
N ASP G 73 -13.14 57.54 -12.26
CA ASP G 73 -13.59 58.79 -12.87
C ASP G 73 -14.88 58.49 -13.62
N ASN G 74 -16.00 59.00 -13.11
CA ASN G 74 -17.27 58.67 -13.73
C ASN G 74 -17.42 59.39 -15.07
N THR G 75 -16.77 60.55 -15.25
CA THR G 75 -16.88 61.30 -16.50
C THR G 75 -16.22 60.57 -17.68
N LYS G 76 -15.21 59.74 -17.41
CA LYS G 76 -14.58 58.94 -18.45
C LYS G 76 -14.93 57.45 -18.36
N ASN G 77 -15.95 57.08 -17.58
CA ASN G 77 -16.37 55.67 -17.47
C ASN G 77 -15.21 54.74 -17.15
N SER G 78 -14.37 55.17 -16.21
CA SER G 78 -13.11 54.50 -15.92
C SER G 78 -13.04 54.07 -14.45
N LEU G 79 -12.41 52.94 -14.23
CA LEU G 79 -12.20 52.39 -12.89
C LEU G 79 -10.75 52.00 -12.80
N PHE G 80 -10.08 52.38 -11.72
CA PHE G 80 -8.66 52.11 -11.58
C PHE G 80 -8.40 51.32 -10.31
N LEU G 81 -7.36 50.49 -10.36
CA LEU G 81 -6.88 49.78 -9.17
C LEU G 81 -5.37 49.94 -9.12
N GLN G 82 -4.91 50.70 -8.13
CA GLN G 82 -3.49 50.92 -7.90
C GLN G 82 -2.97 49.78 -7.04
N LEU G 83 -1.96 49.06 -7.52
CA LEU G 83 -1.32 48.03 -6.73
C LEU G 83 0.04 48.55 -6.28
N ASN G 84 0.31 48.49 -4.99
CA ASN G 84 1.57 48.93 -4.43
C ASN G 84 2.13 47.82 -3.57
N SER G 85 3.45 47.85 -3.35
CA SER G 85 4.11 46.87 -2.48
C SER G 85 3.77 45.44 -2.90
N LEU G 86 3.91 45.17 -4.19
CA LEU G 86 3.46 43.88 -4.72
C LEU G 86 4.27 42.72 -4.14
N ARG G 87 3.60 41.61 -3.89
CA ARG G 87 4.23 40.37 -3.47
C ARG G 87 3.92 39.30 -4.49
N ALA G 88 4.68 38.20 -4.42
CA ALA G 88 4.39 37.08 -5.33
C ALA G 88 2.99 36.53 -5.07
N GLU G 89 2.39 36.85 -3.93
CA GLU G 89 1.12 36.25 -3.60
C GLU G 89 0.02 36.88 -4.45
N ASP G 90 0.33 38.06 -5.02
CA ASP G 90 -0.61 38.90 -5.76
C ASP G 90 -0.69 38.55 -7.24
N THR G 91 0.11 37.60 -7.73
CA THR G 91 0.10 37.21 -9.14
C THR G 91 -1.22 36.58 -9.57
N GLY G 92 -1.72 37.00 -10.73
CA GLY G 92 -2.92 36.40 -11.29
C GLY G 92 -3.63 37.31 -12.25
N ILE G 93 -4.79 36.84 -12.72
CA ILE G 93 -5.66 37.66 -13.57
C ILE G 93 -6.53 38.52 -12.67
N TYR G 94 -6.57 39.81 -12.94
CA TYR G 94 -7.42 40.74 -12.22
C TYR G 94 -8.60 41.10 -13.10
N TYR G 95 -9.79 41.04 -12.51
CA TYR G 95 -11.04 41.22 -13.24
C TYR G 95 -11.77 42.43 -12.71
N CYS G 96 -12.18 43.27 -13.64
CA CYS G 96 -13.11 44.35 -13.42
C CYS G 96 -14.51 43.74 -13.40
N THR G 97 -15.29 44.01 -12.34
CA THR G 97 -16.65 43.49 -12.29
C THR G 97 -17.62 44.57 -11.89
N ARG G 98 -18.85 44.40 -12.35
CA ARG G 98 -19.95 45.30 -12.04
C ARG G 98 -20.86 44.70 -10.97
N ASP G 99 -21.22 45.54 -10.00
CA ASP G 99 -22.29 45.33 -9.04
C ASP G 99 -22.01 44.22 -8.04
N PRO G 100 -21.04 44.38 -7.15
CA PRO G 100 -20.95 43.45 -6.02
C PRO G 100 -22.20 43.57 -5.15
N PRO G 101 -22.71 42.46 -4.62
CA PRO G 101 -22.16 41.10 -4.66
C PRO G 101 -22.72 40.23 -5.81
N TYR G 102 -23.36 40.87 -6.81
CA TYR G 102 -23.88 40.10 -7.95
C TYR G 102 -22.79 39.73 -8.95
N PHE G 103 -21.87 40.66 -9.25
CA PHE G 103 -20.83 40.45 -10.25
C PHE G 103 -21.41 40.04 -11.60
N ASP G 104 -22.26 40.92 -12.14
CA ASP G 104 -23.08 40.49 -13.28
C ASP G 104 -22.39 40.70 -14.62
N ASN G 105 -21.26 41.40 -14.65
CA ASN G 105 -20.44 41.49 -15.86
C ASN G 105 -18.98 41.52 -15.47
N TRP G 106 -18.15 40.97 -16.35
CA TRP G 106 -16.74 40.81 -16.07
C TRP G 106 -15.94 41.26 -17.28
N GLY G 107 -14.88 42.00 -17.03
CA GLY G 107 -13.92 42.33 -18.05
C GLY G 107 -13.22 41.07 -18.52
N GLN G 108 -12.36 41.23 -19.52
CA GLN G 108 -11.67 40.06 -20.05
C GLN G 108 -10.45 39.67 -19.23
N GLY G 109 -10.17 40.37 -18.15
CA GLY G 109 -9.05 40.07 -17.30
C GLY G 109 -7.79 40.77 -17.76
N THR G 110 -6.86 40.94 -16.82
CA THR G 110 -5.50 41.36 -17.16
C THR G 110 -4.54 40.71 -16.17
N LEU G 111 -3.46 40.15 -16.69
CA LEU G 111 -2.55 39.37 -15.86
C LEU G 111 -1.48 40.25 -15.22
N VAL G 112 -1.31 40.11 -13.91
CA VAL G 112 -0.22 40.72 -13.16
C VAL G 112 0.74 39.62 -12.72
N THR G 113 2.02 39.76 -13.10
CA THR G 113 3.07 38.82 -12.72
C THR G 113 4.10 39.53 -11.86
N VAL G 114 4.24 39.08 -10.62
CA VAL G 114 5.26 39.60 -9.73
C VAL G 114 6.40 38.59 -9.69
N SER G 115 7.61 39.06 -10.00
CA SER G 115 8.75 38.17 -10.19
C SER G 115 10.00 39.02 -10.40
N SER G 116 11.11 38.59 -9.80
CA SER G 116 12.39 39.26 -10.05
C SER G 116 13.04 38.86 -11.37
N ALA G 117 12.43 37.95 -12.11
CA ALA G 117 12.90 37.65 -13.45
C ALA G 117 12.64 38.84 -14.38
N SER G 118 13.20 38.75 -15.57
CA SER G 118 13.23 39.88 -16.48
C SER G 118 12.58 39.50 -17.79
N THR G 119 11.97 40.50 -18.42
CA THR G 119 11.19 40.29 -19.62
C THR G 119 12.07 39.74 -20.75
N LYS G 120 11.52 38.81 -21.52
CA LYS G 120 12.15 38.30 -22.73
C LYS G 120 11.08 37.94 -23.75
N GLY G 121 11.25 38.43 -24.99
CA GLY G 121 10.25 38.31 -26.03
C GLY G 121 10.50 37.11 -26.91
N PRO G 122 9.49 36.69 -27.67
CA PRO G 122 9.50 35.34 -28.24
C PRO G 122 10.20 35.24 -29.59
N SER G 123 10.81 34.08 -29.80
CA SER G 123 11.21 33.63 -31.12
C SER G 123 10.01 32.92 -31.76
N VAL G 124 9.75 33.20 -33.04
CA VAL G 124 8.63 32.58 -33.75
C VAL G 124 9.16 31.86 -34.99
N PHE G 125 9.07 30.51 -34.97
CA PHE G 125 9.45 29.63 -36.05
C PHE G 125 8.21 28.97 -36.65
N PRO G 126 8.17 28.82 -37.96
CA PRO G 126 7.00 28.19 -38.58
C PRO G 126 7.04 26.67 -38.46
N LEU G 127 5.85 26.09 -38.49
CA LEU G 127 5.70 24.66 -38.69
C LEU G 127 5.05 24.53 -40.07
N ALA G 128 5.88 24.32 -41.08
CA ALA G 128 5.50 24.22 -42.49
C ALA G 128 4.43 23.16 -42.70
N PRO G 129 3.52 23.35 -43.66
CA PRO G 129 2.40 22.40 -43.83
C PRO G 129 2.88 21.01 -44.20
N SER G 130 1.99 20.05 -43.93
CA SER G 130 2.23 18.64 -44.23
C SER G 130 2.71 18.46 -45.67
N SER G 131 3.90 17.87 -45.82
CA SER G 131 4.45 17.60 -47.15
C SER G 131 4.16 16.17 -47.62
N LYS G 132 3.50 15.36 -46.78
CA LYS G 132 2.96 14.06 -47.16
C LYS G 132 1.46 14.13 -47.47
N SER G 133 0.95 15.31 -47.79
CA SER G 133 -0.48 15.54 -47.99
C SER G 133 -0.80 15.46 -49.48
N THR G 134 -1.52 14.40 -49.87
CA THR G 134 -2.07 14.33 -51.22
C THR G 134 -2.98 15.53 -51.46
N SER G 135 -3.20 15.85 -52.74
CA SER G 135 -3.93 17.07 -53.08
C SER G 135 -5.34 17.07 -52.49
N GLY G 136 -5.99 15.91 -52.49
CA GLY G 136 -7.33 15.79 -51.94
C GLY G 136 -7.37 15.24 -50.52
N GLY G 137 -7.03 16.09 -49.55
CA GLY G 137 -7.05 15.69 -48.16
C GLY G 137 -6.97 16.89 -47.24
N THR G 138 -6.55 16.63 -46.00
CA THR G 138 -6.40 17.65 -44.97
C THR G 138 -4.92 17.92 -44.70
N ALA G 139 -4.58 19.19 -44.54
CA ALA G 139 -3.24 19.60 -44.14
C ALA G 139 -3.29 20.35 -42.81
N ALA G 140 -2.13 20.43 -42.15
CA ALA G 140 -2.00 21.18 -40.92
C ALA G 140 -0.72 22.02 -40.96
N LEU G 141 -0.78 23.21 -40.35
CA LEU G 141 0.37 24.13 -40.29
C LEU G 141 0.21 25.01 -39.07
N GLY G 142 1.32 25.57 -38.60
CA GLY G 142 1.23 26.36 -37.39
C GLY G 142 2.49 27.14 -37.09
N CYS G 143 2.52 27.72 -35.88
CA CYS G 143 3.64 28.51 -35.39
C CYS G 143 4.10 28.01 -34.03
N LEU G 144 5.42 27.97 -33.88
CA LEU G 144 6.11 27.68 -32.63
C LEU G 144 6.60 28.99 -32.01
N VAL G 145 5.95 29.42 -30.94
CA VAL G 145 6.35 30.60 -30.19
C VAL G 145 7.14 30.12 -28.99
N LYS G 146 8.39 30.54 -28.88
CA LYS G 146 9.29 29.83 -27.98
C LYS G 146 10.17 30.82 -27.20
N ASP G 147 10.46 30.47 -25.94
CA ASP G 147 11.49 31.16 -25.15
C ASP G 147 11.14 32.64 -24.92
N TYR G 148 10.02 32.83 -24.22
CA TYR G 148 9.49 34.12 -23.83
C TYR G 148 9.07 34.13 -22.36
N PHE G 149 8.94 35.34 -21.80
CA PHE G 149 8.62 35.56 -20.40
C PHE G 149 8.32 37.02 -20.09
N PRO G 150 7.25 37.30 -19.32
CA PRO G 150 6.38 36.29 -18.76
C PRO G 150 5.25 35.97 -19.70
N GLU G 151 4.27 35.25 -19.19
CA GLU G 151 2.99 35.20 -19.85
C GLU G 151 2.37 36.59 -19.85
N PRO G 152 1.51 36.90 -20.81
CA PRO G 152 0.96 36.03 -21.86
C PRO G 152 1.45 36.31 -23.28
N VAL G 153 1.12 35.41 -24.19
CA VAL G 153 1.31 35.63 -25.62
C VAL G 153 -0.07 35.51 -26.28
N THR G 154 -0.31 36.36 -27.27
CA THR G 154 -1.48 36.28 -28.13
C THR G 154 -1.07 35.72 -29.49
N VAL G 155 -1.96 34.94 -30.10
CA VAL G 155 -1.79 34.53 -31.49
C VAL G 155 -3.14 34.58 -32.19
N SER G 156 -3.14 35.12 -33.40
CA SER G 156 -4.26 35.05 -34.30
C SER G 156 -3.73 34.60 -35.66
N TRP G 157 -4.64 34.25 -36.56
CA TRP G 157 -4.25 33.78 -37.87
C TRP G 157 -4.92 34.66 -38.91
N ASN G 158 -4.11 35.15 -39.85
CA ASN G 158 -4.59 36.07 -40.88
C ASN G 158 -5.32 37.25 -40.24
N SER G 159 -4.69 37.79 -39.19
CA SER G 159 -5.19 38.95 -38.42
C SER G 159 -6.64 38.77 -37.98
N GLY G 160 -7.04 37.54 -37.68
CA GLY G 160 -8.37 37.29 -37.17
C GLY G 160 -9.39 36.85 -38.20
N ALA G 161 -9.03 36.86 -39.49
CA ALA G 161 -9.94 36.33 -40.51
C ALA G 161 -10.12 34.82 -40.36
N LEU G 162 -9.13 34.15 -39.79
CA LEU G 162 -9.08 32.70 -39.73
C LEU G 162 -9.14 32.29 -38.26
N THR G 163 -10.32 31.87 -37.82
CA THR G 163 -10.57 31.37 -36.48
C THR G 163 -10.95 29.89 -36.47
N SER G 164 -11.70 29.48 -37.50
CA SER G 164 -12.11 28.10 -37.75
C SER G 164 -10.95 27.13 -37.70
N GLY G 165 -11.04 26.16 -36.78
CA GLY G 165 -10.05 25.10 -36.72
C GLY G 165 -8.71 25.49 -36.12
N VAL G 166 -8.67 26.51 -35.27
CA VAL G 166 -7.43 26.98 -34.67
C VAL G 166 -7.32 26.47 -33.25
N HIS G 167 -6.19 25.85 -32.94
CA HIS G 167 -5.87 25.42 -31.58
C HIS G 167 -4.59 26.12 -31.15
N THR G 168 -4.71 27.03 -30.19
CA THR G 168 -3.54 27.56 -29.50
C THR G 168 -3.33 26.75 -28.22
N PHE G 169 -2.09 26.28 -28.02
CA PHE G 169 -1.91 25.38 -26.88
C PHE G 169 -1.47 26.15 -25.64
N PRO G 170 -1.92 25.71 -24.46
CA PRO G 170 -1.47 26.33 -23.21
C PRO G 170 0.04 26.39 -23.17
N ALA G 171 0.56 27.55 -22.78
CA ALA G 171 2.00 27.69 -22.69
C ALA G 171 2.55 26.75 -21.62
N VAL G 172 3.72 26.19 -21.87
CA VAL G 172 4.38 25.33 -20.89
C VAL G 172 5.73 25.95 -20.56
N LEU G 173 6.03 26.01 -19.28
CA LEU G 173 7.34 26.41 -18.81
C LEU G 173 8.35 25.30 -19.12
N GLN G 174 9.49 25.66 -19.71
CA GLN G 174 10.60 24.71 -19.77
C GLN G 174 11.65 25.11 -18.73
N SER G 175 12.74 24.33 -18.69
CA SER G 175 13.69 24.42 -17.59
C SER G 175 14.42 25.76 -17.56
N SER G 176 14.62 26.38 -18.72
CA SER G 176 15.23 27.71 -18.79
C SER G 176 14.49 28.76 -17.98
N GLY G 177 13.28 28.47 -17.51
CA GLY G 177 12.42 29.47 -16.88
C GLY G 177 11.68 30.35 -17.86
N LEU G 178 11.46 29.83 -19.08
CA LEU G 178 10.86 30.55 -20.18
C LEU G 178 9.71 29.72 -20.72
N TYR G 179 8.66 30.38 -21.19
CA TYR G 179 7.49 29.65 -21.69
C TYR G 179 7.59 29.40 -23.19
N SER G 180 6.77 28.46 -23.65
CA SER G 180 6.76 28.06 -25.03
C SER G 180 5.37 27.51 -25.36
N LEU G 181 4.88 27.81 -26.56
CA LEU G 181 3.62 27.25 -27.01
C LEU G 181 3.60 27.21 -28.52
N SER G 182 2.63 26.46 -29.05
CA SER G 182 2.38 26.38 -30.48
C SER G 182 0.94 26.76 -30.74
N SER G 183 0.72 27.42 -31.85
CA SER G 183 -0.61 27.56 -32.42
C SER G 183 -0.56 26.81 -33.76
N VAL G 184 -1.53 25.94 -33.98
CA VAL G 184 -1.63 25.19 -35.23
C VAL G 184 -3.04 25.32 -35.77
N VAL G 185 -3.16 25.18 -37.08
CA VAL G 185 -4.46 25.31 -37.74
C VAL G 185 -4.53 24.26 -38.84
N THR G 186 -5.72 23.70 -39.02
CA THR G 186 -5.98 22.74 -40.07
C THR G 186 -6.75 23.42 -41.20
N VAL G 187 -6.26 23.28 -42.42
CA VAL G 187 -6.79 23.97 -43.59
C VAL G 187 -6.99 22.96 -44.71
N PRO G 188 -7.76 23.32 -45.75
CA PRO G 188 -7.89 22.41 -46.89
C PRO G 188 -6.58 22.30 -47.66
N SER G 189 -6.24 21.06 -48.06
CA SER G 189 -4.97 20.83 -48.74
C SER G 189 -4.92 21.47 -50.12
N SER G 190 -6.08 21.82 -50.70
CA SER G 190 -6.14 22.40 -52.03
C SER G 190 -5.77 23.88 -52.04
N SER G 191 -5.78 24.53 -50.88
CA SER G 191 -5.59 25.97 -50.78
C SER G 191 -4.20 26.38 -50.33
N LEU G 192 -3.20 25.48 -50.38
CA LEU G 192 -1.87 25.84 -49.86
C LEU G 192 -1.17 26.83 -50.79
N GLY G 193 -1.31 26.65 -52.11
CA GLY G 193 -0.84 27.67 -53.01
C GLY G 193 -1.75 28.88 -53.03
N THR G 194 -3.07 28.64 -52.94
CA THR G 194 -4.05 29.72 -53.05
C THR G 194 -3.88 30.75 -51.92
N GLN G 195 -4.01 30.31 -50.68
CA GLN G 195 -4.14 31.21 -49.54
C GLN G 195 -2.79 31.39 -48.83
N THR G 196 -2.51 32.62 -48.40
CA THR G 196 -1.33 32.87 -47.57
C THR G 196 -1.72 32.81 -46.09
N TYR G 197 -0.81 32.30 -45.27
CA TYR G 197 -1.08 32.08 -43.86
C TYR G 197 -0.04 32.80 -43.04
N ILE G 198 -0.48 33.81 -42.30
CA ILE G 198 0.39 34.56 -41.39
C ILE G 198 -0.13 34.33 -39.98
N CYS G 199 0.76 33.98 -39.06
CA CYS G 199 0.38 33.95 -37.66
C CYS G 199 0.86 35.21 -36.97
N ASN G 200 0.00 35.78 -36.13
CA ASN G 200 0.20 37.09 -35.55
C ASN G 200 0.47 36.93 -34.07
N VAL G 201 1.72 37.10 -33.67
CA VAL G 201 2.13 36.89 -32.30
C VAL G 201 2.36 38.23 -31.64
N ASN G 202 1.85 38.40 -30.41
CA ASN G 202 2.04 39.65 -29.67
C ASN G 202 2.37 39.32 -28.21
N HIS G 203 3.58 39.64 -27.80
CA HIS G 203 4.03 39.50 -26.41
C HIS G 203 4.16 40.92 -25.83
N LYS G 204 3.04 41.45 -25.34
CA LYS G 204 2.95 42.81 -24.82
C LYS G 204 3.93 43.12 -23.68
N PRO G 205 4.26 42.19 -22.78
CA PRO G 205 5.29 42.51 -21.78
C PRO G 205 6.60 42.96 -22.40
N SER G 206 7.02 42.34 -23.49
CA SER G 206 8.26 42.71 -24.17
C SER G 206 8.02 43.62 -25.37
N ASN G 207 6.78 44.06 -25.58
CA ASN G 207 6.44 45.02 -26.62
C ASN G 207 6.83 44.52 -28.01
N THR G 208 6.89 43.20 -28.19
CA THR G 208 7.28 42.63 -29.46
C THR G 208 6.07 42.00 -30.12
N LYS G 209 5.85 42.33 -31.40
CA LYS G 209 5.03 41.49 -32.24
C LYS G 209 5.84 40.98 -33.43
N VAL G 210 5.37 39.86 -33.95
CA VAL G 210 5.96 39.11 -35.05
C VAL G 210 4.80 38.66 -35.92
N ASP G 211 4.96 38.79 -37.23
CA ASP G 211 3.93 38.42 -38.20
C ASP G 211 4.51 37.42 -39.19
N LYS G 212 4.74 36.19 -38.74
CA LYS G 212 5.50 35.22 -39.54
C LYS G 212 4.57 34.51 -40.54
N LYS G 213 4.95 34.60 -41.82
CA LYS G 213 4.24 33.96 -42.92
C LYS G 213 4.71 32.50 -43.05
N VAL G 214 3.76 31.56 -43.18
CA VAL G 214 4.06 30.12 -43.15
C VAL G 214 4.06 29.56 -44.56
N GLU G 215 5.33 29.09 -45.07
CA GLU G 215 5.55 28.64 -46.45
C GLU G 215 5.61 27.12 -46.53
N PRO G 216 5.23 26.55 -47.68
CA PRO G 216 4.89 25.11 -47.70
C PRO G 216 6.06 24.14 -47.53
N LYS G 217 7.30 24.50 -47.86
CA LYS G 217 8.41 23.58 -47.60
C LYS G 217 9.13 23.89 -46.29
N ASP H 1 44.94 6.04 27.66
CA ASP H 1 43.53 5.73 27.58
C ASP H 1 43.28 4.39 26.90
N VAL H 2 42.72 3.44 27.66
CA VAL H 2 42.29 2.19 27.06
C VAL H 2 41.14 2.49 26.11
N VAL H 3 41.27 2.04 24.88
CA VAL H 3 40.20 2.17 23.91
C VAL H 3 39.44 0.86 23.86
N LEU H 4 38.11 0.92 24.01
CA LEU H 4 37.23 -0.24 23.93
C LEU H 4 36.39 -0.12 22.67
N THR H 5 36.39 -1.17 21.85
CA THR H 5 35.68 -1.19 20.58
C THR H 5 34.56 -2.22 20.60
N GLN H 6 33.31 -1.76 20.65
CA GLN H 6 32.16 -2.65 20.62
C GLN H 6 31.76 -3.00 19.18
N SER H 7 31.39 -4.26 18.98
CA SER H 7 30.84 -4.69 17.70
C SER H 7 29.70 -5.68 17.93
N PRO H 8 28.65 -5.62 17.13
CA PRO H 8 28.46 -4.59 16.12
C PRO H 8 27.94 -3.33 16.75
N LEU H 9 28.05 -2.24 16.01
CA LEU H 9 27.51 -0.98 16.49
C LEU H 9 26.00 -0.96 16.42
N SER H 10 25.42 -1.82 15.57
CA SER H 10 23.97 -1.91 15.40
C SER H 10 23.56 -3.38 15.32
N LEU H 11 22.61 -3.78 16.15
CA LEU H 11 22.27 -5.19 16.33
C LEU H 11 20.75 -5.38 16.28
N PRO H 12 20.19 -5.64 15.10
CA PRO H 12 18.77 -6.02 15.05
C PRO H 12 18.59 -7.51 15.32
N VAL H 13 17.70 -7.82 16.24
CA VAL H 13 17.52 -9.17 16.74
C VAL H 13 16.08 -9.60 16.53
N ILE H 14 15.91 -10.77 15.91
CA ILE H 14 14.60 -11.43 15.91
C ILE H 14 14.19 -11.70 17.34
N LEU H 15 12.98 -11.33 17.69
CA LEU H 15 12.45 -11.59 19.03
C LEU H 15 12.65 -13.06 19.44
N GLY H 16 13.35 -13.30 20.56
CA GLY H 16 13.57 -14.64 21.06
C GLY H 16 14.90 -15.28 20.66
N GLN H 17 15.65 -14.66 19.75
CA GLN H 17 16.98 -15.11 19.39
C GLN H 17 18.01 -14.63 20.41
N PRO H 18 19.12 -15.33 20.53
CA PRO H 18 20.22 -14.79 21.33
C PRO H 18 20.85 -13.61 20.63
N ALA H 19 21.68 -12.88 21.37
CA ALA H 19 22.48 -11.82 20.77
C ALA H 19 23.67 -11.61 21.67
N SER H 20 24.80 -11.30 21.06
CA SER H 20 26.02 -11.07 21.82
C SER H 20 26.70 -9.81 21.32
N ILE H 21 27.34 -9.11 22.24
CA ILE H 21 27.98 -7.84 21.95
C ILE H 21 29.44 -7.96 22.37
N SER H 22 30.35 -7.77 21.43
CA SER H 22 31.78 -7.84 21.67
C SER H 22 32.27 -6.52 22.23
N CYS H 23 33.17 -6.61 23.19
CA CYS H 23 33.93 -5.46 23.69
C CYS H 23 35.38 -5.84 23.49
N ARG H 24 36.03 -5.26 22.51
CA ARG H 24 37.43 -5.53 22.29
C ARG H 24 38.27 -4.38 22.81
N SER H 25 39.43 -4.72 23.35
CA SER H 25 40.17 -3.79 24.17
C SER H 25 41.54 -3.57 23.56
N SER H 26 41.94 -2.32 23.46
CA SER H 26 43.31 -1.98 23.05
C SER H 26 44.35 -2.40 24.06
N GLN H 27 43.95 -3.07 25.15
CA GLN H 27 44.80 -3.27 26.32
C GLN H 27 44.17 -4.34 27.20
N SER H 28 45.00 -5.24 27.73
CA SER H 28 44.54 -6.15 28.77
C SER H 28 43.99 -5.36 29.95
N LEU H 29 43.10 -5.99 30.72
CA LEU H 29 42.31 -5.22 31.68
C LEU H 29 42.41 -5.81 33.09
N VAL H 30 43.53 -6.42 33.44
CA VAL H 30 43.72 -6.89 34.81
C VAL H 30 44.46 -5.80 35.59
N TYR H 31 43.84 -5.33 36.65
CA TYR H 31 44.44 -4.38 37.56
C TYR H 31 45.41 -5.10 38.48
N SER H 32 46.29 -4.31 39.15
CA SER H 32 47.35 -4.87 39.98
C SER H 32 46.84 -5.81 41.07
N ASP H 33 45.59 -5.65 41.51
CA ASP H 33 45.05 -6.56 42.51
C ASP H 33 44.52 -7.87 41.90
N GLY H 34 44.69 -8.09 40.60
CA GLY H 34 44.26 -9.33 39.98
C GLY H 34 42.83 -9.36 39.50
N ARG H 35 42.05 -8.32 39.79
CA ARG H 35 40.65 -8.25 39.40
C ARG H 35 40.49 -7.57 38.05
N THR H 36 39.40 -7.87 37.36
CA THR H 36 39.10 -7.24 36.07
C THR H 36 37.83 -6.42 36.23
N TYR H 37 37.95 -5.11 36.13
CA TYR H 37 36.84 -4.22 36.47
C TYR H 37 36.14 -3.78 35.19
N LEU H 38 35.37 -4.70 34.59
CA LEU H 38 34.64 -4.43 33.36
C LEU H 38 33.15 -4.60 33.58
N ASN H 39 32.37 -3.59 33.19
CA ASN H 39 30.94 -3.53 33.43
C ASN H 39 30.19 -3.37 32.12
N TRP H 40 28.92 -3.79 32.12
CA TRP H 40 28.01 -3.53 31.02
C TRP H 40 26.82 -2.74 31.53
N PHE H 41 26.49 -1.66 30.82
CA PHE H 41 25.32 -0.84 31.13
C PHE H 41 24.34 -0.89 29.98
N GLN H 42 23.05 -0.94 30.34
CA GLN H 42 21.94 -0.77 29.42
C GLN H 42 21.36 0.63 29.59
N GLN H 43 21.16 1.33 28.48
CA GLN H 43 20.49 2.63 28.50
C GLN H 43 19.26 2.52 27.62
N ARG H 44 18.09 2.37 28.25
CA ARG H 44 16.84 2.43 27.52
C ARG H 44 16.58 3.86 27.02
N PRO H 45 15.71 4.00 26.01
CA PRO H 45 15.43 5.35 25.46
C PRO H 45 14.87 6.30 26.51
N GLY H 46 15.55 7.43 26.70
CA GLY H 46 15.10 8.46 27.62
C GLY H 46 15.52 8.29 29.07
N GLN H 47 16.11 7.16 29.44
CA GLN H 47 16.54 6.91 30.80
C GLN H 47 18.05 7.13 30.95
N SER H 48 18.53 6.94 32.14
CA SER H 48 19.95 6.95 32.40
C SER H 48 20.47 5.52 32.38
N PRO H 49 21.78 5.33 32.20
CA PRO H 49 22.32 3.96 32.15
C PRO H 49 22.01 3.23 33.43
N ARG H 50 21.82 1.92 33.30
CA ARG H 50 21.60 1.01 34.43
C ARG H 50 22.64 -0.10 34.35
N ARG H 51 23.25 -0.44 35.47
CA ARG H 51 24.31 -1.44 35.43
C ARG H 51 23.73 -2.85 35.39
N LEU H 52 24.31 -3.69 34.55
CA LEU H 52 23.86 -5.06 34.27
C LEU H 52 24.84 -6.10 34.75
N ILE H 53 26.09 -5.96 34.32
CA ILE H 53 27.14 -6.91 34.58
C ILE H 53 28.29 -6.13 35.19
N TYR H 54 28.98 -6.74 36.14
CA TYR H 54 30.18 -6.10 36.69
C TYR H 54 31.19 -7.18 37.02
N LYS H 55 32.47 -6.80 36.95
CA LYS H 55 33.62 -7.71 37.07
C LYS H 55 33.49 -8.87 36.09
N ILE H 56 33.37 -8.50 34.80
CA ILE H 56 33.31 -9.41 33.67
C ILE H 56 31.96 -10.12 33.59
N SER H 57 31.56 -10.78 34.66
CA SER H 57 30.47 -11.73 34.55
C SER H 57 29.50 -11.71 35.72
N LYS H 58 29.75 -10.93 36.77
CA LYS H 58 28.83 -10.93 37.89
C LYS H 58 27.60 -10.13 37.55
N ARG H 59 26.44 -10.67 37.91
CA ARG H 59 25.16 -10.14 37.47
C ARG H 59 24.58 -9.23 38.55
N ASP H 60 24.01 -8.11 38.12
CA ASP H 60 23.57 -7.10 39.04
C ASP H 60 22.22 -7.54 39.63
N SER H 61 21.89 -6.98 40.80
CA SER H 61 20.88 -7.56 41.69
C SER H 61 19.53 -7.73 40.99
N GLY H 62 19.01 -6.66 40.38
CA GLY H 62 17.71 -6.73 39.73
C GLY H 62 17.77 -6.92 38.23
N VAL H 63 18.45 -7.98 37.79
CA VAL H 63 18.83 -8.20 36.40
C VAL H 63 18.54 -9.65 36.04
N PRO H 64 17.72 -9.90 35.01
CA PRO H 64 17.26 -11.26 34.71
C PRO H 64 18.39 -12.22 34.30
N GLU H 65 18.15 -13.52 34.54
CA GLU H 65 19.13 -14.58 34.32
C GLU H 65 19.69 -14.55 32.89
N ARG H 66 18.96 -13.95 31.93
CA ARG H 66 19.34 -14.08 30.52
C ARG H 66 20.40 -13.09 30.11
N PHE H 67 20.79 -12.16 30.97
CA PHE H 67 21.95 -11.35 30.69
C PHE H 67 23.18 -12.03 31.27
N SER H 68 24.20 -12.18 30.45
CA SER H 68 25.37 -12.94 30.81
C SER H 68 26.61 -12.21 30.30
N GLY H 69 27.71 -12.40 31.03
CA GLY H 69 28.96 -11.76 30.67
C GLY H 69 30.10 -12.76 30.76
N SER H 70 31.11 -12.55 29.95
CA SER H 70 32.25 -13.45 29.90
C SER H 70 33.35 -12.75 29.13
N GLY H 71 34.56 -13.30 29.24
CA GLY H 71 35.70 -12.83 28.49
C GLY H 71 36.95 -12.81 29.32
N SER H 72 38.09 -12.76 28.64
CA SER H 72 39.38 -12.58 29.30
C SER H 72 40.31 -11.91 28.28
N GLY H 73 41.44 -11.41 28.78
CA GLY H 73 42.43 -10.80 27.91
C GLY H 73 41.98 -9.46 27.33
N THR H 74 41.64 -9.44 26.04
CA THR H 74 41.20 -8.20 25.43
C THR H 74 39.83 -8.32 24.77
N ASP H 75 39.13 -9.43 24.97
CA ASP H 75 37.90 -9.73 24.26
C ASP H 75 36.84 -10.09 25.29
N PHE H 76 35.83 -9.23 25.46
CA PHE H 76 34.76 -9.46 26.43
C PHE H 76 33.43 -9.44 25.72
N THR H 77 32.45 -10.12 26.31
CA THR H 77 31.21 -10.34 25.61
C THR H 77 30.02 -10.22 26.54
N LEU H 78 29.01 -9.47 26.09
CA LEU H 78 27.70 -9.45 26.72
C LEU H 78 26.78 -10.38 25.92
N GLU H 79 26.13 -11.30 26.61
CA GLU H 79 25.35 -12.33 25.95
C GLU H 79 23.92 -12.22 26.46
N ILE H 80 22.98 -11.98 25.56
CA ILE H 80 21.55 -11.96 25.88
C ILE H 80 20.93 -13.22 25.29
N SER H 81 20.55 -14.16 26.14
CA SER H 81 20.22 -15.48 25.62
C SER H 81 18.86 -15.55 24.92
N ARG H 82 17.93 -14.61 25.18
CA ARG H 82 16.58 -14.65 24.58
C ARG H 82 16.08 -13.21 24.55
N VAL H 83 16.30 -12.51 23.44
CA VAL H 83 15.97 -11.09 23.42
C VAL H 83 14.46 -10.89 23.50
N GLU H 84 14.06 -9.99 24.38
CA GLU H 84 12.68 -9.57 24.61
C GLU H 84 12.50 -8.11 24.22
N ALA H 85 11.26 -7.66 24.26
CA ALA H 85 10.96 -6.28 23.87
C ALA H 85 11.64 -5.28 24.80
N GLU H 86 11.73 -5.60 26.09
CA GLU H 86 12.30 -4.69 27.07
C GLU H 86 13.81 -4.52 26.94
N ASP H 87 14.48 -5.22 26.02
CA ASP H 87 15.93 -5.10 25.91
C ASP H 87 16.36 -4.07 24.89
N VAL H 88 15.42 -3.37 24.27
CA VAL H 88 15.80 -2.38 23.29
C VAL H 88 16.56 -1.27 24.01
N GLY H 89 17.71 -0.88 23.46
CA GLY H 89 18.46 0.21 24.04
C GLY H 89 19.89 0.24 23.56
N ILE H 90 20.69 1.07 24.22
CA ILE H 90 22.13 1.15 23.96
C ILE H 90 22.84 0.35 25.05
N TYR H 91 23.76 -0.53 24.65
CA TYR H 91 24.57 -1.24 25.61
C TYR H 91 25.98 -0.69 25.56
N TYR H 92 26.54 -0.37 26.73
CA TYR H 92 27.89 0.19 26.85
C TYR H 92 28.80 -0.76 27.64
N CYS H 93 29.95 -1.08 27.09
CA CYS H 93 30.90 -1.67 28.01
C CYS H 93 31.76 -0.56 28.62
N MET H 94 32.47 -0.92 29.68
CA MET H 94 33.18 0.06 30.48
C MET H 94 34.26 -0.66 31.25
N GLN H 95 35.47 -0.11 31.20
CA GLN H 95 36.58 -0.66 31.96
C GLN H 95 37.01 0.34 33.03
N GLY H 96 37.20 -0.14 34.25
CA GLY H 96 37.70 0.68 35.33
C GLY H 96 38.95 0.08 35.93
N SER H 97 39.66 -0.74 35.14
CA SER H 97 40.82 -1.47 35.59
C SER H 97 42.12 -0.72 35.39
N HIS H 98 42.14 0.22 34.46
CA HIS H 98 43.30 1.05 34.20
C HIS H 98 42.84 2.50 34.07
N TRP H 99 43.54 3.39 34.75
CA TRP H 99 43.11 4.77 34.90
C TRP H 99 43.36 5.54 33.62
N PRO H 100 42.40 6.38 33.17
CA PRO H 100 41.07 6.64 33.74
C PRO H 100 40.01 5.70 33.18
N VAL H 101 38.77 5.68 33.71
CA VAL H 101 37.80 4.71 33.22
C VAL H 101 37.35 5.13 31.83
N THR H 102 37.18 4.17 30.96
CA THR H 102 36.76 4.48 29.61
C THR H 102 35.57 3.60 29.25
N PHE H 103 34.73 4.13 28.36
CA PHE H 103 33.53 3.47 27.88
C PHE H 103 33.66 3.10 26.41
N GLY H 104 32.99 2.01 26.05
CA GLY H 104 32.75 1.75 24.64
C GLY H 104 31.84 2.80 24.04
N GLN H 105 31.80 2.81 22.71
CA GLN H 105 30.96 3.78 21.99
C GLN H 105 29.49 3.39 22.04
N GLY H 106 29.17 2.12 22.25
CA GLY H 106 27.77 1.78 22.50
C GLY H 106 27.18 0.97 21.37
N THR H 107 26.41 -0.04 21.73
CA THR H 107 25.73 -0.88 20.75
C THR H 107 24.23 -0.68 20.90
N LYS H 108 23.55 -0.43 19.79
CA LYS H 108 22.10 -0.27 19.81
C LYS H 108 21.47 -1.61 19.50
N VAL H 109 20.57 -2.07 20.36
CA VAL H 109 19.81 -3.30 20.14
C VAL H 109 18.38 -2.93 19.82
N GLU H 110 17.91 -3.31 18.63
CA GLU H 110 16.50 -3.23 18.22
C GLU H 110 15.88 -4.58 17.91
N ILE H 111 14.57 -4.66 18.17
CA ILE H 111 13.71 -5.75 17.69
C ILE H 111 13.63 -5.68 16.17
N LYS H 112 13.97 -6.77 15.50
CA LYS H 112 13.82 -6.89 14.04
C LYS H 112 12.49 -7.59 13.70
N ARG H 113 11.54 -6.81 13.21
CA ARG H 113 10.21 -7.32 12.87
C ARG H 113 10.06 -7.43 11.35
N THR H 114 8.90 -7.89 10.91
CA THR H 114 8.62 -7.99 9.49
C THR H 114 8.47 -6.59 8.90
N VAL H 115 8.76 -6.49 7.59
CA VAL H 115 8.79 -5.19 6.92
C VAL H 115 7.41 -4.53 6.97
N ALA H 116 7.39 -3.25 7.33
CA ALA H 116 6.19 -2.44 7.33
C ALA H 116 6.42 -1.23 6.44
N ALA H 117 5.49 -1.00 5.49
CA ALA H 117 5.66 0.17 4.63
C ALA H 117 5.17 1.42 5.35
N PRO H 118 5.73 2.57 5.03
CA PRO H 118 5.31 3.80 5.72
C PRO H 118 4.01 4.33 5.16
N SER H 119 3.23 4.94 6.05
CA SER H 119 2.12 5.79 5.66
C SER H 119 2.63 7.22 5.54
N VAL H 120 2.40 7.85 4.39
CA VAL H 120 2.96 9.16 4.09
C VAL H 120 1.90 10.24 4.26
N PHE H 121 2.34 11.44 4.64
CA PHE H 121 1.45 12.55 4.93
C PHE H 121 2.21 13.84 4.70
N ILE H 122 1.54 14.84 4.15
CA ILE H 122 2.20 16.12 3.88
C ILE H 122 1.35 17.24 4.47
N PHE H 123 2.04 18.29 4.96
CA PHE H 123 1.39 19.42 5.63
C PHE H 123 1.91 20.73 5.05
N PRO H 124 1.06 21.56 4.50
CA PRO H 124 1.53 22.86 3.99
C PRO H 124 1.77 23.81 5.13
N PRO H 125 2.63 24.82 4.95
CA PRO H 125 2.86 25.79 6.02
C PRO H 125 1.54 26.36 6.52
N SER H 126 1.44 26.52 7.84
CA SER H 126 0.29 27.22 8.41
C SER H 126 0.33 28.70 8.01
N ASP H 127 -0.85 29.30 7.87
CA ASP H 127 -0.90 30.72 7.56
C ASP H 127 -0.20 31.55 8.62
N GLU H 128 -0.28 31.11 9.89
CA GLU H 128 0.35 31.82 10.99
C GLU H 128 1.87 31.87 10.83
N GLN H 129 2.48 30.75 10.44
CA GLN H 129 3.92 30.78 10.18
C GLN H 129 4.23 31.67 8.98
N LEU H 130 3.28 31.83 8.05
CA LEU H 130 3.52 32.65 6.87
C LEU H 130 3.48 34.15 7.22
N LYS H 131 2.59 34.55 8.16
CA LYS H 131 2.72 35.83 8.85
C LYS H 131 4.14 36.14 9.30
N SER H 132 4.91 35.16 9.75
CA SER H 132 6.21 35.40 10.36
C SER H 132 7.34 35.68 9.37
N GLY H 133 7.30 35.11 8.16
CA GLY H 133 8.37 35.24 7.19
C GLY H 133 8.98 33.92 6.73
N THR H 134 8.54 32.79 7.28
CA THR H 134 9.15 31.50 7.04
C THR H 134 8.07 30.49 6.66
N ALA H 135 8.45 29.50 5.86
CA ALA H 135 7.55 28.41 5.46
C ALA H 135 8.24 27.08 5.71
N SER H 136 7.65 26.26 6.58
CA SER H 136 8.11 24.90 6.82
C SER H 136 7.07 23.94 6.26
N VAL H 137 7.47 23.12 5.31
CA VAL H 137 6.59 22.08 4.80
C VAL H 137 7.02 20.78 5.48
N VAL H 138 6.05 20.03 6.00
CA VAL H 138 6.36 18.86 6.81
C VAL H 138 5.85 17.61 6.13
N CYS H 139 6.73 16.63 5.97
CA CYS H 139 6.41 15.32 5.41
C CYS H 139 6.64 14.27 6.49
N LEU H 140 5.64 13.43 6.72
CA LEU H 140 5.65 12.44 7.80
C LEU H 140 5.60 11.03 7.21
N LEU H 141 6.51 10.17 7.68
CA LEU H 141 6.51 8.74 7.38
C LEU H 141 6.12 7.99 8.65
N ASN H 142 5.03 7.23 8.62
CA ASN H 142 4.46 6.72 9.86
C ASN H 142 4.51 5.19 9.95
N ASN H 143 5.05 4.71 11.07
CA ASN H 143 5.05 3.31 11.48
C ASN H 143 5.59 2.38 10.39
N PHE H 144 6.86 2.60 10.02
CA PHE H 144 7.52 1.72 9.07
C PHE H 144 8.67 0.97 9.74
N TYR H 145 9.18 -0.04 9.02
CA TYR H 145 10.34 -0.80 9.44
C TYR H 145 10.92 -1.45 8.20
N PRO H 146 12.26 -1.48 8.03
CA PRO H 146 13.36 -0.94 8.85
C PRO H 146 13.48 0.60 8.78
N ARG H 147 14.33 1.20 9.63
CA ARG H 147 14.60 2.64 9.57
C ARG H 147 15.04 3.14 8.19
N GLU H 148 15.64 2.32 7.33
CA GLU H 148 16.16 2.88 6.09
C GLU H 148 15.04 3.38 5.19
N ALA H 149 15.17 4.63 4.76
CA ALA H 149 14.23 5.26 3.84
C ALA H 149 14.85 6.56 3.33
N LYS H 150 14.42 6.97 2.13
CA LYS H 150 14.90 8.20 1.52
C LYS H 150 13.71 9.08 1.14
N VAL H 151 13.80 10.35 1.54
CA VAL H 151 12.77 11.35 1.28
C VAL H 151 13.36 12.40 0.35
N GLN H 152 12.80 12.51 -0.85
CA GLN H 152 13.20 13.51 -1.84
C GLN H 152 12.15 14.62 -1.91
N TRP H 153 12.59 15.86 -1.76
CA TRP H 153 11.71 17.01 -1.97
C TRP H 153 11.82 17.50 -3.42
N LYS H 154 10.68 17.90 -3.98
CA LYS H 154 10.65 18.57 -5.30
C LYS H 154 9.65 19.73 -5.29
N VAL H 155 10.18 20.92 -4.99
CA VAL H 155 9.46 22.17 -5.25
C VAL H 155 9.33 22.37 -6.75
N ASP H 156 8.10 22.64 -7.20
CA ASP H 156 7.74 22.49 -8.60
C ASP H 156 8.07 21.06 -9.01
N ASN H 157 9.04 20.88 -9.91
CA ASN H 157 9.66 19.57 -10.06
C ASN H 157 11.18 19.67 -9.94
N ALA H 158 11.67 20.74 -9.34
CA ALA H 158 13.10 20.87 -9.07
C ALA H 158 13.50 19.97 -7.91
N LEU H 159 14.58 19.20 -8.09
CA LEU H 159 15.13 18.43 -6.98
C LEU H 159 15.62 19.36 -5.87
N GLN H 160 15.21 19.08 -4.64
CA GLN H 160 15.60 19.90 -3.51
C GLN H 160 16.80 19.30 -2.79
N SER H 161 17.44 20.15 -1.98
CA SER H 161 18.88 20.07 -1.82
C SER H 161 19.32 20.86 -0.60
N GLY H 162 20.01 20.22 0.31
CA GLY H 162 20.67 20.94 1.38
C GLY H 162 19.83 21.85 2.26
N ASN H 163 18.50 21.76 2.18
CA ASN H 163 17.62 22.59 2.99
C ASN H 163 16.53 21.77 3.66
N SER H 164 16.75 20.47 3.81
CA SER H 164 15.83 19.54 4.45
C SER H 164 16.39 19.11 5.80
N GLN H 165 15.52 18.70 6.71
CA GLN H 165 15.98 18.16 7.99
C GLN H 165 15.13 16.96 8.39
N GLU H 166 15.76 15.80 8.48
CA GLU H 166 15.08 14.60 8.96
C GLU H 166 15.19 14.51 10.47
N SER H 167 14.23 13.82 11.07
CA SER H 167 14.28 13.45 12.47
C SER H 167 13.40 12.21 12.62
N VAL H 168 13.82 11.31 13.51
CA VAL H 168 13.30 9.94 13.51
C VAL H 168 13.17 9.46 14.95
N THR H 169 12.04 8.82 15.27
CA THR H 169 11.79 8.29 16.62
C THR H 169 12.60 7.02 16.87
N GLU H 170 12.63 6.56 18.12
CA GLU H 170 13.17 5.24 18.39
C GLU H 170 12.07 4.19 18.19
N GLN H 171 12.45 2.91 18.21
CA GLN H 171 11.45 1.86 18.03
C GLN H 171 10.30 1.97 19.01
N ASP H 172 9.10 2.00 18.44
CA ASP H 172 7.86 2.06 19.22
C ASP H 172 7.70 0.80 20.07
N SER H 173 7.33 0.98 21.34
CA SER H 173 7.26 -0.16 22.27
C SER H 173 6.30 -1.23 21.77
N LYS H 174 5.13 -0.83 21.25
CA LYS H 174 4.11 -1.80 20.87
C LYS H 174 4.48 -2.51 19.57
N ASP H 175 4.62 -1.76 18.47
CA ASP H 175 4.66 -2.37 17.15
C ASP H 175 6.07 -2.47 16.55
N SER H 176 7.11 -2.11 17.29
CA SER H 176 8.50 -2.18 16.83
C SER H 176 8.78 -1.40 15.55
N THR H 177 7.99 -0.36 15.24
CA THR H 177 8.22 0.44 14.04
C THR H 177 8.81 1.79 14.42
N TYR H 178 9.35 2.45 13.40
CA TYR H 178 9.82 3.83 13.51
C TYR H 178 8.84 4.79 12.86
N SER H 179 9.11 6.08 13.07
CA SER H 179 8.42 7.15 12.36
C SER H 179 9.44 8.24 12.09
N LEU H 180 9.21 8.99 11.02
CA LEU H 180 10.20 9.93 10.52
C LEU H 180 9.51 11.20 10.07
N SER H 181 10.15 12.33 10.35
CA SER H 181 9.63 13.64 9.99
C SER H 181 10.65 14.33 9.12
N SER H 182 10.25 14.75 7.91
CA SER H 182 11.08 15.61 7.08
C SER H 182 10.48 17.00 7.00
N THR H 183 11.35 18.01 7.05
CA THR H 183 10.96 19.41 7.18
C THR H 183 11.77 20.23 6.19
N LEU H 184 11.12 20.63 5.10
CA LEU H 184 11.64 21.60 4.15
C LEU H 184 11.33 23.00 4.66
N THR H 185 12.35 23.84 4.80
CA THR H 185 12.22 25.21 5.31
C THR H 185 12.66 26.20 4.24
N LEU H 186 11.84 27.24 4.03
CA LEU H 186 11.98 28.16 2.91
C LEU H 186 11.85 29.58 3.45
N SER H 187 12.08 30.56 2.60
CA SER H 187 11.62 31.90 2.93
C SER H 187 10.18 32.06 2.46
N LYS H 188 9.45 32.98 3.11
CA LYS H 188 8.06 33.23 2.72
C LYS H 188 7.95 33.60 1.23
N ALA H 189 9.01 34.23 0.68
CA ALA H 189 9.04 34.61 -0.73
C ALA H 189 9.07 33.36 -1.63
N ASP H 190 10.13 32.54 -1.46
CA ASP H 190 10.36 31.28 -2.14
C ASP H 190 9.18 30.33 -2.05
N TYR H 191 8.53 30.22 -0.89
CA TYR H 191 7.28 29.45 -0.83
C TYR H 191 6.23 30.06 -1.74
N GLU H 192 6.21 31.40 -1.83
CA GLU H 192 5.19 32.03 -2.66
C GLU H 192 5.53 31.97 -4.15
N LYS H 193 6.81 31.86 -4.50
CA LYS H 193 7.21 31.94 -5.90
C LYS H 193 6.85 30.68 -6.69
N HIS H 194 6.70 29.54 -6.03
CA HIS H 194 6.39 28.29 -6.72
C HIS H 194 5.04 27.75 -6.26
N LYS H 195 4.59 26.68 -6.90
CA LYS H 195 3.25 26.16 -6.63
C LYS H 195 3.13 24.65 -6.42
N VAL H 196 4.08 23.88 -6.96
CA VAL H 196 4.04 22.42 -6.85
C VAL H 196 4.94 21.97 -5.71
N TYR H 197 4.35 21.37 -4.67
CA TYR H 197 5.09 20.93 -3.50
C TYR H 197 4.85 19.45 -3.23
N ALA H 198 5.91 18.65 -3.35
CA ALA H 198 5.80 17.18 -3.30
C ALA H 198 6.99 16.57 -2.56
N CYS H 199 6.69 15.59 -1.68
CA CYS H 199 7.72 14.77 -1.04
C CYS H 199 7.59 13.34 -1.55
N GLU H 200 8.74 12.77 -1.91
CA GLU H 200 8.84 11.45 -2.53
C GLU H 200 9.57 10.50 -1.60
N VAL H 201 8.89 9.41 -1.23
CA VAL H 201 9.36 8.47 -0.22
C VAL H 201 9.65 7.15 -0.90
N THR H 202 10.86 6.62 -0.71
CA THR H 202 11.19 5.30 -1.21
C THR H 202 11.62 4.42 -0.04
N HIS H 203 11.03 3.22 0.04
CA HIS H 203 11.25 2.33 1.17
C HIS H 203 11.06 0.88 0.70
N GLN H 204 11.79 -0.02 1.37
CA GLN H 204 11.78 -1.44 1.04
C GLN H 204 10.37 -2.03 1.04
N GLY H 205 9.50 -1.55 1.92
CA GLY H 205 8.15 -2.05 1.98
C GLY H 205 7.20 -1.50 0.92
N LEU H 206 7.62 -0.51 0.14
CA LEU H 206 6.81 0.02 -0.96
C LEU H 206 7.28 -0.58 -2.28
N SER H 207 6.32 -0.98 -3.12
CA SER H 207 6.66 -1.64 -4.38
C SER H 207 7.18 -0.63 -5.39
N SER H 208 6.58 0.53 -5.45
CA SER H 208 7.09 1.67 -6.20
C SER H 208 7.25 2.87 -5.28
N PRO H 209 8.11 3.85 -5.62
CA PRO H 209 8.14 5.10 -4.88
C PRO H 209 6.74 5.71 -4.73
N VAL H 210 6.50 6.31 -3.57
CA VAL H 210 5.23 6.92 -3.21
C VAL H 210 5.45 8.41 -3.07
N THR H 211 4.68 9.21 -3.79
CA THR H 211 4.81 10.65 -3.70
C THR H 211 3.49 11.18 -3.16
N LYS H 212 3.57 12.11 -2.22
CA LYS H 212 2.36 12.84 -1.87
C LYS H 212 2.71 14.31 -1.88
N SER H 213 1.75 15.13 -2.26
CA SER H 213 2.02 16.49 -2.71
C SER H 213 0.77 17.34 -2.50
N PHE H 214 0.98 18.64 -2.64
CA PHE H 214 -0.10 19.60 -2.61
C PHE H 214 0.32 20.76 -3.50
N ASN H 215 -0.62 21.65 -3.75
CA ASN H 215 -0.36 22.82 -4.57
C ASN H 215 -0.66 24.06 -3.73
N ARG H 216 0.23 25.04 -3.82
CA ARG H 216 0.11 26.21 -2.96
C ARG H 216 -1.19 26.95 -3.25
N GLY H 217 -1.95 27.21 -2.18
CA GLY H 217 -3.30 27.73 -2.34
C GLY H 217 -4.09 26.83 -3.27
N GLU H 218 -4.51 25.68 -2.77
CA GLU H 218 -5.28 24.73 -3.55
C GLU H 218 -6.69 25.27 -3.72
N GLN I 1 16.24 2.10 49.16
CA GLN I 1 16.59 1.86 47.77
C GLN I 1 17.36 3.06 47.24
N VAL I 2 18.51 2.77 46.62
CA VAL I 2 19.44 3.82 46.23
C VAL I 2 18.75 4.74 45.24
N GLN I 3 18.79 6.03 45.53
CA GLN I 3 18.09 7.00 44.70
C GLN I 3 18.95 8.26 44.66
N LEU I 4 19.29 8.72 43.44
CA LEU I 4 20.21 9.84 43.23
C LEU I 4 19.53 10.90 42.37
N VAL I 5 19.10 12.00 42.96
CA VAL I 5 18.43 13.05 42.22
C VAL I 5 19.38 14.21 41.94
N GLU I 6 19.32 14.76 40.73
CA GLU I 6 20.23 15.78 40.26
C GLU I 6 19.52 17.09 39.93
N SER I 7 20.26 18.19 40.05
CA SER I 7 19.69 19.50 39.77
C SER I 7 20.82 20.45 39.38
N GLY I 8 20.44 21.62 38.84
CA GLY I 8 21.35 22.69 38.51
C GLY I 8 21.76 22.82 37.04
N GLY I 9 21.32 21.94 36.17
CA GLY I 9 21.68 22.08 34.77
C GLY I 9 20.91 23.20 34.08
N GLY I 10 21.54 23.80 33.09
CA GLY I 10 20.86 24.84 32.35
C GLY I 10 21.70 25.36 31.20
N LEU I 11 21.32 26.55 30.74
CA LEU I 11 22.03 27.23 29.66
C LEU I 11 23.06 28.20 30.24
N VAL I 12 24.21 28.29 29.59
CA VAL I 12 25.28 29.15 30.06
C VAL I 12 26.16 29.53 28.87
N LYS I 13 26.71 30.75 28.90
CA LYS I 13 27.57 31.24 27.81
C LYS I 13 28.93 30.56 27.91
N PRO I 14 29.70 30.50 26.82
CA PRO I 14 31.10 30.06 26.96
C PRO I 14 31.83 30.90 28.00
N GLY I 15 32.78 30.27 28.69
CA GLY I 15 33.45 30.90 29.82
C GLY I 15 32.62 31.11 31.07
N GLY I 16 31.32 30.75 31.05
CA GLY I 16 30.49 30.88 32.23
C GLY I 16 30.67 29.75 33.23
N SER I 17 29.90 29.84 34.31
CA SER I 17 29.97 28.92 35.43
C SER I 17 28.60 28.33 35.73
N LEU I 18 28.60 27.18 36.42
CA LEU I 18 27.36 26.46 36.72
C LEU I 18 27.64 25.50 37.87
N ARG I 19 26.60 25.20 38.67
CA ARG I 19 26.78 24.34 39.85
C ARG I 19 25.80 23.18 39.83
N LEU I 20 26.32 21.99 39.55
CA LEU I 20 25.50 20.80 39.59
C LEU I 20 25.36 20.30 41.02
N SER I 21 24.25 19.61 41.27
CA SER I 21 23.95 19.07 42.58
C SER I 21 23.39 17.67 42.44
N CYS I 22 23.72 16.85 43.41
CA CYS I 22 23.20 15.51 43.51
C CYS I 22 22.83 15.29 44.97
N VAL I 23 21.54 15.22 45.27
CA VAL I 23 21.10 14.81 46.58
C VAL I 23 20.76 13.33 46.52
N SER I 24 21.37 12.57 47.41
CA SER I 24 21.26 11.12 47.45
C SER I 24 20.44 10.69 48.65
N SER I 25 19.86 9.49 48.53
CA SER I 25 19.09 8.91 49.62
C SER I 25 19.04 7.40 49.48
N GLY I 26 18.80 6.73 50.60
CA GLY I 26 18.60 5.29 50.60
C GLY I 26 19.83 4.44 50.88
N PHE I 27 21.00 5.05 51.12
CA PHE I 27 22.19 4.29 51.49
C PHE I 27 23.03 5.16 52.41
N THR I 28 24.13 4.62 52.93
CA THR I 28 24.99 5.41 53.80
C THR I 28 25.93 6.24 52.93
N PHE I 29 25.59 7.52 52.74
CA PHE I 29 26.31 8.36 51.79
C PHE I 29 27.81 8.44 52.08
N SER I 30 28.18 8.65 53.35
CA SER I 30 29.59 8.85 53.71
C SER I 30 30.47 7.62 53.47
N ASN I 31 29.90 6.46 53.16
CA ASN I 31 30.65 5.23 52.85
C ASN I 31 31.19 5.13 51.44
N TYR I 32 30.88 6.05 50.53
CA TYR I 32 31.13 5.78 49.13
C TYR I 32 31.92 6.88 48.47
N TRP I 33 32.87 6.49 47.63
CA TRP I 33 33.32 7.43 46.61
C TRP I 33 32.14 7.75 45.69
N MET I 34 32.10 8.97 45.17
CA MET I 34 31.05 9.34 44.24
C MET I 34 31.72 9.79 42.97
N SER I 35 30.96 9.84 41.88
CA SER I 35 31.60 10.20 40.64
C SER I 35 30.63 10.92 39.70
N TRP I 36 31.21 11.74 38.81
CA TRP I 36 30.45 12.45 37.79
C TRP I 36 30.83 11.91 36.42
N VAL I 37 29.81 11.60 35.61
CA VAL I 37 29.99 11.11 34.25
C VAL I 37 29.10 11.91 33.33
N ARG I 38 29.60 12.21 32.13
CA ARG I 38 28.83 13.05 31.20
C ARG I 38 28.73 12.35 29.85
N GLN I 39 27.72 12.77 29.08
CA GLN I 39 27.39 12.16 27.81
C GLN I 39 27.06 13.27 26.81
N ALA I 40 27.91 13.45 25.81
CA ALA I 40 27.69 14.50 24.84
C ALA I 40 26.46 14.20 24.00
N PRO I 41 25.90 15.21 23.32
CA PRO I 41 24.78 14.93 22.42
C PRO I 41 25.23 13.95 21.35
N GLY I 42 24.36 12.97 21.06
CA GLY I 42 24.70 11.85 20.20
C GLY I 42 26.08 11.34 20.55
N GLY I 43 26.21 10.76 21.73
CA GLY I 43 27.54 10.59 22.27
C GLY I 43 27.65 9.42 23.23
N GLY I 44 28.88 9.00 23.43
CA GLY I 44 29.18 8.03 24.44
C GLY I 44 29.43 8.70 25.77
N LEU I 45 29.81 7.88 26.73
CA LEU I 45 29.97 8.33 28.09
C LEU I 45 31.42 8.67 28.32
N GLU I 46 31.65 9.76 29.03
CA GLU I 46 33.00 10.18 29.38
C GLU I 46 33.02 10.41 30.88
N TRP I 47 33.97 9.77 31.55
CA TRP I 47 34.15 9.98 32.99
C TRP I 47 34.69 11.39 33.23
N VAL I 48 34.25 12.04 34.31
CA VAL I 48 34.65 13.42 34.60
C VAL I 48 35.44 13.53 35.90
N ALA I 49 34.93 12.95 36.99
CA ALA I 49 35.42 13.30 38.32
C ALA I 49 35.17 12.20 39.35
N ASN I 50 36.18 11.90 40.18
CA ASN I 50 35.96 11.16 41.40
C ASN I 50 36.10 12.08 42.59
N ILE I 51 35.40 11.72 43.67
CA ILE I 51 35.61 12.32 44.98
C ILE I 51 35.46 11.21 46.01
N ASN I 52 36.31 11.23 47.03
CA ASN I 52 36.32 10.13 47.99
C ASN I 52 35.39 10.49 49.14
N GLN I 53 35.44 9.72 50.23
CA GLN I 53 34.36 9.73 51.20
C GLN I 53 34.20 11.09 51.88
N ASP I 54 35.31 11.72 52.26
CA ASP I 54 35.25 12.97 52.99
C ASP I 54 35.67 14.17 52.17
N GLY I 55 35.97 13.99 50.88
CA GLY I 55 36.34 15.09 50.03
C GLY I 55 37.82 15.40 50.00
N SER I 56 38.65 14.61 50.66
CA SER I 56 40.07 14.92 50.75
C SER I 56 40.87 14.45 49.53
N GLU I 57 40.28 13.67 48.65
CA GLU I 57 40.87 13.24 47.39
C GLU I 57 39.89 13.59 46.30
N LYS I 58 40.34 14.34 45.30
CA LYS I 58 39.53 14.67 44.13
C LYS I 58 40.40 14.47 42.90
N TYR I 59 39.86 13.78 41.89
CA TYR I 59 40.57 13.56 40.64
C TYR I 59 39.65 13.93 39.49
N TYR I 60 40.25 14.33 38.36
CA TYR I 60 39.47 14.84 37.24
C TYR I 60 40.07 14.36 35.93
N VAL I 61 39.23 14.21 34.92
CA VAL I 61 39.73 13.94 33.58
C VAL I 61 40.46 15.17 33.07
N ASP I 62 41.47 14.95 32.21
CA ASP I 62 42.38 16.02 31.79
C ASP I 62 41.65 17.19 31.13
N SER I 63 40.61 16.91 30.32
CA SER I 63 39.82 17.95 29.64
C SER I 63 39.47 19.10 30.58
N VAL I 64 39.22 18.79 31.86
CA VAL I 64 38.50 19.67 32.76
C VAL I 64 39.34 20.11 33.94
N LYS I 65 40.63 19.79 33.94
CA LYS I 65 41.48 20.08 35.09
C LYS I 65 41.74 21.56 35.16
N GLY I 66 41.65 22.10 36.37
CA GLY I 66 41.73 23.52 36.53
C GLY I 66 40.48 24.27 36.14
N ARG I 67 39.42 23.58 35.74
CA ARG I 67 38.15 24.24 35.48
C ARG I 67 36.98 23.66 36.28
N PHE I 68 36.91 22.34 36.47
CA PHE I 68 35.83 21.80 37.28
C PHE I 68 36.38 21.50 38.67
N THR I 69 35.52 21.63 39.69
CA THR I 69 35.84 21.13 41.03
C THR I 69 34.60 20.54 41.69
N SER I 70 34.81 19.40 42.36
CA SER I 70 33.76 18.68 43.03
C SER I 70 33.82 18.92 44.53
N SER I 71 32.73 18.57 45.22
CA SER I 71 32.66 18.73 46.67
C SER I 71 31.49 17.91 47.22
N ARG I 72 31.50 17.77 48.54
CA ARG I 72 30.59 16.91 49.28
C ARG I 72 30.06 17.64 50.50
N ASP I 73 28.80 17.41 50.81
CA ASP I 73 28.27 17.72 52.14
C ASP I 73 27.57 16.45 52.65
N ASN I 74 28.33 15.63 53.39
CA ASN I 74 27.79 14.36 53.89
C ASN I 74 26.63 14.58 54.84
N THR I 75 26.61 15.73 55.55
CA THR I 75 25.48 16.02 56.44
C THR I 75 24.18 16.21 55.66
N LYS I 76 24.24 16.78 54.45
CA LYS I 76 23.08 16.93 53.59
C LYS I 76 23.03 15.90 52.46
N ASN I 77 23.83 14.83 52.55
CA ASN I 77 23.86 13.75 51.55
C ASN I 77 24.05 14.30 50.14
N SER I 78 24.89 15.32 50.02
CA SER I 78 24.94 16.08 48.79
C SER I 78 26.32 16.07 48.15
N LEU I 79 26.30 16.04 46.83
CA LEU I 79 27.45 16.02 45.96
C LEU I 79 27.31 17.18 44.99
N PHE I 80 28.41 17.89 44.73
CA PHE I 80 28.41 19.08 43.90
C PHE I 80 29.46 18.98 42.81
N LEU I 81 29.22 19.72 41.72
CA LEU I 81 30.21 19.85 40.65
C LEU I 81 30.13 21.28 40.14
N GLN I 82 31.20 22.03 40.36
CA GLN I 82 31.27 23.43 40.00
C GLN I 82 31.95 23.52 38.65
N LEU I 83 31.16 23.81 37.61
CA LEU I 83 31.70 24.01 36.28
C LEU I 83 32.08 25.49 36.11
N ASN I 84 33.34 25.73 35.73
CA ASN I 84 33.83 27.06 35.37
C ASN I 84 34.53 26.98 34.02
N SER I 85 34.64 28.14 33.36
CA SER I 85 35.33 28.25 32.07
C SER I 85 34.71 27.30 31.03
N LEU I 86 33.37 27.26 31.00
CA LEU I 86 32.71 26.26 30.17
C LEU I 86 32.96 26.54 28.70
N ARG I 87 33.10 25.46 27.93
CA ARG I 87 33.36 25.50 26.50
C ARG I 87 32.24 24.74 25.81
N ALA I 88 32.22 24.82 24.49
CA ALA I 88 31.11 24.17 23.76
C ALA I 88 31.16 22.65 23.96
N GLU I 89 32.37 22.07 23.94
CA GLU I 89 32.60 20.64 24.08
C GLU I 89 32.32 20.13 25.50
N ASP I 90 31.93 21.00 26.43
CA ASP I 90 31.45 20.56 27.74
C ASP I 90 29.94 20.35 27.76
N THR I 91 29.29 20.44 26.61
CA THR I 91 27.84 20.28 26.58
C THR I 91 27.45 18.82 26.68
N GLY I 92 26.35 18.56 27.38
CA GLY I 92 25.77 17.23 27.43
C GLY I 92 25.04 16.99 28.73
N ILE I 93 24.74 15.72 28.97
CA ILE I 93 24.05 15.33 30.19
C ILE I 93 25.10 14.89 31.18
N TYR I 94 25.04 15.48 32.37
CA TYR I 94 25.92 15.15 33.49
C TYR I 94 25.20 14.19 34.42
N TYR I 95 25.84 13.05 34.73
CA TYR I 95 25.29 12.09 35.69
C TYR I 95 26.13 11.97 36.94
N CYS I 96 25.42 11.96 38.06
CA CYS I 96 25.90 11.55 39.37
C CYS I 96 25.98 10.01 39.50
N THR I 97 27.12 9.48 39.94
CA THR I 97 27.25 8.02 40.05
C THR I 97 27.84 7.61 41.39
N ARG I 98 27.45 6.43 41.87
CA ARG I 98 27.98 5.84 43.10
C ARG I 98 29.05 4.79 42.83
N ASP I 99 30.13 4.82 43.64
CA ASP I 99 31.15 3.77 43.76
C ASP I 99 32.02 3.55 42.53
N PRO I 100 32.81 4.52 42.09
CA PRO I 100 33.81 4.24 41.08
C PRO I 100 34.75 3.17 41.58
N PRO I 101 35.11 2.19 40.74
CA PRO I 101 34.83 1.99 39.33
C PRO I 101 33.61 1.11 39.06
N TYR I 102 32.74 0.86 40.05
CA TYR I 102 31.61 -0.03 39.77
C TYR I 102 30.44 0.71 39.13
N PHE I 103 30.19 1.95 39.53
CA PHE I 103 29.11 2.78 38.99
C PHE I 103 27.76 2.05 39.06
N ASP I 104 27.38 1.63 40.28
CA ASP I 104 26.22 0.75 40.41
C ASP I 104 24.89 1.50 40.40
N ASN I 105 24.87 2.81 40.59
CA ASN I 105 23.65 3.61 40.53
C ASN I 105 23.95 4.95 39.92
N TRP I 106 22.99 5.43 39.15
CA TRP I 106 23.15 6.65 38.37
C TRP I 106 21.97 7.56 38.67
N GLY I 107 22.24 8.87 38.71
CA GLY I 107 21.18 9.85 38.81
C GLY I 107 20.33 9.85 37.56
N GLN I 108 19.30 10.69 37.57
CA GLN I 108 18.44 10.81 36.40
C GLN I 108 19.07 11.64 35.28
N GLY I 109 20.19 12.31 35.53
CA GLY I 109 20.86 13.13 34.55
C GLY I 109 20.39 14.57 34.61
N THR I 110 21.28 15.53 34.39
CA THR I 110 20.89 16.92 34.24
C THR I 110 21.64 17.52 33.05
N LEU I 111 20.93 18.34 32.28
CA LEU I 111 21.42 18.82 31.00
C LEU I 111 22.16 20.15 31.13
N VAL I 112 23.31 20.26 30.44
CA VAL I 112 24.18 21.42 30.51
C VAL I 112 24.44 21.88 29.08
N THR I 113 24.10 23.13 28.78
CA THR I 113 24.15 23.64 27.41
C THR I 113 25.00 24.89 27.36
N VAL I 114 26.13 24.80 26.68
CA VAL I 114 27.07 25.90 26.56
C VAL I 114 26.91 26.45 25.15
N SER I 115 26.19 27.55 25.01
CA SER I 115 26.28 28.34 23.79
C SER I 115 26.04 29.81 24.13
N SER I 116 26.44 30.67 23.20
CA SER I 116 26.21 32.10 23.34
C SER I 116 24.78 32.50 22.98
N ALA I 117 24.02 31.59 22.35
CA ALA I 117 22.63 31.85 21.96
C ALA I 117 21.76 32.02 23.20
N SER I 118 20.68 32.79 23.03
CA SER I 118 19.87 33.26 24.14
C SER I 118 18.57 32.48 24.24
N THR I 119 18.12 32.31 25.49
CA THR I 119 16.82 31.71 25.76
C THR I 119 15.76 32.31 24.86
N LYS I 120 15.14 31.45 24.06
CA LYS I 120 14.01 31.80 23.22
C LYS I 120 12.90 30.77 23.42
N GLY I 121 11.68 31.25 23.57
CA GLY I 121 10.53 30.37 23.66
C GLY I 121 10.05 29.93 22.28
N PRO I 122 9.24 28.88 22.24
CA PRO I 122 8.89 28.30 20.94
C PRO I 122 7.69 28.99 20.32
N SER I 123 7.66 28.97 19.00
CA SER I 123 6.46 29.23 18.24
C SER I 123 5.79 27.90 17.91
N VAL I 124 4.47 27.85 18.08
CA VAL I 124 3.68 26.64 17.82
C VAL I 124 2.75 26.91 16.63
N PHE I 125 2.96 26.19 15.54
CA PHE I 125 2.11 26.26 14.38
C PHE I 125 1.41 24.93 14.17
N PRO I 126 0.17 24.92 13.69
CA PRO I 126 -0.52 23.64 13.48
C PRO I 126 -0.09 22.92 12.20
N LEU I 127 0.01 21.61 12.30
CA LEU I 127 0.10 20.69 11.18
C LEU I 127 -1.30 20.12 10.95
N ALA I 128 -1.99 20.64 9.93
CA ALA I 128 -3.42 20.36 9.84
C ALA I 128 -3.74 19.37 8.71
N PRO I 129 -4.71 18.46 8.93
CA PRO I 129 -4.99 17.40 7.95
C PRO I 129 -5.75 17.93 6.74
N SER I 130 -5.15 17.78 5.55
CA SER I 130 -5.65 18.42 4.34
C SER I 130 -6.96 17.77 3.90
N SER I 131 -7.56 18.38 2.86
CA SER I 131 -8.82 17.89 2.31
C SER I 131 -8.68 16.47 1.75
N LYS I 132 -7.51 16.17 1.17
CA LYS I 132 -7.17 14.81 0.73
C LYS I 132 -6.64 13.99 1.91
N SER I 133 -7.49 13.86 2.94
CA SER I 133 -7.22 12.99 4.08
C SER I 133 -8.44 12.17 4.48
N THR I 134 -9.58 12.37 3.83
CA THR I 134 -10.70 11.42 3.86
C THR I 134 -10.63 10.48 2.66
N SER I 135 -9.54 10.54 1.88
CA SER I 135 -9.20 9.46 0.98
C SER I 135 -8.79 8.22 1.78
N GLY I 136 -7.73 8.34 2.60
CA GLY I 136 -7.35 7.26 3.49
C GLY I 136 -8.27 7.15 4.69
N GLY I 137 -8.23 5.97 5.33
CA GLY I 137 -9.13 5.73 6.47
C GLY I 137 -8.87 6.67 7.63
N THR I 138 -7.59 6.90 7.96
CA THR I 138 -7.18 7.71 9.10
C THR I 138 -6.48 8.99 8.64
N ALA I 139 -6.38 9.93 9.58
CA ALA I 139 -5.83 11.26 9.33
C ALA I 139 -4.68 11.58 10.28
N ALA I 140 -3.69 12.32 9.76
CA ALA I 140 -2.56 12.77 10.55
C ALA I 140 -2.74 14.24 10.90
N LEU I 141 -2.56 14.58 12.18
CA LEU I 141 -2.54 15.97 12.62
C LEU I 141 -1.44 16.15 13.67
N GLY I 142 -0.92 17.36 13.77
CA GLY I 142 0.12 17.56 14.75
C GLY I 142 0.42 19.01 15.00
N CYS I 143 1.59 19.23 15.61
CA CYS I 143 2.08 20.54 16.00
C CYS I 143 3.53 20.66 15.59
N LEU I 144 3.87 21.73 14.89
CA LEU I 144 5.24 22.11 14.64
C LEU I 144 5.67 23.08 15.75
N VAL I 145 6.66 22.68 16.53
CA VAL I 145 7.18 23.51 17.62
C VAL I 145 8.52 24.07 17.15
N LYS I 146 8.57 25.37 16.85
CA LYS I 146 9.71 25.91 16.12
C LYS I 146 10.45 27.00 16.89
N ASP I 147 11.78 27.04 16.69
CA ASP I 147 12.70 28.06 17.20
C ASP I 147 12.57 28.26 18.71
N TYR I 148 13.15 27.30 19.44
CA TYR I 148 13.24 27.36 20.89
C TYR I 148 14.67 27.01 21.32
N PHE I 149 15.07 27.59 22.46
CA PHE I 149 16.39 27.40 23.02
C PHE I 149 16.25 27.61 24.52
N PRO I 150 16.89 26.79 25.35
CA PRO I 150 17.61 25.56 25.00
C PRO I 150 16.63 24.40 25.07
N GLU I 151 17.04 23.14 24.90
CA GLU I 151 16.14 22.03 25.22
C GLU I 151 15.86 21.99 26.72
N PRO I 152 14.76 21.35 27.15
CA PRO I 152 13.73 20.61 26.42
C PRO I 152 12.38 21.34 26.28
N VAL I 153 11.60 20.98 25.27
CA VAL I 153 10.16 21.23 25.32
C VAL I 153 9.48 19.92 25.64
N THR I 154 8.38 20.00 26.36
CA THR I 154 7.49 18.87 26.55
C THR I 154 6.18 19.15 25.83
N VAL I 155 5.63 18.13 25.18
CA VAL I 155 4.46 18.26 24.34
C VAL I 155 3.45 17.19 24.73
N SER I 156 2.23 17.61 25.06
CA SER I 156 1.15 16.66 25.29
C SER I 156 -0.03 16.99 24.38
N TRP I 157 -0.98 16.06 24.31
CA TRP I 157 -2.15 16.20 23.48
C TRP I 157 -3.40 16.01 24.34
N ASN I 158 -4.33 16.98 24.24
CA ASN I 158 -5.53 17.00 25.05
C ASN I 158 -5.20 16.80 26.53
N SER I 159 -4.23 17.58 27.00
CA SER I 159 -3.85 17.66 28.41
C SER I 159 -3.47 16.29 28.97
N GLY I 160 -3.12 15.34 28.12
CA GLY I 160 -2.69 14.02 28.52
C GLY I 160 -3.60 12.89 28.09
N ALA I 161 -4.87 13.19 27.78
CA ALA I 161 -5.86 12.14 27.53
C ALA I 161 -5.66 11.44 26.19
N LEU I 162 -4.89 12.03 25.29
CA LEU I 162 -4.57 11.44 23.99
C LEU I 162 -3.11 11.01 24.05
N THR I 163 -2.87 9.70 23.97
CA THR I 163 -1.50 9.23 24.01
C THR I 163 -1.21 8.29 22.85
N SER I 164 -2.04 7.28 22.64
CA SER I 164 -1.70 6.27 21.64
C SER I 164 -1.94 6.83 20.25
N GLY I 165 -0.98 6.61 19.37
CA GLY I 165 -0.98 7.27 18.09
C GLY I 165 -0.08 8.48 18.03
N VAL I 166 0.50 8.89 19.17
CA VAL I 166 1.29 10.10 19.23
C VAL I 166 2.77 9.78 19.05
N HIS I 167 3.42 10.52 18.16
CA HIS I 167 4.87 10.48 17.96
C HIS I 167 5.42 11.89 18.11
N THR I 168 6.16 12.12 19.19
CA THR I 168 6.90 13.37 19.36
C THR I 168 8.32 13.12 18.89
N PHE I 169 8.75 13.83 17.86
CA PHE I 169 10.05 13.49 17.33
C PHE I 169 11.16 14.12 18.15
N PRO I 170 12.34 13.50 18.15
CA PRO I 170 13.51 14.13 18.78
C PRO I 170 13.83 15.47 18.12
N ALA I 171 14.06 16.48 18.95
CA ALA I 171 14.45 17.80 18.48
C ALA I 171 15.62 17.70 17.51
N VAL I 172 15.69 18.68 16.60
CA VAL I 172 16.82 18.86 15.69
C VAL I 172 17.29 20.31 15.81
N LEU I 173 18.60 20.52 15.70
CA LEU I 173 19.18 21.86 15.73
C LEU I 173 19.33 22.39 14.30
N GLN I 174 18.87 23.63 14.08
CA GLN I 174 18.79 24.22 12.75
C GLN I 174 19.97 25.13 12.47
N SER I 175 20.03 25.65 11.23
CA SER I 175 21.10 26.55 10.83
C SER I 175 21.20 27.75 11.76
N SER I 176 20.05 28.26 12.20
CA SER I 176 19.93 29.39 13.13
C SER I 176 20.43 29.08 14.55
N GLY I 177 20.93 27.89 14.84
CA GLY I 177 21.27 27.54 16.20
C GLY I 177 20.09 27.38 17.13
N LEU I 178 18.88 27.24 16.59
CA LEU I 178 17.67 27.12 17.38
C LEU I 178 17.05 25.74 17.13
N TYR I 179 16.44 25.15 18.16
CA TYR I 179 15.85 23.83 18.02
C TYR I 179 14.42 23.92 17.48
N SER I 180 13.95 22.80 16.95
CA SER I 180 12.60 22.66 16.42
C SER I 180 12.20 21.19 16.45
N LEU I 181 10.97 20.90 16.86
CA LEU I 181 10.44 19.55 16.70
C LEU I 181 9.00 19.58 16.23
N SER I 182 8.54 18.41 15.81
CA SER I 182 7.12 18.19 15.56
C SER I 182 6.61 17.06 16.45
N SER I 183 5.37 17.20 16.85
CA SER I 183 4.61 16.11 17.45
C SER I 183 3.41 15.84 16.57
N VAL I 184 3.12 14.56 16.35
CA VAL I 184 2.06 14.21 15.43
C VAL I 184 1.18 13.16 16.10
N VAL I 185 0.00 12.97 15.55
CA VAL I 185 -0.93 11.95 16.03
C VAL I 185 -1.85 11.62 14.86
N THR I 186 -2.23 10.35 14.79
CA THR I 186 -3.22 9.90 13.83
C THR I 186 -4.53 9.68 14.57
N VAL I 187 -5.65 10.06 13.94
CA VAL I 187 -6.97 9.86 14.54
C VAL I 187 -7.92 9.35 13.46
N PRO I 188 -9.12 8.91 13.81
CA PRO I 188 -10.12 8.63 12.78
C PRO I 188 -10.50 9.92 12.07
N SER I 189 -10.43 9.89 10.74
CA SER I 189 -10.83 11.09 9.98
C SER I 189 -12.29 11.44 10.25
N SER I 190 -13.12 10.43 10.54
CA SER I 190 -14.51 10.61 10.93
C SER I 190 -14.70 11.45 12.19
N SER I 191 -13.64 11.74 12.92
CA SER I 191 -13.74 12.52 14.13
C SER I 191 -13.26 13.97 13.95
N LEU I 192 -12.74 14.32 12.78
CA LEU I 192 -12.29 15.69 12.56
C LEU I 192 -13.49 16.64 12.49
N GLY I 193 -13.29 17.86 13.00
CA GLY I 193 -14.37 18.81 13.15
C GLY I 193 -15.41 18.38 14.19
N THR I 194 -15.20 17.21 14.77
CA THR I 194 -16.07 16.64 15.80
C THR I 194 -15.36 16.59 17.14
N GLN I 195 -14.29 15.80 17.24
CA GLN I 195 -13.42 15.80 18.40
C GLN I 195 -12.46 16.98 18.35
N THR I 196 -12.19 17.57 19.50
CA THR I 196 -11.28 18.70 19.56
C THR I 196 -9.88 18.21 19.94
N TYR I 197 -8.87 18.69 19.21
CA TYR I 197 -7.48 18.30 19.38
C TYR I 197 -6.64 19.54 19.67
N ILE I 198 -6.21 19.69 20.93
CA ILE I 198 -5.31 20.76 21.35
C ILE I 198 -3.97 20.15 21.77
N CYS I 199 -2.88 20.73 21.32
CA CYS I 199 -1.57 20.29 21.80
C CYS I 199 -1.00 21.29 22.79
N ASN I 200 -0.49 20.76 23.89
CA ASN I 200 -0.10 21.54 25.06
C ASN I 200 1.42 21.57 25.07
N VAL I 201 2.00 22.70 24.67
CA VAL I 201 3.44 22.82 24.56
C VAL I 201 3.97 23.55 25.77
N ASN I 202 5.00 23.00 26.40
CA ASN I 202 5.56 23.55 27.62
C ASN I 202 7.07 23.64 27.44
N HIS I 203 7.64 24.79 27.84
CA HIS I 203 9.07 25.10 27.67
C HIS I 203 9.49 25.84 28.93
N LYS I 204 9.78 25.08 29.99
CA LYS I 204 10.20 25.68 31.25
C LYS I 204 11.38 26.65 31.14
N PRO I 205 12.39 26.42 30.30
CA PRO I 205 13.52 27.38 30.23
C PRO I 205 13.12 28.82 29.89
N SER I 206 11.90 29.09 29.47
CA SER I 206 11.44 30.47 29.35
C SER I 206 10.04 30.63 29.91
N ASN I 207 9.56 29.63 30.65
CA ASN I 207 8.23 29.61 31.27
C ASN I 207 7.15 29.97 30.25
N THR I 208 7.06 29.12 29.22
CA THR I 208 6.21 29.34 28.05
C THR I 208 5.24 28.15 27.97
N LYS I 209 3.97 28.36 28.29
CA LYS I 209 2.93 27.36 28.07
C LYS I 209 2.05 27.83 26.91
N VAL I 210 2.01 27.05 25.84
CA VAL I 210 1.22 27.39 24.66
C VAL I 210 0.21 26.28 24.41
N ASP I 211 -1.07 26.63 24.37
CA ASP I 211 -2.14 25.69 24.04
C ASP I 211 -2.66 26.04 22.65
N LYS I 212 -2.38 25.19 21.68
CA LYS I 212 -2.71 25.46 20.28
C LYS I 212 -3.73 24.44 19.83
N LYS I 213 -4.93 24.90 19.48
CA LYS I 213 -5.93 24.02 18.90
C LYS I 213 -5.60 23.75 17.44
N VAL I 214 -5.77 22.50 17.02
CA VAL I 214 -5.49 22.07 15.67
C VAL I 214 -6.81 21.63 15.05
N GLU I 215 -7.14 22.21 13.91
CA GLU I 215 -8.45 21.94 13.32
C GLU I 215 -8.30 21.91 11.81
N PRO I 216 -9.21 21.24 11.11
CA PRO I 216 -9.00 20.94 9.69
C PRO I 216 -9.26 22.15 8.82
N LYS I 217 -8.99 21.97 7.54
CA LYS I 217 -8.98 23.02 6.54
C LYS I 217 -9.66 22.49 5.28
N ALA J 1 48.88 -16.12 44.63
CA ALA J 1 47.84 -16.52 43.69
C ALA J 1 47.98 -15.82 42.33
N THR J 2 46.89 -15.87 41.55
CA THR J 2 46.67 -14.94 40.46
C THR J 2 46.03 -13.62 40.92
N GLY J 3 45.67 -13.52 42.21
CA GLY J 3 45.16 -12.26 42.72
C GLY J 3 45.47 -12.04 44.19
N ARG J 4 45.39 -10.76 44.58
CA ARG J 4 45.47 -10.43 45.99
C ARG J 4 44.22 -10.95 46.69
N THR J 5 44.35 -11.20 47.99
CA THR J 5 43.27 -11.92 48.67
C THR J 5 41.99 -11.11 48.72
N HIS J 6 42.08 -9.79 48.79
CA HIS J 6 40.90 -8.93 48.85
C HIS J 6 41.02 -7.81 47.82
N SEP J 7 39.91 -7.41 47.23
CA SEP J 7 39.98 -6.49 46.09
CB SEP J 7 38.63 -6.40 45.39
OG SEP J 7 37.76 -5.53 46.11
C SEP J 7 40.43 -5.09 46.54
O SEP J 7 40.10 -4.65 47.64
P SEP J 7 36.21 -5.95 45.98
O1P SEP J 7 35.75 -5.56 44.50
O2P SEP J 7 35.40 -5.08 47.09
O3P SEP J 7 35.96 -7.56 46.15
N SEP J 8 41.18 -4.40 45.69
CA SEP J 8 41.51 -3.02 45.98
CB SEP J 8 42.91 -2.93 46.58
OG SEP J 8 42.92 -3.56 47.85
C SEP J 8 41.38 -2.18 44.73
O SEP J 8 42.37 -1.84 44.09
P SEP J 8 44.08 -4.67 47.91
O1P SEP J 8 43.99 -5.69 46.67
O2P SEP J 8 43.92 -5.49 49.27
O3P SEP J 8 45.46 -3.88 47.79
N PRO J 9 40.12 -1.85 44.34
CA PRO J 9 39.82 -1.16 43.08
C PRO J 9 40.56 0.17 43.01
N PRO J 10 40.96 0.55 41.81
CA PRO J 10 41.69 1.81 41.65
C PRO J 10 40.73 2.97 41.43
N ARG J 11 40.67 3.86 42.40
CA ARG J 11 39.84 5.03 42.28
C ARG J 11 40.67 6.30 42.09
N ALA J 12 42.00 6.19 42.12
CA ALA J 12 42.92 7.31 41.96
C ALA J 12 43.97 6.94 40.91
N PRO J 13 44.49 7.91 40.18
CA PRO J 13 45.53 7.60 39.20
C PRO J 13 46.77 7.06 39.91
N SER J 14 47.56 6.29 39.16
CA SER J 14 48.81 5.82 39.73
C SER J 14 49.78 6.97 39.85
N SER J 15 50.76 6.78 40.74
CA SER J 15 51.69 7.84 41.12
C SER J 15 53.02 7.18 41.49
N PRO J 16 53.76 6.70 40.48
CA PRO J 16 54.92 5.88 40.75
C PRO J 16 55.99 6.63 41.53
N GLY J 17 56.90 5.85 42.12
CA GLY J 17 57.95 6.38 42.96
C GLY J 17 59.24 6.52 42.18
N ARG J 18 59.69 7.77 42.04
CA ARG J 18 60.89 8.09 41.27
C ARG J 18 62.00 8.67 42.12
N SER J 19 61.83 8.68 43.45
CA SER J 19 62.59 9.49 44.39
C SER J 19 63.38 8.63 45.38
N ARG J 20 64.46 9.22 45.89
CA ARG J 20 65.37 8.56 46.84
C ARG J 20 64.72 8.36 48.21
S SO4 K . -57.94 -5.17 -16.03
O1 SO4 K . -59.20 -5.77 -16.48
O2 SO4 K . -57.01 -5.07 -17.18
O3 SO4 K . -58.20 -3.83 -15.50
O4 SO4 K . -57.39 -6.04 -14.98
CL CL L . -59.63 -25.13 -1.31
CL CL M . 13.76 -36.05 27.49
CL CL N . 24.84 -43.33 20.10
CL CL O . 4.11 -45.56 9.07
CL CL P . 33.02 -36.62 -22.15
S SO4 Q . -35.49 39.67 -4.96
O1 SO4 Q . -34.43 40.22 -4.14
O2 SO4 Q . -35.11 39.69 -6.38
O3 SO4 Q . -36.68 40.50 -4.77
O4 SO4 Q . -35.81 38.29 -4.56
CL CL R . -20.68 39.26 8.37
CL CL S . -31.84 30.14 2.87
CL CL T . -11.35 40.63 4.49
CL CL U . -28.02 51.13 -16.28
CL CL V . 34.52 18.28 49.56
CL CL W . 14.30 15.27 57.57
CL CL X . 56.48 14.15 38.79
#